data_4JD8
# 
_entry.id   4JD8 
# 
_audit_conform.dict_name       mmcif_pdbx.dic 
_audit_conform.dict_version    5.379 
_audit_conform.dict_location   http://mmcif.pdb.org/dictionaries/ascii/mmcif_pdbx.dic 
# 
loop_
_database_2.database_id 
_database_2.database_code 
_database_2.pdbx_database_accession 
_database_2.pdbx_DOI 
PDB   4JD8         pdb_00004jd8 10.2210/pdb4jd8/pdb 
NDB   NA2276       ?            ?                   
RCSB  RCSB077899   ?            ?                   
WWPDB D_1000077899 ?            ?                   
# 
_pdbx_database_PDB_obs_spr.id               SPRSDE 
_pdbx_database_PDB_obs_spr.date             2013-04-24 
_pdbx_database_PDB_obs_spr.pdb_id           4JD8 
_pdbx_database_PDB_obs_spr.replace_pdb_id   4E87 
_pdbx_database_PDB_obs_spr.details          ? 
# 
loop_
_pdbx_database_related.db_name 
_pdbx_database_related.db_id 
_pdbx_database_related.details 
_pdbx_database_related.content_type 
PDB 4DX4 'Lower resolution model' unspecified 
PDB 4E7Y .                        unspecified 
PDB 4E87 .                        unspecified 
PDB 4E8S .                        unspecified 
PDB 4E8X .                        unspecified 
PDB 4E95 .                        unspecified 
# 
_pdbx_database_status.status_code                     REL 
_pdbx_database_status.entry_id                        4JD8 
_pdbx_database_status.recvd_initial_deposition_date   2013-02-24 
_pdbx_database_status.deposit_site                    RCSB 
_pdbx_database_status.process_site                    RCSB 
_pdbx_database_status.status_code_sf                  REL 
_pdbx_database_status.status_code_mr                  ? 
_pdbx_database_status.SG_entry                        ? 
_pdbx_database_status.status_code_cs                  ? 
_pdbx_database_status.methods_development_category    ? 
_pdbx_database_status.pdb_format_compatible           Y 
_pdbx_database_status.status_code_nmr_data            ? 
# 
loop_
_audit_author.name 
_audit_author.pdbx_ordinal 
'Cook, D.S.'   1 
'Hall, J.P.'   2 
'Cardin, C.J.' 3 
# 
_citation.id                        primary 
_citation.title                     
'X-ray Crystal Structure of rac-[Ru(phen)2dppz](2+) with d(ATGCAT)2 Shows Enantiomer Orientations and Water Ordering.' 
_citation.journal_abbrev            J.Am.Chem.Soc. 
_citation.journal_volume            135 
_citation.page_first                12652 
_citation.page_last                 12659 
_citation.year                      2013 
_citation.journal_id_ASTM           JACSAT 
_citation.country                   US 
_citation.journal_id_ISSN           0002-7863 
_citation.journal_id_CSD            0004 
_citation.book_publisher            ? 
_citation.pdbx_database_id_PubMed   23875832 
_citation.pdbx_database_id_DOI      10.1021/ja403590e 
# 
loop_
_citation_author.citation_id 
_citation_author.name 
_citation_author.ordinal 
_citation_author.identifier_ORCID 
primary 'Hall, J.P.'    1  ? 
primary 'Cook, D.'      2  ? 
primary 'Morte, S.R.'   3  ? 
primary 'McIntyre, P.'  4  ? 
primary 'Buchner, K.'   5  ? 
primary 'Beer, H.'      6  ? 
primary 'Cardin, D.J.'  7  ? 
primary 'Brazier, J.A.' 8  ? 
primary 'Winter, G.'    9  ? 
primary 'Kelly, J.M.'   10 ? 
primary 'Cardin, C.J.'  11 ? 
# 
_cell.entry_id           4JD8 
_cell.length_a           37.550 
_cell.length_b           37.550 
_cell.length_c           54.371 
_cell.angle_alpha        90.00 
_cell.angle_beta         90.00 
_cell.angle_gamma        120.00 
_cell.Z_PDB              12 
_cell.pdbx_unique_axis   ? 
_cell.length_a_esd       ? 
_cell.length_b_esd       ? 
_cell.length_c_esd       ? 
_cell.angle_alpha_esd    ? 
_cell.angle_beta_esd     ? 
_cell.angle_gamma_esd    ? 
# 
_symmetry.entry_id                         4JD8 
_symmetry.space_group_name_H-M             'P 31 2 1' 
_symmetry.pdbx_full_space_group_name_H-M   ? 
_symmetry.cell_setting                     ? 
_symmetry.Int_Tables_number                152 
_symmetry.space_group_name_Hall            ? 
# 
loop_
_entity.id 
_entity.type 
_entity.src_method 
_entity.pdbx_description 
_entity.formula_weight 
_entity.pdbx_number_of_molecules 
_entity.pdbx_ec 
_entity.pdbx_mutation 
_entity.pdbx_fragment 
_entity.details 
1 polymer     syn 
;DNA (5'-D(*AP*TP*GP*CP*AP*T)-3')
;
1808.229 2  ? ? ? ? 
2 non-polymer syn 'Delta-Ru(phen)2(dppz) complex'    743.779  1  ? ? ? ? 
3 non-polymer syn 'Lambda-Ru(phen)2(dppz) complex'   743.779  1  ? ? ? ? 
4 non-polymer syn 'POTASSIUM ION'                    39.098   1  ? ? ? ? 
5 water       nat water                              18.015   95 ? ? ? ? 
# 
_entity_poly.entity_id                      1 
_entity_poly.type                           polydeoxyribonucleotide 
_entity_poly.nstd_linkage                   no 
_entity_poly.nstd_monomer                   no 
_entity_poly.pdbx_seq_one_letter_code       '(DA)(DT)(DG)(DC)(DA)(DT)' 
_entity_poly.pdbx_seq_one_letter_code_can   ATGCAT 
_entity_poly.pdbx_strand_id                 A,B 
_entity_poly.pdbx_target_identifier         ? 
# 
loop_
_entity_poly_seq.entity_id 
_entity_poly_seq.num 
_entity_poly_seq.mon_id 
_entity_poly_seq.hetero 
1 1 DA n 
1 2 DT n 
1 3 DG n 
1 4 DC n 
1 5 DA n 
1 6 DT n 
# 
_pdbx_entity_src_syn.entity_id              1 
_pdbx_entity_src_syn.pdbx_src_id            1 
_pdbx_entity_src_syn.pdbx_alt_source_flag   sample 
_pdbx_entity_src_syn.pdbx_beg_seq_num       ? 
_pdbx_entity_src_syn.pdbx_end_seq_num       ? 
_pdbx_entity_src_syn.organism_scientific    ? 
_pdbx_entity_src_syn.organism_common_name   ? 
_pdbx_entity_src_syn.ncbi_taxonomy_id       ? 
_pdbx_entity_src_syn.details                'DNA Purchased from ATDBio' 
# 
_struct_ref.id                         1 
_struct_ref.db_name                    PDB 
_struct_ref.db_code                    4JD8 
_struct_ref.pdbx_db_accession          4JD8 
_struct_ref.entity_id                  1 
_struct_ref.pdbx_align_begin           ? 
_struct_ref.pdbx_seq_one_letter_code   ATGCAT 
_struct_ref.pdbx_db_isoform            ? 
# 
loop_
_struct_ref_seq.align_id 
_struct_ref_seq.ref_id 
_struct_ref_seq.pdbx_PDB_id_code 
_struct_ref_seq.pdbx_strand_id 
_struct_ref_seq.seq_align_beg 
_struct_ref_seq.pdbx_seq_align_beg_ins_code 
_struct_ref_seq.seq_align_end 
_struct_ref_seq.pdbx_seq_align_end_ins_code 
_struct_ref_seq.pdbx_db_accession 
_struct_ref_seq.db_align_beg 
_struct_ref_seq.pdbx_db_align_beg_ins_code 
_struct_ref_seq.db_align_end 
_struct_ref_seq.pdbx_db_align_end_ins_code 
_struct_ref_seq.pdbx_auth_seq_align_beg 
_struct_ref_seq.pdbx_auth_seq_align_end 
1 1 4JD8 A 1 ? 6 ? 4JD8 1 ? 6 ? 1 6 
2 1 4JD8 B 1 ? 6 ? 4JD8 1 ? 6 ? 1 6 
# 
loop_
_chem_comp.id 
_chem_comp.type 
_chem_comp.mon_nstd_flag 
_chem_comp.name 
_chem_comp.pdbx_synonyms 
_chem_comp.formula 
_chem_comp.formula_weight 
0TN non-polymer   . 'Delta-Ru(phen)2(dppz) complex'      ? 'C42 H26 N8 Ru'   743.779 
DA  'DNA linking' y "2'-DEOXYADENOSINE-5'-MONOPHOSPHATE" ? 'C10 H14 N5 O6 P' 331.222 
DC  'DNA linking' y "2'-DEOXYCYTIDINE-5'-MONOPHOSPHATE"  ? 'C9 H14 N3 O7 P'  307.197 
DG  'DNA linking' y "2'-DEOXYGUANOSINE-5'-MONOPHOSPHATE" ? 'C10 H14 N5 O7 P' 347.221 
DT  'DNA linking' y "THYMIDINE-5'-MONOPHOSPHATE"         ? 'C10 H15 N2 O8 P' 322.208 
HOH non-polymer   . WATER                                ? 'H2 O'            18.015  
K   non-polymer   . 'POTASSIUM ION'                      ? 'K 1'             39.098  
RKP non-polymer   . 'Lambda-Ru(phen)2(dppz) complex'     ? 'C42 H26 N8 Ru'   743.779 
# 
_exptl.entry_id          4JD8 
_exptl.method            'X-RAY DIFFRACTION' 
_exptl.crystals_number   1 
# 
_exptl_crystal.id                    1 
_exptl_crystal.density_meas          ? 
_exptl_crystal.density_Matthews      3.06 
_exptl_crystal.density_percent_sol   59.80 
_exptl_crystal.description           ? 
_exptl_crystal.F_000                 ? 
_exptl_crystal.preparation           ? 
# 
_exptl_crystal_grow.crystal_id      1 
_exptl_crystal_grow.method          ? 
_exptl_crystal_grow.temp            293 
_exptl_crystal_grow.temp_details    ? 
_exptl_crystal_grow.pH              6.3 
_exptl_crystal_grow.pdbx_pH_range   ? 
_exptl_crystal_grow.pdbx_details    
;1UL, 1mM D(ATGCAT)2  1UL, 3mM RAC-[RU(PHEN)2DPPZ]2CL 6UL, 40mM SPERMINE, 40mM SODIUM CACODYLATE PH 6.3, 10% MPD (V/V), 80 mM KCL, 20 mM BaCL2, 1ML OF 35% MPD, VAPOR DIFFUSION, SITTING DROP, temperature 293K
;
# 
_diffrn.id                     1 
_diffrn.ambient_temp           100 
_diffrn.ambient_temp_details   ? 
_diffrn.crystal_id             1 
# 
_diffrn_detector.diffrn_id              1 
_diffrn_detector.detector               PIXEL 
_diffrn_detector.type                   'DECTRIS PILATUS 6M' 
_diffrn_detector.pdbx_collection_date   2012-10-07 
_diffrn_detector.details                ? 
# 
_diffrn_radiation.diffrn_id                        1 
_diffrn_radiation.wavelength_id                    1 
_diffrn_radiation.pdbx_monochromatic_or_laue_m_l   M 
_diffrn_radiation.monochromator                    'DUAL SI (111)' 
_diffrn_radiation.pdbx_diffrn_protocol             'SINGLE WAVELENGTH' 
_diffrn_radiation.pdbx_scattering_type             x-ray 
# 
_diffrn_radiation_wavelength.id           1 
_diffrn_radiation_wavelength.wavelength   0.9795 
_diffrn_radiation_wavelength.wt           1.0 
# 
_diffrn_source.diffrn_id                   1 
_diffrn_source.source                      SYNCHROTRON 
_diffrn_source.type                        'DIAMOND BEAMLINE I02' 
_diffrn_source.pdbx_synchrotron_site       Diamond 
_diffrn_source.pdbx_synchrotron_beamline   I02 
_diffrn_source.pdbx_wavelength             0.9795 
_diffrn_source.pdbx_wavelength_list        ? 
# 
_reflns.pdbx_diffrn_id               1 
_reflns.pdbx_ordinal                 1 
_reflns.entry_id                     4JD8 
_reflns.observed_criterion_sigma_I   1.500 
_reflns.observed_criterion_sigma_F   ? 
_reflns.d_resolution_low             32.520 
_reflns.d_resolution_high            1.160 
_reflns.number_obs                   15712 
_reflns.number_all                   ? 
_reflns.percent_possible_obs         98.6 
_reflns.pdbx_Rmerge_I_obs            ? 
_reflns.pdbx_Rsym_value              ? 
_reflns.pdbx_netI_over_sigmaI        ? 
_reflns.B_iso_Wilson_estimate        ? 
_reflns.pdbx_redundancy              ? 
_reflns.R_free_details               ? 
_reflns.pdbx_chi_squared             ? 
_reflns.pdbx_scaling_rejects         ? 
# 
_reflns_shell.pdbx_diffrn_id         1 
_reflns_shell.pdbx_ordinal           1 
_reflns_shell.d_res_high             1.16 
_reflns_shell.d_res_low              1.18 
_reflns_shell.percent_possible_all   98.8 
_reflns_shell.Rmerge_I_obs           ? 
_reflns_shell.pdbx_Rsym_value        ? 
_reflns_shell.meanI_over_sigI_obs    ? 
_reflns_shell.pdbx_redundancy        ? 
_reflns_shell.percent_possible_obs   ? 
_reflns_shell.number_unique_all      ? 
_reflns_shell.number_measured_all    ? 
_reflns_shell.number_measured_obs    ? 
_reflns_shell.number_unique_obs      ? 
_reflns_shell.pdbx_chi_squared       ? 
# 
_refine.pdbx_refine_id                           'X-RAY DIFFRACTION' 
_refine.entry_id                                 4JD8 
_refine.pdbx_diffrn_id                           1 
_refine.pdbx_TLS_residual_ADP_flag               ? 
_refine.ls_number_reflns_obs                     15678 
_refine.ls_number_reflns_all                     15894 
_refine.pdbx_ls_sigma_I                          ? 
_refine.pdbx_ls_sigma_F                          1.340 
_refine.pdbx_data_cutoff_high_absF               ? 
_refine.pdbx_data_cutoff_low_absF                ? 
_refine.pdbx_data_cutoff_high_rms_absF           ? 
_refine.ls_d_res_low                             32.52 
_refine.ls_d_res_high                            1.16 
_refine.ls_percent_reflns_obs                    98.1 
_refine.ls_R_factor_obs                          0.139 
_refine.ls_R_factor_all                          ? 
_refine.ls_R_factor_R_work                       0.138 
_refine.ls_R_factor_R_free                       0.162 
_refine.ls_R_factor_R_free_error                 ? 
_refine.ls_R_factor_R_free_error_details         ? 
_refine.ls_percent_reflns_R_free                 5.030 
_refine.ls_number_reflns_R_free                  789 
_refine.ls_number_parameters                     ? 
_refine.ls_number_restraints                     ? 
_refine.occupancy_min                            ? 
_refine.occupancy_max                            ? 
_refine.correlation_coeff_Fo_to_Fc               ? 
_refine.correlation_coeff_Fo_to_Fc_free          ? 
_refine.B_iso_mean                               ? 
_refine.aniso_B[1][1]                            ? 
_refine.aniso_B[2][2]                            ? 
_refine.aniso_B[3][3]                            ? 
_refine.aniso_B[1][2]                            ? 
_refine.aniso_B[1][3]                            ? 
_refine.aniso_B[2][3]                            ? 
_refine.solvent_model_details                    'FLAT BULK SOLVENT MODEL' 
_refine.solvent_model_param_ksol                 ? 
_refine.solvent_model_param_bsol                 ? 
_refine.pdbx_solvent_vdw_probe_radii             1.11 
_refine.pdbx_solvent_ion_probe_radii             ? 
_refine.pdbx_solvent_shrinkage_radii             0.90 
_refine.pdbx_ls_cross_valid_method               ? 
_refine.details                                  ? 
_refine.pdbx_starting_model                      4E87 
_refine.pdbx_method_to_determine_struct          'MOLECULAR REPLACEMENT' 
_refine.pdbx_isotropic_thermal_model             ? 
_refine.pdbx_stereochemistry_target_values       ML 
_refine.pdbx_stereochem_target_val_spec_case     ? 
_refine.pdbx_R_Free_selection_details            ? 
_refine.pdbx_overall_ESU_R                       ? 
_refine.pdbx_overall_ESU_R_Free                  ? 
_refine.overall_SU_ML                            0.110 
_refine.pdbx_overall_phase_error                 18.350 
_refine.overall_SU_B                             ? 
_refine.overall_SU_R_Cruickshank_DPI             ? 
_refine.pdbx_overall_SU_R_free_Cruickshank_DPI   ? 
_refine.pdbx_overall_SU_R_Blow_DPI               ? 
_refine.pdbx_overall_SU_R_free_Blow_DPI          ? 
_refine.ls_redundancy_reflns_obs                 ? 
_refine.overall_SU_R_free                        ? 
_refine.ls_wR_factor_R_free                      ? 
_refine.ls_wR_factor_R_work                      ? 
_refine.overall_FOM_free_R_set                   ? 
_refine.overall_FOM_work_R_set                   ? 
# 
_refine_hist.pdbx_refine_id                   'X-RAY DIFFRACTION' 
_refine_hist.cycle_id                         LAST 
_refine_hist.pdbx_number_atoms_protein        0 
_refine_hist.pdbx_number_atoms_nucleic_acid   240 
_refine_hist.pdbx_number_atoms_ligand         103 
_refine_hist.number_atoms_solvent             95 
_refine_hist.number_atoms_total               438 
_refine_hist.d_res_high                       1.16 
_refine_hist.d_res_low                        32.52 
# 
loop_
_refine_ls_restr.type 
_refine_ls_restr.dev_ideal 
_refine_ls_restr.dev_ideal_target 
_refine_ls_restr.weight 
_refine_ls_restr.number 
_refine_ls_restr.pdbx_refine_id 
_refine_ls_restr.pdbx_restraint_function 
f_bond_d           0.015  ? ? 396 'X-RAY DIFFRACTION' ? 
f_angle_d          2.966  ? ? 628 'X-RAY DIFFRACTION' ? 
f_dihedral_angle_d 32.509 ? ? 122 'X-RAY DIFFRACTION' ? 
f_chiral_restr     0.091  ? ? 46  'X-RAY DIFFRACTION' ? 
f_plane_restr      0.029  ? ? 18  'X-RAY DIFFRACTION' ? 
# 
loop_
_refine_ls_shell.pdbx_refine_id 
_refine_ls_shell.pdbx_total_number_of_bins_used 
_refine_ls_shell.d_res_high 
_refine_ls_shell.d_res_low 
_refine_ls_shell.number_reflns_R_work 
_refine_ls_shell.R_factor_R_work 
_refine_ls_shell.percent_reflns_obs 
_refine_ls_shell.R_factor_R_free 
_refine_ls_shell.R_factor_R_free_error 
_refine_ls_shell.percent_reflns_R_free 
_refine_ls_shell.number_reflns_R_free 
_refine_ls_shell.number_reflns_all 
_refine_ls_shell.R_factor_all 
_refine_ls_shell.redundancy_reflns_obs 
_refine_ls_shell.number_reflns_obs 
'X-RAY DIFFRACTION' . 1.1570 1.2295  2420 0.2298 98.00 0.2602 . . 142 . . . . 
'X-RAY DIFFRACTION' . 1.2295 1.3244  2431 0.1852 98.00 0.2273 . . 125 . . . . 
'X-RAY DIFFRACTION' . 1.3244 1.4577  2440 0.1332 98.00 0.1811 . . 134 . . . . 
'X-RAY DIFFRACTION' . 1.4577 1.6687  2488 0.1050 99.00 0.1515 . . 128 . . . . 
'X-RAY DIFFRACTION' . 1.6687 2.1023  2505 0.1230 99.00 0.1346 . . 137 . . . . 
'X-RAY DIFFRACTION' . 2.1023 32.5319 2605 0.1404 97.00 0.1607 . . 123 . . . . 
# 
_struct.entry_id                  4JD8 
_struct.title                     'Racemic-[Ru(phen)2(dppz)]2+] bound to synthetic DNA at high resolution' 
_struct.pdbx_model_details        ? 
_struct.pdbx_CASP_flag            ? 
_struct.pdbx_model_type_details   ? 
# 
_struct_keywords.entry_id        4JD8 
_struct_keywords.pdbx_keywords   DNA 
_struct_keywords.text            'Intercalation, Racemic Ligand-DNA, DNA' 
# 
loop_
_struct_asym.id 
_struct_asym.pdbx_blank_PDB_chainid_flag 
_struct_asym.pdbx_modified 
_struct_asym.entity_id 
_struct_asym.details 
A N N 1 ? 
B N N 1 ? 
C N N 2 ? 
D N N 3 ? 
E N N 4 ? 
F N N 5 ? 
G N N 5 ? 
# 
_struct_biol.id        1 
_struct_biol.details   ? 
# 
loop_
_struct_conn.id 
_struct_conn.conn_type_id 
_struct_conn.pdbx_leaving_atom_flag 
_struct_conn.pdbx_PDB_id 
_struct_conn.ptnr1_label_asym_id 
_struct_conn.ptnr1_label_comp_id 
_struct_conn.ptnr1_label_seq_id 
_struct_conn.ptnr1_label_atom_id 
_struct_conn.pdbx_ptnr1_label_alt_id 
_struct_conn.pdbx_ptnr1_PDB_ins_code 
_struct_conn.pdbx_ptnr1_standard_comp_id 
_struct_conn.ptnr1_symmetry 
_struct_conn.ptnr2_label_asym_id 
_struct_conn.ptnr2_label_comp_id 
_struct_conn.ptnr2_label_seq_id 
_struct_conn.ptnr2_label_atom_id 
_struct_conn.pdbx_ptnr2_label_alt_id 
_struct_conn.pdbx_ptnr2_PDB_ins_code 
_struct_conn.ptnr1_auth_asym_id 
_struct_conn.ptnr1_auth_comp_id 
_struct_conn.ptnr1_auth_seq_id 
_struct_conn.ptnr2_auth_asym_id 
_struct_conn.ptnr2_auth_comp_id 
_struct_conn.ptnr2_auth_seq_id 
_struct_conn.ptnr2_symmetry 
_struct_conn.pdbx_ptnr3_label_atom_id 
_struct_conn.pdbx_ptnr3_label_seq_id 
_struct_conn.pdbx_ptnr3_label_comp_id 
_struct_conn.pdbx_ptnr3_label_asym_id 
_struct_conn.pdbx_ptnr3_label_alt_id 
_struct_conn.pdbx_ptnr3_PDB_ins_code 
_struct_conn.details 
_struct_conn.pdbx_dist_value 
_struct_conn.pdbx_value_order 
_struct_conn.pdbx_role 
metalc1  metalc ? ? B DC 4 OP1 ? ? ? 1_555 E K   . K  ? ? B DC 4   B K   103 1_555 ? ? ? ? ? ? ?            2.705 ? ? 
metalc2  metalc ? ? E K  . K   ? ? ? 1_555 G HOH . O  ? ? B K  103 B HOH 216 1_555 ? ? ? ? ? ? ?            2.884 ? ? 
metalc3  metalc ? ? E K  . K   ? ? ? 1_555 G HOH . O  ? ? B K  103 B HOH 241 1_555 ? ? ? ? ? ? ?            2.986 ? ? 
metalc4  metalc ? ? E K  . K   ? ? ? 1_555 G HOH . O  ? ? B K  103 B HOH 245 1_555 ? ? ? ? ? ? ?            2.605 ? ? 
metalc5  metalc ? ? E K  . K   ? ? ? 1_555 G HOH . O  ? ? B K  103 B HOH 248 1_555 ? ? ? ? ? ? ?            2.791 ? ? 
hydrog1  hydrog ? ? A DA 1 N1  ? ? ? 1_555 B DT  6 N3 ? ? A DA 1   B DT  6   1_555 ? ? ? ? ? ? WATSON-CRICK ?     ? ? 
hydrog2  hydrog ? ? A DA 1 N6  ? ? ? 1_555 B DT  6 O4 ? ? A DA 1   B DT  6   1_555 ? ? ? ? ? ? WATSON-CRICK ?     ? ? 
hydrog3  hydrog ? ? A DT 2 N3  ? ? ? 1_555 B DA  5 N1 ? ? A DT 2   B DA  5   1_555 ? ? ? ? ? ? WATSON-CRICK ?     ? ? 
hydrog4  hydrog ? ? A DT 2 O4  ? ? ? 1_555 B DA  5 N6 ? ? A DT 2   B DA  5   1_555 ? ? ? ? ? ? WATSON-CRICK ?     ? ? 
hydrog5  hydrog ? ? A DG 3 N1  ? ? ? 1_555 B DC  4 N3 ? ? A DG 3   B DC  4   1_555 ? ? ? ? ? ? WATSON-CRICK ?     ? ? 
hydrog6  hydrog ? ? A DG 3 N2  ? ? ? 1_555 B DC  4 O2 ? ? A DG 3   B DC  4   1_555 ? ? ? ? ? ? WATSON-CRICK ?     ? ? 
hydrog7  hydrog ? ? A DG 3 O6  ? ? ? 1_555 B DC  4 N4 ? ? A DG 3   B DC  4   1_555 ? ? ? ? ? ? WATSON-CRICK ?     ? ? 
hydrog8  hydrog ? ? A DC 4 N3  ? ? ? 1_555 B DG  3 N1 ? ? A DC 4   B DG  3   1_555 ? ? ? ? ? ? WATSON-CRICK ?     ? ? 
hydrog9  hydrog ? ? A DC 4 N4  ? ? ? 1_555 B DG  3 O6 ? ? A DC 4   B DG  3   1_555 ? ? ? ? ? ? WATSON-CRICK ?     ? ? 
hydrog10 hydrog ? ? A DC 4 O2  ? ? ? 1_555 B DG  3 N2 ? ? A DC 4   B DG  3   1_555 ? ? ? ? ? ? WATSON-CRICK ?     ? ? 
hydrog11 hydrog ? ? A DA 5 N1  ? ? ? 1_555 B DT  2 N3 ? ? A DA 5   B DT  2   1_555 ? ? ? ? ? ? WATSON-CRICK ?     ? ? 
hydrog12 hydrog ? ? A DA 5 N6  ? ? ? 1_555 B DT  2 O4 ? ? A DA 5   B DT  2   1_555 ? ? ? ? ? ? WATSON-CRICK ?     ? ? 
hydrog13 hydrog ? ? A DT 6 N3  ? ? ? 1_555 B DA  1 N1 ? ? A DT 6   B DA  1   1_555 ? ? ? ? ? ? WATSON-CRICK ?     ? ? 
hydrog14 hydrog ? ? A DT 6 O4  ? ? ? 1_555 B DA  1 N6 ? ? A DT 6   B DA  1   1_555 ? ? ? ? ? ? WATSON-CRICK ?     ? ? 
# 
loop_
_struct_conn_type.id 
_struct_conn_type.criteria 
_struct_conn_type.reference 
metalc ? ? 
hydrog ? ? 
# 
loop_
_struct_site.id 
_struct_site.pdbx_evidence_code 
_struct_site.pdbx_auth_asym_id 
_struct_site.pdbx_auth_comp_id 
_struct_site.pdbx_auth_seq_id 
_struct_site.pdbx_auth_ins_code 
_struct_site.pdbx_num_residues 
_struct_site.details 
AC1 Software B 0TN 101 ? 8  'BINDING SITE FOR RESIDUE 0TN B 101' 
AC2 Software B RKP 102 ? 8  'BINDING SITE FOR RESIDUE RKP B 102' 
AC3 Software B K   103 ? 10 'BINDING SITE FOR RESIDUE K B 103'   
# 
loop_
_struct_site_gen.id 
_struct_site_gen.site_id 
_struct_site_gen.pdbx_num_res 
_struct_site_gen.label_comp_id 
_struct_site_gen.label_asym_id 
_struct_site_gen.label_seq_id 
_struct_site_gen.pdbx_auth_ins_code 
_struct_site_gen.auth_comp_id 
_struct_site_gen.auth_asym_id 
_struct_site_gen.auth_seq_id 
_struct_site_gen.label_atom_id 
_struct_site_gen.label_alt_id 
_struct_site_gen.symmetry 
_struct_site_gen.details 
1  AC1 8  DT  A 2 ? DT  A 2   . ? 1_555 ? 
2  AC1 8  DG  A 3 ? DG  A 3   . ? 1_555 ? 
3  AC1 8  DC  A 4 ? DC  A 4   . ? 1_555 ? 
4  AC1 8  DT  A 6 ? DT  A 6   . ? 5_564 ? 
5  AC1 8  DA  B 1 ? DA  B 1   . ? 5_564 ? 
6  AC1 8  DC  B 4 ? DC  B 4   . ? 1_555 ? 
7  AC1 8  DA  B 5 ? DA  B 5   . ? 1_555 ? 
8  AC1 8  DT  B 6 ? DT  B 6   . ? 1_555 ? 
9  AC2 8  DA  A 1 ? DA  A 1   . ? 2_565 ? 
10 AC2 8  DC  A 4 ? DC  A 4   . ? 1_555 ? 
11 AC2 8  DA  A 5 ? DA  A 5   . ? 1_555 ? 
12 AC2 8  DT  A 6 ? DT  A 6   . ? 1_555 ? 
13 AC2 8  DT  B 2 ? DT  B 2   . ? 1_555 ? 
14 AC2 8  DG  B 3 ? DG  B 3   . ? 1_555 ? 
15 AC2 8  DA  B 5 ? DA  B 5   . ? 2_565 ? 
16 AC2 8  DT  B 6 ? DT  B 6   . ? 2_565 ? 
17 AC3 10 DC  B 4 ? DC  B 4   . ? 1_555 ? 
18 AC3 10 DC  B 4 ? DC  B 4   . ? 5_554 ? 
19 AC3 10 HOH G . ? HOH B 216 . ? 1_555 ? 
20 AC3 10 HOH G . ? HOH B 216 . ? 5_554 ? 
21 AC3 10 HOH G . ? HOH B 241 . ? 1_555 ? 
22 AC3 10 HOH G . ? HOH B 241 . ? 5_554 ? 
23 AC3 10 HOH G . ? HOH B 245 . ? 1_555 ? 
24 AC3 10 HOH G . ? HOH B 245 . ? 5_554 ? 
25 AC3 10 HOH G . ? HOH B 248 . ? 5_554 ? 
26 AC3 10 HOH G . ? HOH B 248 . ? 1_555 ? 
# 
_atom_sites.entry_id                    4JD8 
_atom_sites.fract_transf_matrix[1][1]   0.01247074 
_atom_sites.fract_transf_matrix[1][2]   0.02591903 
_atom_sites.fract_transf_matrix[1][3]   0.01087733 
_atom_sites.fract_transf_matrix[2][1]   0.02662888 
_atom_sites.fract_transf_matrix[2][2]   0.01024419 
_atom_sites.fract_transf_matrix[2][3]   -0.01147099 
_atom_sites.fract_transf_matrix[3][1]   -0.00917986 
_atom_sites.fract_transf_matrix[3][2]   0.00971789 
_atom_sites.fract_transf_matrix[3][3]   -0.01263165 
_atom_sites.fract_transf_vector[1]      -0.171535 
_atom_sites.fract_transf_vector[2]      0.365368 
_atom_sites.fract_transf_vector[3]      -0.202383 
# 
loop_
_atom_type.symbol 
C  
H  
K  
N  
O  
P  
RU 
# 
loop_
_atom_site.group_PDB 
_atom_site.id 
_atom_site.type_symbol 
_atom_site.label_atom_id 
_atom_site.label_alt_id 
_atom_site.label_comp_id 
_atom_site.label_asym_id 
_atom_site.label_entity_id 
_atom_site.label_seq_id 
_atom_site.pdbx_PDB_ins_code 
_atom_site.Cartn_x 
_atom_site.Cartn_y 
_atom_site.Cartn_z 
_atom_site.occupancy 
_atom_site.B_iso_or_equiv 
_atom_site.pdbx_formal_charge 
_atom_site.auth_seq_id 
_atom_site.auth_comp_id 
_atom_site.auth_asym_id 
_atom_site.auth_atom_id 
_atom_site.pdbx_PDB_model_num 
ATOM   1   O  "O5'"  . DA  A 1 1 ? 10.121  -10.672 6.436   1.00 30.86 ? 1   DA  A "O5'"  1 
ATOM   2   C  "C5'"  . DA  A 1 1 ? 10.799  -11.446 5.445   1.00 29.21 ? 1   DA  A "C5'"  1 
ATOM   3   C  "C4'"  . DA  A 1 1 ? 10.874  -10.648 4.167   1.00 26.53 ? 1   DA  A "C4'"  1 
ATOM   4   O  "O4'"  . DA  A 1 1 ? 9.596   -10.625 3.494   1.00 25.06 ? 1   DA  A "O4'"  1 
ATOM   5   C  "C3'"  . DA  A 1 1 ? 11.223  -9.177  4.373   1.00 24.45 ? 1   DA  A "C3'"  1 
ATOM   6   O  "O3'"  . DA  A 1 1 ? 11.859  -8.755  3.179   1.00 23.29 ? 1   DA  A "O3'"  1 
ATOM   7   C  "C2'"  . DA  A 1 1 ? 9.867   -8.516  4.601   1.00 23.12 ? 1   DA  A "C2'"  1 
ATOM   8   C  "C1'"  . DA  A 1 1 ? 8.983   -9.357  3.689   1.00 22.42 ? 1   DA  A "C1'"  1 
ATOM   9   N  N9     . DA  A 1 1 ? 7.622   -9.665  4.135   1.00 19.60 ? 1   DA  A N9     1 
ATOM   10  C  C8     . DA  A 1 1 ? 7.111   -9.849  5.377   1.00 19.08 ? 1   DA  A C8     1 
ATOM   11  N  N7     . DA  A 1 1 ? 5.846   -10.174 5.341   1.00 17.54 ? 1   DA  A N7     1 
ATOM   12  C  C5     . DA  A 1 1 ? 5.529   -10.179 3.978   1.00 16.32 ? 1   DA  A C5     1 
ATOM   13  C  C6     . DA  A 1 1 ? 4.360   -10.418 3.232   1.00 14.15 ? 1   DA  A C6     1 
ATOM   14  N  N6     . DA  A 1 1 ? 3.166   -10.743 3.815   1.00 14.47 ? 1   DA  A N6     1 
ATOM   15  N  N1     . DA  A 1 1 ? 4.470   -10.365 1.872   1.00 13.86 ? 1   DA  A N1     1 
ATOM   16  C  C2     . DA  A 1 1 ? 5.660   -10.071 1.328   1.00 15.45 ? 1   DA  A C2     1 
ATOM   17  N  N3     . DA  A 1 1 ? 6.785   -9.829  1.946   1.00 16.93 ? 1   DA  A N3     1 
ATOM   18  C  C4     . DA  A 1 1 ? 6.639   -9.898  3.255   1.00 17.54 ? 1   DA  A C4     1 
ATOM   19  H  "H5'"  . DA  A 1 1 ? 10.307  -12.278 5.285   1.00 35.05 ? 1   DA  A "H5'"  1 
ATOM   20  H  "H5''" . DA  A 1 1 ? 11.705  -11.655 5.754   1.00 35.05 ? 1   DA  A "H5''" 1 
ATOM   21  H  "H4'"  . DA  A 1 1 ? 11.539  -11.055 3.574   1.00 31.83 ? 1   DA  A "H4'"  1 
ATOM   22  H  "H3'"  . DA  A 1 1 ? 11.810  -9.060  5.150   1.00 29.34 ? 1   DA  A "H3'"  1 
ATOM   23  H  "H2'"  . DA  A 1 1 ? 9.588   -8.598  5.536   1.00 27.74 ? 1   DA  A "H2'"  1 
ATOM   24  H  "H2''" . DA  A 1 1 ? 9.880   -7.579  4.314   1.00 27.74 ? 1   DA  A "H2''" 1 
ATOM   25  H  "H1'"  . DA  A 1 1 ? 8.925   -8.908  2.820   1.00 26.91 ? 1   DA  A "H1'"  1 
ATOM   26  H  H8     . DA  A 1 1 ? 7.631   -9.755  6.203   1.00 22.90 ? 1   DA  A H8     1 
ATOM   27  H  H61    . DA  A 1 1 ? 2.385   -10.938 3.257   1.00 17.36 ? 1   DA  A H61    1 
ATOM   28  H  H62    . DA  A 1 1 ? 3.091   -10.779 4.791   1.00 17.36 ? 1   DA  A H62    1 
ATOM   29  H  H2     . DA  A 1 1 ? 5.688   -10.026 0.349   1.00 18.54 ? 1   DA  A H2     1 
ATOM   30  H  "HO5'" . DA  A 1 1 ? 9.464   -11.098 7.025   1.00 37.03 ? 1   DA  A "HO5'" 1 
ATOM   31  P  P      . DT  A 1 2 ? 12.462  -7.273  3.033   1.00 22.86 ? 2   DT  A P      1 
ATOM   32  O  OP1    . DT  A 1 2 ? 13.587  -7.394  2.083   1.00 25.63 ? 2   DT  A OP1    1 
ATOM   33  O  OP2    . DT  A 1 2 ? 12.554  -6.542  4.331   1.00 24.34 ? 2   DT  A OP2    1 
ATOM   34  O  "O5'"  . DT  A 1 2 ? 11.291  -6.422  2.371   1.00 20.51 ? 2   DT  A "O5'"  1 
ATOM   35  C  "C5'"  . DT  A 1 2 ? 11.014  -6.627  1.056   1.00 19.57 ? 2   DT  A "C5'"  1 
ATOM   36  C  "C4'"  . DT  A 1 2 ? 9.794   -5.835  0.758   1.00 19.75 ? 2   DT  A "C4'"  1 
ATOM   37  O  "O4'"  . DT  A 1 2 ? 8.665   -6.468  1.387   1.00 18.55 ? 2   DT  A "O4'"  1 
ATOM   38  C  "C3'"  . DT  A 1 2 ? 9.776   -4.367  1.216   1.00 19.31 ? 2   DT  A "C3'"  1 
ATOM   39  O  "O3'"  . DT  A 1 2 ? 9.486   -3.579  0.068   1.00 20.57 ? 2   DT  A "O3'"  1 
ATOM   40  C  "C2'"  . DT  A 1 2 ? 8.659   -4.365  2.259   1.00 19.22 ? 2   DT  A "C2'"  1 
ATOM   41  C  "C1'"  . DT  A 1 2 ? 7.755   -5.440  1.701   1.00 18.77 ? 2   DT  A "C1'"  1 
ATOM   42  N  N1     . DT  A 1 2 ? 6.693   -5.962  2.599   1.00 17.95 ? 2   DT  A N1     1 
ATOM   43  C  C2     . DT  A 1 2 ? 5.520   -6.463  2.044   1.00 17.08 ? 2   DT  A C2     1 
ATOM   44  O  O2     . DT  A 1 2 ? 5.289   -6.436  0.857   1.00 16.28 ? 2   DT  A O2     1 
ATOM   45  N  N3     . DT  A 1 2 ? 4.578   -6.899  2.928   1.00 17.05 ? 2   DT  A N3     1 
ATOM   46  C  C4     . DT  A 1 2 ? 4.688   -6.948  4.315   1.00 18.36 ? 2   DT  A C4     1 
ATOM   47  O  O4     . DT  A 1 2 ? 3.755   -7.362  5.025   1.00 18.90 ? 2   DT  A O4     1 
ATOM   48  C  C5     . DT  A 1 2 ? 5.930   -6.424  4.845   1.00 19.76 ? 2   DT  A C5     1 
ATOM   49  C  C7     . DT  A 1 2 ? 6.184   -6.422  6.330   1.00 20.86 ? 2   DT  A C7     1 
ATOM   50  C  C6     . DT  A 1 2 ? 6.868   -5.978  3.980   1.00 18.97 ? 2   DT  A C6     1 
ATOM   51  H  "H5'"  . DT  A 1 2 ? 10.847  -7.578  0.891   1.00 23.48 ? 2   DT  A "H5'"  1 
ATOM   52  H  "H5''" . DT  A 1 2 ? 11.761  -6.316  0.502   1.00 23.48 ? 2   DT  A "H5''" 1 
ATOM   53  H  "H4'"  . DT  A 1 2 ? 9.652   -5.852  -0.212  1.00 23.70 ? 2   DT  A "H4'"  1 
ATOM   54  H  "H3'"  . DT  A 1 2 ? 10.634  -4.113  1.615   1.00 23.17 ? 2   DT  A "H3'"  1 
ATOM   55  H  "H2'"  . DT  A 1 2 ? 9.001   -4.614  3.143   1.00 23.06 ? 2   DT  A "H2'"  1 
ATOM   56  H  "H2''" . DT  A 1 2 ? 8.202   -3.498  2.284   1.00 23.06 ? 2   DT  A "H2''" 1 
ATOM   57  H  "H1'"  . DT  A 1 2 ? 7.342   -5.114  0.874   1.00 22.53 ? 2   DT  A "H1'"  1 
ATOM   58  H  H3     . DT  A 1 2 ? 3.739   -7.230  2.545   1.00 20.46 ? 2   DT  A H3     1 
ATOM   59  H  H71    . DT  A 1 2 ? 6.983   -6.954  6.525   1.00 25.03 ? 2   DT  A H71    1 
ATOM   60  H  H72    . DT  A 1 2 ? 6.321   -5.502  6.637   1.00 25.03 ? 2   DT  A H72    1 
ATOM   61  H  H73    . DT  A 1 2 ? 5.413   -6.810  6.793   1.00 25.03 ? 2   DT  A H73    1 
ATOM   62  H  H6     . DT  A 1 2 ? 7.712   -5.636  4.345   1.00 22.76 ? 2   DT  A H6     1 
ATOM   63  P  P      . DG  A 1 3 ? 10.103  -2.133  -0.164  1.00 20.30 ? 3   DG  A P      1 
ATOM   64  O  OP1    . DG  A 1 3 ? 11.052  -2.143  -1.297  1.00 23.90 ? 3   DG  A OP1    1 
ATOM   65  O  OP2    . DG  A 1 3 ? 10.665  -1.616  1.062   1.00 22.64 ? 3   DG  A OP2    1 
ATOM   66  O  "O5'"  . DG  A 1 3 ? 8.837   -1.286  -0.588  1.00 18.62 ? 3   DG  A "O5'"  1 
ATOM   67  C  "C5'"  . DG  A 1 3 ? 8.914   0.117   -0.639  1.00 17.86 ? 3   DG  A "C5'"  1 
ATOM   68  C  "C4'"  . DG  A 1 3 ? 7.886   0.577   -1.632  1.00 17.16 ? 3   DG  A "C4'"  1 
ATOM   69  O  "O4'"  . DG  A 1 3 ? 6.538   0.216   -1.185  1.00 16.59 ? 3   DG  A "O4'"  1 
ATOM   70  C  "C3'"  . DG  A 1 3 ? 7.840   2.080   -1.874  1.00 17.69 ? 3   DG  A "C3'"  1 
ATOM   71  O  "O3'"  . DG  A 1 3 ? 7.520   2.332   -3.234  1.00 18.70 ? 3   DG  A "O3'"  1 
ATOM   72  C  "C2'"  . DG  A 1 3 ? 6.787   2.547   -0.860  1.00 17.46 ? 3   DG  A "C2'"  1 
ATOM   73  C  "C1'"  . DG  A 1 3 ? 5.828   1.360   -0.734  1.00 16.81 ? 3   DG  A "C1'"  1 
ATOM   74  N  N9     . DG  A 1 3 ? 5.375   1.062   0.608   1.00 16.07 ? 3   DG  A N9     1 
ATOM   75  C  C8     . DG  A 1 3 ? 6.063   1.200   1.773   1.00 17.00 ? 3   DG  A C8     1 
ATOM   76  N  N7     . DG  A 1 3 ? 5.355   0.781   2.785   1.00 16.76 ? 3   DG  A N7     1 
ATOM   77  C  C5     . DG  A 1 3 ? 4.165   0.305   2.270   1.00 15.95 ? 3   DG  A C5     1 
ATOM   78  C  C6     . DG  A 1 3 ? 3.044   -0.263  2.905   1.00 15.37 ? 3   DG  A C6     1 
ATOM   79  O  O6     . DG  A 1 3 ? 2.862   -0.464  4.108   1.00 16.18 ? 3   DG  A O6     1 
ATOM   80  N  N1     . DG  A 1 3 ? 2.052   -0.585  1.997   1.00 14.44 ? 3   DG  A N1     1 
ATOM   81  C  C2     . DG  A 1 3 ? 2.134   -0.396  0.646   1.00 13.79 ? 3   DG  A C2     1 
ATOM   82  N  N2     . DG  A 1 3 ? 1.078   -0.781  -0.085  1.00 13.38 ? 3   DG  A N2     1 
ATOM   83  N  N3     . DG  A 1 3 ? 3.173   0.151   0.060   1.00 14.38 ? 3   DG  A N3     1 
ATOM   84  C  C4     . DG  A 1 3 ? 4.161   0.489   0.921   1.00 14.90 ? 3   DG  A C4     1 
ATOM   85  H  "H5'"  . DG  A 1 3 ? 9.808   0.392   -0.931  1.00 21.43 ? 3   DG  A "H5'"  1 
ATOM   86  H  "H5''" . DG  A 1 3 ? 8.720   0.494   0.245   1.00 21.43 ? 3   DG  A "H5''" 1 
ATOM   87  H  "H4'"  . DG  A 1 3 ? 8.059   0.131   -2.487  1.00 20.59 ? 3   DG  A "H4'"  1 
ATOM   88  H  "H3'"  . DG  A 1 3 ? 8.710   2.478   -1.657  1.00 21.23 ? 3   DG  A "H3'"  1 
ATOM   89  H  "H2'"  . DG  A 1 3 ? 7.206   2.741   0.004   1.00 20.95 ? 3   DG  A "H2'"  1 
ATOM   90  H  "H2''" . DG  A 1 3 ? 6.313   3.335   -1.198  1.00 20.95 ? 3   DG  A "H2''" 1 
ATOM   91  H  "H1'"  . DG  A 1 3 ? 5.051   1.508   -1.314  1.00 20.18 ? 3   DG  A "H1'"  1 
ATOM   92  H  H8     . DG  A 1 3 ? 6.959   1.592   1.846   1.00 20.40 ? 3   DG  A H8     1 
ATOM   93  H  H1     . DG  A 1 3 ? 1.229   -0.984  2.349   1.00 17.33 ? 3   DG  A H1     1 
ATOM   94  H  H21    . DG  A 1 3 ? 1.083   -0.653  -1.057  1.00 16.06 ? 3   DG  A H21    1 
ATOM   95  H  H22    . DG  A 1 3 ? 0.303   -1.189  0.352   1.00 16.06 ? 3   DG  A H22    1 
ATOM   96  P  P      . DC  A 1 4 ? 7.541   3.831   -3.782  1.00 18.85 ? 4   DC  A P      1 
ATOM   97  O  OP1    . DC  A 1 4 ? 7.911   3.672   -5.208  1.00 20.39 ? 4   DC  A OP1    1 
ATOM   98  O  OP2    . DC  A 1 4 ? 8.325   4.713   -2.856  1.00 20.37 ? 4   DC  A OP2    1 
ATOM   99  O  "O5'"  . DC  A 1 4 ? 6.001   4.292   -3.603  1.00 16.53 ? 4   DC  A "O5'"  1 
ATOM   100 C  "C5'"  . DC  A 1 4 ? 4.994   3.631   -4.363  1.00 15.88 ? 4   DC  A "C5'"  1 
ATOM   101 C  "C4'"  . DC  A 1 4 ? 3.679   4.088   -3.764  1.00 14.07 ? 4   DC  A "C4'"  1 
ATOM   102 O  "O4'"  . DC  A 1 4 ? 3.535   3.471   -2.462  1.00 13.37 ? 4   DC  A "O4'"  1 
ATOM   103 C  "C3'"  . DC  A 1 4 ? 3.502   5.613   -3.535  1.00 13.38 ? 4   DC  A "C3'"  1 
ATOM   104 O  "O3'"  . DC  A 1 4 ? 2.439   6.096   -4.356  1.00 13.60 ? 4   DC  A "O3'"  1 
ATOM   105 C  "C2'"  . DC  A 1 4 ? 3.133   5.766   -2.053  1.00 13.27 ? 4   DC  A "C2'"  1 
ATOM   106 C  "C1'"  . DC  A 1 4 ? 2.689   4.331   -1.742  1.00 13.67 ? 4   DC  A "C1'"  1 
ATOM   107 N  N1     . DC  A 1 4 ? 2.726   3.978   -0.328  1.00 13.17 ? 4   DC  A N1     1 
ATOM   108 C  C2     . DC  A 1 4 ? 1.713   3.166   0.180   1.00 13.34 ? 4   DC  A C2     1 
ATOM   109 O  O2     . DC  A 1 4 ? 0.831   2.754   -0.567  1.00 13.15 ? 4   DC  A O2     1 
ATOM   110 N  N3     . DC  A 1 4 ? 1.730   2.875   1.503   1.00 13.79 ? 4   DC  A N3     1 
ATOM   111 C  C4     . DC  A 1 4 ? 2.736   3.293   2.257   1.00 14.81 ? 4   DC  A C4     1 
ATOM   112 N  N4     . DC  A 1 4 ? 2.676   3.008   3.542   1.00 16.05 ? 4   DC  A N4     1 
ATOM   113 C  C5     . DC  A 1 4 ? 3.792   4.059   1.750   1.00 15.56 ? 4   DC  A C5     1 
ATOM   114 C  C6     . DC  A 1 4 ? 3.735   4.371   0.462   1.00 14.69 ? 4   DC  A C6     1 
ATOM   115 H  "H5'"  . DC  A 1 4 ? 5.086   2.659   -4.279  1.00 19.06 ? 4   DC  A "H5'"  1 
ATOM   116 H  "H5''" . DC  A 1 4 ? 5.049   3.898   -5.305  1.00 19.06 ? 4   DC  A "H5''" 1 
ATOM   117 H  "H4'"  . DC  A 1 4 ? 2.950   3.774   -4.340  1.00 16.89 ? 4   DC  A "H4'"  1 
ATOM   118 H  "H3'"  . DC  A 1 4 ? 4.335   6.090   -3.733  1.00 16.06 ? 4   DC  A "H3'"  1 
ATOM   119 H  "H2'"  . DC  A 1 4 ? 3.913   6.020   -1.517  1.00 15.92 ? 4   DC  A "H2'"  1 
ATOM   120 H  "H2''" . DC  A 1 4 ? 2.394   6.399   -1.935  1.00 15.92 ? 4   DC  A "H2''" 1 
ATOM   121 H  "H1'"  . DC  A 1 4 ? 1.773   4.211   -2.068  1.00 16.40 ? 4   DC  A "H1'"  1 
ATOM   122 H  H41    . DC  A 1 4 ? 1.912   2.508   3.898   1.00 19.26 ? 4   DC  A H41    1 
ATOM   123 H  H42    . DC  A 1 4 ? 3.396   3.295   4.141   1.00 19.26 ? 4   DC  A H42    1 
ATOM   124 H  H5     . DC  A 1 4 ? 4.494   4.414   2.334   1.00 18.67 ? 4   DC  A H5     1 
ATOM   125 H  H6     . DC  A 1 4 ? 4.438   4.939   0.083   1.00 17.63 ? 4   DC  A H6     1 
ATOM   126 P  P      . DA  A 1 5 ? 2.770   6.865   -5.721  1.00 13.80 ? 5   DA  A P      1 
ATOM   127 O  OP1    . DA  A 1 5 ? 3.190   5.836   -6.673  1.00 15.25 ? 5   DA  A OP1    1 
ATOM   128 O  OP2    . DA  A 1 5 ? 3.673   8.018   -5.436  1.00 15.61 ? 5   DA  A OP2    1 
ATOM   129 O  "O5'"  . DA  A 1 5 ? 1.366   7.481   -6.140  1.00 14.27 ? 5   DA  A "O5'"  1 
ATOM   130 C  "C5'"  . DA  A 1 5 ? 0.374   6.636   -6.711  1.00 14.30 ? 5   DA  A "C5'"  1 
ATOM   131 C  "C4'"  . DA  A 1 5 ? -0.917  7.366   -6.683  1.00 15.38 ? 5   DA  A "C4'"  1 
ATOM   132 O  "O4'"  . DA  A 1 5 ? -1.406  7.492   -5.352  1.00 13.89 ? 5   DA  A "O4'"  1 
ATOM   133 C  "C3'"  . DA  A 1 5 ? -0.793  8.770   -7.200  1.00 15.82 ? 5   DA  A "C3'"  1 
ATOM   134 O  "O3'"  . DA  A 1 5 ? -2.053  9.012   -7.844  1.00 18.22 ? 5   DA  A "O3'"  1 
ATOM   135 C  "C2'"  . DA  A 1 5 ? -0.576  9.609   -5.951  1.00 14.77 ? 5   DA  A "C2'"  1 
ATOM   136 C  "C1'"  . DA  A 1 5 ? -1.311  8.832   -4.863  1.00 12.96 ? 5   DA  A "C1'"  1 
ATOM   137 N  N9     . DA  A 1 5 ? -0.697  8.806   -3.551  1.00 11.79 ? 5   DA  A N9     1 
ATOM   138 C  C8     . DA  A 1 5 ? 0.637   8.858   -3.267  1.00 12.00 ? 5   DA  A C8     1 
ATOM   139 N  N7     . DA  A 1 5 ? 0.905   8.788   -1.978  1.00 11.78 ? 5   DA  A N7     1 
ATOM   140 C  C5     . DA  A 1 5 ? -0.352  8.682   -1.402  1.00 11.42 ? 5   DA  A C5     1 
ATOM   141 C  C6     . DA  A 1 5 ? -0.769  8.592   -0.060  1.00 11.81 ? 5   DA  A C6     1 
ATOM   142 N  N6     . DA  A 1 5 ? 0.065   8.508   1.002   1.00 11.91 ? 5   DA  A N6     1 
ATOM   143 N  N1     . DA  A 1 5 ? -2.082  8.435   0.163   1.00 12.46 ? 5   DA  A N1     1 
ATOM   144 C  C2     . DA  A 1 5 ? -2.940  8.497   -0.863  1.00 13.25 ? 5   DA  A C2     1 
ATOM   145 N  N3     . DA  A 1 5 ? -2.670  8.593   -2.152  1.00 12.97 ? 5   DA  A N3     1 
ATOM   146 C  C4     . DA  A 1 5 ? -1.353  8.699   -2.342  1.00 12.36 ? 5   DA  A C4     1 
ATOM   147 H  "H5'"  . DA  A 1 5 ? 0.299   5.811   -6.186  1.00 17.16 ? 5   DA  A "H5'"  1 
ATOM   148 H  "H5''" . DA  A 1 5 ? 0.613   6.421   -7.636  1.00 17.16 ? 5   DA  A "H5''" 1 
ATOM   149 H  "H4'"  . DA  A 1 5 ? -1.574  6.880   -7.224  1.00 18.46 ? 5   DA  A "H4'"  1 
ATOM   150 H  "H3'"  . DA  A 1 5 ? -0.045  8.854   -7.827  1.00 18.99 ? 5   DA  A "H3'"  1 
ATOM   151 H  "H2'"  . DA  A 1 5 ? 0.380   9.674   -5.742  1.00 17.73 ? 5   DA  A "H2'"  1 
ATOM   152 H  "H2''" . DA  A 1 5 ? -0.968  10.500  -6.063  1.00 17.73 ? 5   DA  A "H2''" 1 
ATOM   153 H  "H1'"  . DA  A 1 5 ? -2.216  9.198   -4.775  1.00 15.56 ? 5   DA  A "H1'"  1 
ATOM   154 H  H8     . DA  A 1 5 ? 1.330   8.947   -3.955  1.00 14.40 ? 5   DA  A H8     1 
ATOM   155 H  H61    . DA  A 1 5 ? -0.297  8.337   1.897   1.00 14.30 ? 5   DA  A H61    1 
ATOM   156 H  H62    . DA  A 1 5 ? 1.031   8.618   0.877   1.00 14.30 ? 5   DA  A H62    1 
ATOM   157 H  H2     . DA  A 1 5 ? -3.889  8.415   -0.631  1.00 15.90 ? 5   DA  A H2     1 
ATOM   158 P  P      . DT  A 1 6 ? -2.257  10.141  -8.921  1.00 20.97 ? 6   DT  A P      1 
ATOM   159 O  OP1    . DT  A 1 6 ? -3.154  9.568   -9.948  1.00 22.73 ? 6   DT  A OP1    1 
ATOM   160 O  OP2    . DT  A 1 6 ? -0.934  10.602  -9.288  1.00 21.83 ? 6   DT  A OP2    1 
ATOM   161 O  "O5'"  . DT  A 1 6 ? -2.684  11.413  -8.046  1.00 27.94 ? 6   DT  A "O5'"  1 
ATOM   162 C  "C5'"  . DT  A 1 6 ? -4.002  11.695  -7.949  1.00 27.86 ? 6   DT  A "C5'"  1 
ATOM   163 C  "C4'"  . DT  A 1 6 ? -4.310  12.309  -6.609  1.00 25.40 ? 6   DT  A "C4'"  1 
ATOM   164 O  "O4'"  . DT  A 1 6 ? -3.435  11.740  -5.610  1.00 21.99 ? 6   DT  A "O4'"  1 
ATOM   165 C  "C3'"  . DT  A 1 6 ? -4.207  13.803  -6.399  1.00 26.90 ? 6   DT  A "C3'"  1 
ATOM   166 O  "O3'"  . DT  A 1 6 ? -5.474  14.426  -6.707  1.00 29.95 ? 6   DT  A "O3'"  1 
ATOM   167 C  "C2'"  . DT  A 1 6 ? -3.892  13.883  -4.916  1.00 24.85 ? 6   DT  A "C2'"  1 
ATOM   168 C  "C1'"  . DT  A 1 6 ? -3.827  12.416  -4.458  1.00 21.38 ? 6   DT  A "C1'"  1 
ATOM   169 N  N1     . DT  A 1 6 ? -2.898  12.190  -3.364  1.00 17.66 ? 6   DT  A N1     1 
ATOM   170 C  C2     . DT  A 1 6 ? -3.389  11.888  -2.127  1.00 16.31 ? 6   DT  A C2     1 
ATOM   171 O  O2     . DT  A 1 6 ? -4.569  11.755  -1.909  1.00 17.86 ? 6   DT  A O2     1 
ATOM   172 N  N3     . DT  A 1 6 ? -2.453  11.759  -1.146  1.00 14.73 ? 6   DT  A N3     1 
ATOM   173 C  C4     . DT  A 1 6 ? -1.104  11.961  -1.281  1.00 13.77 ? 6   DT  A C4     1 
ATOM   174 O  O4     . DT  A 1 6 ? -0.373  11.839  -0.315  1.00 14.32 ? 6   DT  A O4     1 
ATOM   175 C  C5     . DT  A 1 6 ? -0.634  12.224  -2.595  1.00 14.03 ? 6   DT  A C5     1 
ATOM   176 C  C7     . DT  A 1 6 ? 0.839   12.411  -2.814  1.00 14.99 ? 6   DT  A C7     1 
ATOM   177 C  C6     . DT  A 1 6 ? -1.536  12.387  -3.563  1.00 15.87 ? 6   DT  A C6     1 
ATOM   178 H  "H5'"  . DT  A 1 6 ? -4.518  10.868  -8.052  1.00 33.43 ? 6   DT  A "H5'"  1 
ATOM   179 H  "H5''" . DT  A 1 6 ? -4.252  12.324  -8.658  1.00 33.43 ? 6   DT  A "H5''" 1 
ATOM   180 H  "H4'"  . DT  A 1 6 ? -5.226  12.049  -6.378  1.00 30.48 ? 6   DT  A "H4'"  1 
ATOM   181 H  "H3'"  . DT  A 1 6 ? -3.481  14.185  -6.936  1.00 32.28 ? 6   DT  A "H3'"  1 
ATOM   182 H  "HO3'" . DT  A 1 6 ? -5.530  15.101  -7.415  1.00 35.94 ? 6   DT  A "HO3'" 1 
ATOM   183 H  "H2'"  . DT  A 1 6 ? -3.029  14.324  -4.773  1.00 29.82 ? 6   DT  A "H2'"  1 
ATOM   184 H  "H2''" . DT  A 1 6 ? -4.604  14.358  -4.440  1.00 29.82 ? 6   DT  A "H2''" 1 
ATOM   185 H  "H1'"  . DT  A 1 6 ? -4.722  12.117  -4.193  1.00 25.66 ? 6   DT  A "H1'"  1 
ATOM   186 H  H3     . DT  A 1 6 ? -2.783  11.567  -0.243  1.00 17.68 ? 6   DT  A H3     1 
ATOM   187 H  H71    . DT  A 1 6 ? 1.004   13.304  -3.184  1.00 17.98 ? 6   DT  A H71    1 
ATOM   188 H  H72    . DT  A 1 6 ? 1.310   12.319  -1.960  1.00 17.98 ? 6   DT  A H72    1 
ATOM   189 H  H73    . DT  A 1 6 ? 1.165   11.732  -3.441  1.00 17.98 ? 6   DT  A H73    1 
ATOM   190 H  H6     . DT  A 1 6 ? -1.221  12.597  -4.467  1.00 19.04 ? 6   DT  A H6     1 
ATOM   191 O  "O5'"  . DA  B 1 1 ? -6.163  12.204  8.622   1.00 34.13 ? 1   DA  B "O5'"  1 
ATOM   192 C  "C5'"  . DA  B 1 1 ? -7.300  12.887  8.052   1.00 32.12 ? 1   DA  B "C5'"  1 
ATOM   193 C  "C4'"  . DA  B 1 1 ? -7.958  12.003  7.005   1.00 29.11 ? 1   DA  B "C4'"  1 
ATOM   194 O  "O4'"  . DA  B 1 1 ? -7.192  12.001  5.774   1.00 26.59 ? 1   DA  B "O4'"  1 
ATOM   195 C  "C3'"  . DA  B 1 1 ? -8.067  10.557  7.418   1.00 28.12 ? 1   DA  B "C3'"  1 
ATOM   196 O  "O3'"  . DA  B 1 1 ? -9.323  10.093  6.997   1.00 28.17 ? 1   DA  B "O3'"  1 
ATOM   197 C  "C2'"  . DA  B 1 1 ? -6.906  9.894   6.699   1.00 25.94 ? 1   DA  B "C2'"  1 
ATOM   198 C  "C1'"  . DA  B 1 1 ? -6.720  10.699  5.429   1.00 23.75 ? 1   DA  B "C1'"  1 
ATOM   199 N  N9     . DA  B 1 1 ? -5.333  10.894  4.950   1.00 19.91 ? 1   DA  B N9     1 
ATOM   200 C  C8     . DA  B 1 1 ? -4.243  11.109  5.723   1.00 19.61 ? 1   DA  B C8     1 
ATOM   201 N  N7     . DA  B 1 1 ? -3.143  11.266  5.039   1.00 18.15 ? 1   DA  B N7     1 
ATOM   202 C  C5     . DA  B 1 1 ? -3.539  11.210  3.724   1.00 16.79 ? 1   DA  B C5     1 
ATOM   203 C  C6     . DA  B 1 1 ? -2.835  11.335  2.512   1.00 15.28 ? 1   DA  B C6     1 
ATOM   204 N  N6     . DA  B 1 1 ? -1.518  11.554  2.429   1.00 14.70 ? 1   DA  B N6     1 
ATOM   205 N  N1     . DA  B 1 1 ? -3.540  11.233  1.379   1.00 15.74 ? 1   DA  B N1     1 
ATOM   206 C  C2     . DA  B 1 1 ? -4.872  10.976  1.466   1.00 17.25 ? 1   DA  B C2     1 
ATOM   207 N  N3     . DA  B 1 1 ? -5.644  10.844  2.525   1.00 19.08 ? 1   DA  B N3     1 
ATOM   208 C  C4     . DA  B 1 1 ? -4.900  10.982  3.640   1.00 18.20 ? 1   DA  B C4     1 
ATOM   209 H  "H5'"  . DA  B 1 1 ? -7.002  13.722  7.633   1.00 38.54 ? 1   DA  B "H5'"  1 
ATOM   210 H  "H5''" . DA  B 1 1 ? -7.946  13.091  8.760   1.00 38.54 ? 1   DA  B "H5''" 1 
ATOM   211 H  "H4'"  . DA  B 1 1 ? -8.856  12.348  6.818   1.00 34.94 ? 1   DA  B "H4'"  1 
ATOM   212 H  "H3'"  . DA  B 1 1 ? -7.970  10.468  8.388   1.00 33.74 ? 1   DA  B "H3'"  1 
ATOM   213 H  "H2'"  . DA  B 1 1 ? -6.097  9.935   7.250   1.00 31.13 ? 1   DA  B "H2'"  1 
ATOM   214 H  "H2''" . DA  B 1 1 ? -7.127  8.964   6.483   1.00 31.13 ? 1   DA  B "H2''" 1 
ATOM   215 H  "H1'"  . DA  B 1 1 ? -7.274  10.325  4.712   1.00 28.50 ? 1   DA  B "H1'"  1 
ATOM   216 H  H8     . DA  B 1 1 ? -4.269  11.092  6.703   1.00 23.54 ? 1   DA  B H8     1 
ATOM   217 H  H61    . DA  B 1 1 ? -1.090  11.638  1.551   1.00 17.64 ? 1   DA  B H61    1 
ATOM   218 H  H62    . DA  B 1 1 ? -0.982  11.632  3.245   1.00 17.64 ? 1   DA  B H62    1 
ATOM   219 H  H2     . DA  B 1 1 ? -5.336  10.907  0.607   1.00 20.70 ? 1   DA  B H2     1 
ATOM   220 H  "HO5'" . DA  B 1 1 ? -5.464  11.844  8.038   1.00 40.95 ? 1   DA  B "HO5'" 1 
ATOM   221 P  P      . DT  B 1 2 ? -9.814  8.624   7.421   0.87 27.61 ? 2   DT  B P      1 
ATOM   222 O  OP1    . DT  B 1 2 ? -11.307 8.609   7.308   0.87 29.45 ? 2   DT  B OP1    1 
ATOM   223 O  OP2    . DT  B 1 2 ? -9.020  8.192   8.628   0.87 29.07 ? 2   DT  B OP2    1 
ATOM   224 O  "O5'"  . DT  B 1 2 ? -9.215  7.688   6.238   0.87 26.73 ? 2   DT  B "O5'"  1 
ATOM   225 C  "C5'"  . DT  B 1 2 ? -9.683  8.038   4.914   0.87 26.22 ? 2   DT  B "C5'"  1 
ATOM   226 C  "C4'"  . DT  B 1 2 ? -8.871  7.251   3.912   0.87 25.61 ? 2   DT  B "C4'"  1 
ATOM   227 O  "O4'"  . DT  B 1 2 ? -7.506  7.719   3.853   0.87 23.33 ? 2   DT  B "O4'"  1 
ATOM   228 C  "C3'"  . DT  B 1 2 ? -8.716  5.790   4.278   0.87 25.45 ? 2   DT  B "C3'"  1 
ATOM   229 O  "O3'"  . DT  B 1 2 ? -9.369  5.102   3.195   0.87 26.27 ? 2   DT  B "O3'"  1 
ATOM   230 C  "C2'"  . DT  B 1 2 ? -7.202  5.524   4.386   0.87 24.31 ? 2   DT  B "C2'"  1 
ATOM   231 C  "C1'"  . DT  B 1 2 ? -6.688  6.627   3.488   0.87 21.73 ? 2   DT  B "C1'"  1 
ATOM   232 N  N1     . DT  B 1 2 ? -5.278  7.105   3.624   0.87 17.39 ? 2   DT  B N1     1 
ATOM   233 C  C2     . DT  B 1 2 ? -4.616  7.373   2.465   0.87 15.27 ? 2   DT  B C2     1 
ATOM   234 O  O2     . DT  B 1 2 ? -5.127  7.224   1.386   0.87 14.86 ? 2   DT  B O2     1 
ATOM   235 N  N3     . DT  B 1 2 ? -3.339  7.815   2.586   0.87 13.11 ? 2   DT  B N3     1 
ATOM   236 C  C4     . DT  B 1 2 ? -2.655  7.995   3.746   0.87 12.64 ? 2   DT  B C4     1 
ATOM   237 O  O4     . DT  B 1 2 ? -1.483  8.395   3.699   0.87 12.04 ? 2   DT  B O4     1 
ATOM   238 C  C5     . DT  B 1 2 ? -3.419  7.730   4.936   0.87 14.88 ? 2   DT  B C5     1 
ATOM   239 C  C7     . DT  B 1 2 ? -2.789  7.905   6.275   0.87 16.03 ? 2   DT  B C7     1 
ATOM   240 C  C6     . DT  B 1 2 ? -4.670  7.285   4.822   0.87 16.26 ? 2   DT  B C6     1 
ATOM   241 H  "H5'"  . DT  B 1 2 ? -9.559  8.997   4.761   0.87 31.46 ? 2   DT  B "H5'"  1 
ATOM   242 H  "H5''" . DT  B 1 2 ? -10.631 7.807   4.826   0.87 31.46 ? 2   DT  B "H5''" 1 
ATOM   243 H  "H4'"  . DT  B 1 2 ? -9.282  7.326   3.025   0.87 30.73 ? 2   DT  B "H4'"  1 
ATOM   244 H  "H3'"  . DT  B 1 2 ? -9.163  5.600   5.129   0.87 30.54 ? 2   DT  B "H3'"  1 
ATOM   245 H  "H2'"  . DT  B 1 2 ? -6.886  5.638   5.306   0.87 29.18 ? 2   DT  B "H2'"  1 
ATOM   246 H  "H2''" . DT  B 1 2 ? -6.970  4.640   4.031   0.87 29.18 ? 2   DT  B "H2''" 1 
ATOM   247 H  "H1'"  . DT  B 1 2 ? -6.861  6.392   2.553   0.87 26.07 ? 2   DT  B "H1'"  1 
ATOM   248 H  H3     . DT  B 1 2 ? -2.852  7.989   1.754   0.87 15.73 ? 2   DT  B H3     1 
ATOM   249 H  H71    . DT  B 1 2 ? -3.287  8.577   6.786   0.87 19.24 ? 2   DT  B H71    1 
ATOM   250 H  H72    . DT  B 1 2 ? -2.804  7.052   6.757   0.87 19.24 ? 2   DT  B H72    1 
ATOM   251 H  H73    . DT  B 1 2 ? -1.862  8.201   6.165   0.87 19.24 ? 2   DT  B H73    1 
ATOM   252 H  H6     . DT  B 1 2 ? -5.178  7.098   5.639   0.87 19.51 ? 2   DT  B H6     1 
ATOM   253 P  P      . DG  B 1 3 ? -9.922  3.616   3.418   0.88 26.28 ? 3   DG  B P      1 
ATOM   254 O  OP1    . DG  B 1 3 ? -10.325 3.164   2.040   0.88 29.11 ? 3   DG  B OP1    1 
ATOM   255 O  OP2    . DG  B 1 3 ? -10.868 3.616   4.586   0.88 25.64 ? 3   DG  B OP2    1 
ATOM   256 O  "O5'"  . DG  B 1 3 ? -8.591  2.805   3.781   0.88 25.48 ? 3   DG  B "O5'"  1 
ATOM   257 C  "C5'"  . DG  B 1 3 ? -8.720  1.454   4.109   0.88 24.03 ? 3   DG  B "C5'"  1 
ATOM   258 C  "C4'"  . DG  B 1 3 ? -7.606  0.673   3.448   0.88 21.99 ? 3   DG  B "C4'"  1 
ATOM   259 O  "O4'"  . DG  B 1 3 ? -6.264  1.193   3.735   0.88 19.54 ? 3   DG  B "O4'"  1 
ATOM   260 C  "C3'"  . DG  B 1 3 ? -7.605  -0.766  3.892   0.88 20.66 ? 3   DG  B "C3'"  1 
ATOM   261 O  "O3'"  . DG  B 1 3 ? -8.317  -1.500  2.890   0.88 19.74 ? 3   DG  B "O3'"  1 
ATOM   262 C  "C2'"  . DG  B 1 3 ? -6.125  -1.093  4.121   0.88 19.62 ? 3   DG  B "C2'"  1 
ATOM   263 C  "C1'"  . DG  B 1 3 ? -5.416  0.107   3.498   0.88 18.50 ? 3   DG  B "C1'"  1 
ATOM   264 N  N9     . DG  B 1 3 ? -4.131  0.470   4.066   0.88 16.08 ? 3   DG  B N9     1 
ATOM   265 C  C8     . DG  B 1 3 ? -3.767  0.541   5.383   0.88 16.82 ? 3   DG  B C8     1 
ATOM   266 N  N7     . DG  B 1 3 ? -2.536  0.925   5.565   0.88 16.81 ? 3   DG  B N7     1 
ATOM   267 C  C5     . DG  B 1 3 ? -2.056  1.139   4.256   0.88 15.18 ? 3   DG  B C5     1 
ATOM   268 C  C6     . DG  B 1 3 ? -0.785  1.567   3.818   0.88 14.15 ? 3   DG  B C6     1 
ATOM   269 O  O6     . DG  B 1 3 ? 0.222   1.864   4.488   0.88 14.87 ? 3   DG  B O6     1 
ATOM   270 N  N1     . DG  B 1 3 ? -0.741  1.666   2.433   0.88 12.78 ? 3   DG  B N1     1 
ATOM   271 C  C2     . DG  B 1 3 ? -1.790  1.368   1.580   0.88 12.58 ? 3   DG  B C2     1 
ATOM   272 N  N2     . DG  B 1 3 ? -1.517  1.544   0.280   0.88 11.64 ? 3   DG  B N2     1 
ATOM   273 N  N3     . DG  B 1 3 ? -2.981  0.920   1.970   0.88 13.78 ? 3   DG  B N3     1 
ATOM   274 C  C4     . DG  B 1 3 ? -3.034  0.872   3.324   0.88 14.91 ? 3   DG  B C4     1 
ATOM   275 H  "H5'"  . DG  B 1 3 ? -9.586  1.121   3.793   0.88 28.84 ? 3   DG  B "H5'"  1 
ATOM   276 H  "H5''" . DG  B 1 3 ? -8.663  1.347   5.081   0.88 28.84 ? 3   DG  B "H5''" 1 
ATOM   277 H  "H4'"  . DG  B 1 3 ? -7.746  0.696   2.478   0.88 26.39 ? 3   DG  B "H4'"  1 
ATOM   278 H  "H3'"  . DG  B 1 3 ? -8.084  -0.838  4.744   0.88 24.79 ? 3   DG  B "H3'"  1 
ATOM   279 H  "H2'"  . DG  B 1 3 ? -5.927  -1.154  5.078   0.88 23.55 ? 3   DG  B "H2'"  1 
ATOM   280 H  "H2''" . DG  B 1 3 ? -5.878  -1.921  3.658   0.88 23.55 ? 3   DG  B "H2''" 1 
ATOM   281 H  "H1'"  . DG  B 1 3 ? -5.322  -0.032  2.533   0.88 22.20 ? 3   DG  B "H1'"  1 
ATOM   282 H  H8     . DG  B 1 3 ? -4.366  0.298   6.119   0.88 20.18 ? 3   DG  B H8     1 
ATOM   283 H  H1     . DG  B 1 3 ? 0.103   1.954   2.027   0.88 15.34 ? 3   DG  B H1     1 
ATOM   284 H  H21    . DG  B 1 3 ? -2.198  1.342   -0.396  0.88 13.97 ? 3   DG  B H21    1 
ATOM   285 H  H22    . DG  B 1 3 ? -0.637  1.875   0.004   0.88 13.97 ? 3   DG  B H22    1 
ATOM   286 P  P      . DC  B 1 4 ? -8.447  -3.075  2.999   1.00 24.17 ? 4   DC  B P      1 
ATOM   287 O  OP1    . DC  B 1 4 ? -9.586  -3.395  2.104   1.00 27.07 ? 4   DC  B OP1    1 
ATOM   288 O  OP2    . DC  B 1 4 ? -8.358  -3.514  4.414   1.00 26.13 ? 4   DC  B OP2    1 
ATOM   289 O  "O5'"  . DC  B 1 4 ? -7.083  -3.545  2.314   1.00 23.27 ? 4   DC  B "O5'"  1 
ATOM   290 C  "C5'"  . DC  B 1 4 ? -6.768  -3.141  0.992   1.00 23.60 ? 4   DC  B "C5'"  1 
ATOM   291 C  "C4'"  . DC  B 1 4 ? -5.367  -3.583  0.671   1.00 20.75 ? 4   DC  B "C4'"  1 
ATOM   292 O  "O4'"  . DC  B 1 4 ? -4.471  -2.725  1.410   1.00 18.72 ? 4   DC  B "O4'"  1 
ATOM   293 C  "C3'"  . DC  B 1 4 ? -5.072  -5.009  1.096   1.00 19.20 ? 4   DC  B "C3'"  1 
ATOM   294 O  "O3'"  . DC  B 1 4 ? -4.754  -5.753  -0.049  1.00 18.92 ? 4   DC  B "O3'"  1 
ATOM   295 C  "C2'"  . DC  B 1 4 ? -3.830  -4.851  1.984   1.00 18.96 ? 4   DC  B "C2'"  1 
ATOM   296 C  "C1'"  . DC  B 1 4 ? -3.328  -3.459  1.604   1.00 17.44 ? 4   DC  B "C1'"  1 
ATOM   297 N  N1     . DC  B 1 4 ? -2.444  -2.864  2.620   1.00 16.32 ? 4   DC  B N1     1 
ATOM   298 C  C2     . DC  B 1 4 ? -1.291  -2.246  2.160   1.00 16.26 ? 4   DC  B C2     1 
ATOM   299 O  O2     . DC  B 1 4 ? -1.118  -2.168  0.936   1.00 15.05 ? 4   DC  B O2     1 
ATOM   300 N  N3     . DC  B 1 4 ? -0.398  -1.732  3.050   1.00 16.32 ? 4   DC  B N3     1 
ATOM   301 C  C4     . DC  B 1 4 ? -0.677  -1.794  4.345   1.00 17.33 ? 4   DC  B C4     1 
ATOM   302 N  N4     . DC  B 1 4 ? 0.212   -1.334  5.208   1.00 18.28 ? 4   DC  B N4     1 
ATOM   303 C  C5     . DC  B 1 4 ? -1.871  -2.387  4.826   1.00 17.86 ? 4   DC  B C5     1 
ATOM   304 C  C6     . DC  B 1 4 ? -2.739  -2.896  3.946   1.00 17.30 ? 4   DC  B C6     1 
ATOM   305 H  "H5'"  . DC  B 1 4 ? -6.829  -2.166  0.924   1.00 28.32 ? 4   DC  B "H5'"  1 
ATOM   306 H  "H5''" . DC  B 1 4 ? -7.396  -3.555  0.364   1.00 28.32 ? 4   DC  B "H5''" 1 
ATOM   307 H  "H4'"  . DC  B 1 4 ? -5.202  -3.484  -0.290  1.00 24.89 ? 4   DC  B "H4'"  1 
ATOM   308 H  "H3'"  . DC  B 1 4 ? -5.821  -5.401  1.590   1.00 23.04 ? 4   DC  B "H3'"  1 
ATOM   309 H  "H2'"  . DC  B 1 4 ? -4.073  -4.885  2.933   1.00 22.75 ? 4   DC  B "H2'"  1 
ATOM   310 H  "H2''" . DC  B 1 4 ? -3.160  -5.533  1.770   1.00 22.75 ? 4   DC  B "H2''" 1 
ATOM   311 H  "H1'"  . DC  B 1 4 ? -2.840  -3.519  0.755   1.00 20.92 ? 4   DC  B "H1'"  1 
ATOM   312 H  H41    . DC  B 1 4 ? 0.026   -1.370  6.170   1.00 21.94 ? 4   DC  B H41    1 
ATOM   313 H  H42    . DC  B 1 4 ? 1.058   -0.957  4.887   1.00 21.94 ? 4   DC  B H42    1 
ATOM   314 H  H5     . DC  B 1 4 ? -2.034  -2.465  5.789   1.00 21.43 ? 4   DC  B H5     1 
ATOM   315 H  H6     . DC  B 1 4 ? -3.542  -3.363  4.261   1.00 20.76 ? 4   DC  B H6     1 
ATOM   316 P  P      . DA  B 1 5 ? -5.874  -6.558  -0.844  1.00 18.83 ? 5   DA  B P      1 
ATOM   317 O  OP1    . DA  B 1 5 ? -6.705  -5.604  -1.588  1.00 19.69 ? 5   DA  B OP1    1 
ATOM   318 O  OP2    . DA  B 1 5 ? -6.576  -7.463  0.064   1.00 20.17 ? 5   DA  B OP2    1 
ATOM   319 O  "O5'"  . DA  B 1 5 ? -4.955  -7.473  -1.763  1.00 18.71 ? 5   DA  B "O5'"  1 
ATOM   320 C  "C5'"  . DA  B 1 5 ? -4.188  -6.875  -2.773  1.00 18.28 ? 5   DA  B "C5'"  1 
ATOM   321 C  "C4'"  . DA  B 1 5 ? -2.961  -7.701  -3.055  1.00 17.12 ? 5   DA  B "C4'"  1 
ATOM   322 O  "O4'"  . DA  B 1 5 ? -2.075  -7.446  -1.940  1.00 16.92 ? 5   DA  B "O4'"  1 
ATOM   323 C  "C3'"  . DA  B 1 5 ? -3.182  -9.196  -3.108  1.00 17.34 ? 5   DA  B "C3'"  1 
ATOM   324 O  "O3'"  . DA  B 1 5 ? -2.308  -9.618  -4.113  1.00 18.70 ? 5   DA  B "O3'"  1 
ATOM   325 C  "C2'"  . DA  B 1 5 ? -2.714  -9.664  -1.757  1.00 17.22 ? 5   DA  B "C2'"  1 
ATOM   326 C  "C1'"  . DA  B 1 5 ? -1.598  -8.669  -1.470  1.00 16.00 ? 5   DA  B "C1'"  1 
ATOM   327 N  N9     . DA  B 1 5 ? -1.281  -8.532  -0.061  1.00 14.07 ? 5   DA  B N9     1 
ATOM   328 C  C8     . DA  B 1 5 ? -2.090  -8.620  1.043   1.00 15.52 ? 5   DA  B C8     1 
ATOM   329 N  N7     . DA  B 1 5 ? -1.464  -8.470  2.189   1.00 14.83 ? 5   DA  B N7     1 
ATOM   330 C  C5     . DA  B 1 5 ? -0.145  -8.300  1.810   1.00 14.04 ? 5   DA  B C5     1 
ATOM   331 C  C6     . DA  B 1 5 ? 1.049   -8.054  2.535   1.00 13.74 ? 5   DA  B C6     1 
ATOM   332 N  N6     . DA  B 1 5 ? 1.148   -8.050  3.880   1.00 14.15 ? 5   DA  B N6     1 
ATOM   333 N  N1     . DA  B 1 5 ? 2.195   -7.873  1.854   1.00 12.94 ? 5   DA  B N1     1 
ATOM   334 C  C2     . DA  B 1 5 ? 2.165   -7.944  0.516   1.00 13.74 ? 5   DA  B C2     1 
ATOM   335 N  N3     . DA  B 1 5 ? 1.114   -8.158  -0.277  1.00 13.41 ? 5   DA  B N3     1 
ATOM   336 C  C4     . DA  B 1 5 ? -0.020  -8.325  0.439   1.00 13.47 ? 5   DA  B C4     1 
ATOM   337 H  "H5'"  . DA  B 1 5 ? -3.916  -5.979  -2.485  1.00 21.94 ? 5   DA  B "H5'"  1 
ATOM   338 H  "H5''" . DA  B 1 5 ? -4.725  -6.804  -3.590  1.00 21.94 ? 5   DA  B "H5''" 1 
ATOM   339 H  "H4'"  . DA  B 1 5 ? -2.541  -7.397  -3.887  1.00 20.55 ? 5   DA  B "H4'"  1 
ATOM   340 H  "H3'"  . DA  B 1 5 ? -4.116  -9.431  -3.291  1.00 20.81 ? 5   DA  B "H3'"  1 
ATOM   341 H  "H2'"  . DA  B 1 5 ? -3.430  -9.589  -1.092  1.00 20.66 ? 5   DA  B "H2'"  1 
ATOM   342 H  "H2''" . DA  B 1 5 ? -2.366  -10.579 -1.802  1.00 20.66 ? 5   DA  B "H2''" 1 
ATOM   343 H  "H1'"  . DA  B 1 5 ? -0.793  -8.923  -1.968  1.00 19.20 ? 5   DA  B "H1'"  1 
ATOM   344 H  H8     . DA  B 1 5 ? -3.052  -8.798  0.983   1.00 18.62 ? 5   DA  B H8     1 
ATOM   345 H  H61    . DA  B 1 5 ? 0.348   -8.177  4.431   1.00 16.98 ? 5   DA  B H61    1 
ATOM   346 H  H62    . DA  B 1 5 ? 2.021   -7.920  4.306   1.00 16.98 ? 5   DA  B H62    1 
ATOM   347 H  H2     . DA  B 1 5 ? 3.025   -7.825  0.062   1.00 16.48 ? 5   DA  B H2     1 
ATOM   348 P  P      . DT  B 1 6 ? -2.446  -11.009 -4.869  1.00 20.42 ? 6   DT  B P      1 
ATOM   349 O  OP1    . DT  B 1 6 ? -2.945  -10.669 -6.224  1.00 23.52 ? 6   DT  B OP1    1 
ATOM   350 O  OP2    . DT  B 1 6 ? -3.163  -11.947 -4.025  1.00 22.18 ? 6   DT  B OP2    1 
ATOM   351 O  "O5'"  . DT  B 1 6 ? -0.930  -11.490 -4.972  1.00 19.29 ? 6   DT  B "O5'"  1 
ATOM   352 C  "C5'"  . DT  B 1 6 ? 0.039   -10.715 -5.697  1.00 17.94 ? 6   DT  B "C5'"  1 
ATOM   353 C  "C4'"  . DT  B 1 6 ? 1.412   -11.276 -5.448  1.00 16.08 ? 6   DT  B "C4'"  1 
ATOM   354 O  "O4'"  . DT  B 1 6 ? 1.692   -10.915 -4.078  1.00 14.69 ? 6   DT  B "O4'"  1 
ATOM   355 C  "C3'"  . DT  B 1 6 ? 1.591   -12.801 -5.534  1.00 15.62 ? 6   DT  B "C3'"  1 
ATOM   356 O  "O3'"  . DT  B 1 6 ? 2.854   -13.092 -6.164  1.00 16.19 ? 6   DT  B "O3'"  1 
ATOM   357 C  "C2'"  . DT  B 1 6 ? 1.553   -13.209 -4.060  1.00 14.55 ? 6   DT  B "C2'"  1 
ATOM   358 C  "C1'"  . DT  B 1 6 ? 2.201   -12.009 -3.376  1.00 13.97 ? 6   DT  B "C1'"  1 
ATOM   359 N  N1     . DT  B 1 6 ? 1.831   -11.855 -1.969  1.00 13.38 ? 6   DT  B N1     1 
ATOM   360 C  C2     . DT  B 1 6 ? 2.839   -11.398 -1.162  1.00 13.28 ? 6   DT  B C2     1 
ATOM   361 O  O2     . DT  B 1 6 ? 3.966   -11.084 -1.546  1.00 13.48 ? 6   DT  B O2     1 
ATOM   362 N  N3     . DT  B 1 6 ? 2.455   -11.254 0.151   1.00 13.02 ? 6   DT  B N3     1 
ATOM   363 C  C4     . DT  B 1 6 ? 1.238   -11.487 0.712   1.00 13.50 ? 6   DT  B C4     1 
ATOM   364 O  O4     . DT  B 1 6 ? 1.030   -11.371 1.919   1.00 13.32 ? 6   DT  B O4     1 
ATOM   365 C  C5     . DT  B 1 6 ? 0.221   -11.948 -0.225  1.00 13.77 ? 6   DT  B C5     1 
ATOM   366 C  C7     . DT  B 1 6 ? -1.167  -12.244 0.314   1.00 15.53 ? 6   DT  B C7     1 
ATOM   367 C  C6     . DT  B 1 6 ? 0.553   -12.098 -1.513  1.00 14.16 ? 6   DT  B C6     1 
ATOM   368 H  "H5'"  . DT  B 1 6 ? 0.006   -9.783  -5.395  1.00 21.52 ? 6   DT  B "H5'"  1 
ATOM   369 H  "H5''" . DT  B 1 6 ? -0.161  -10.755 -6.656  1.00 21.52 ? 6   DT  B "H5''" 1 
ATOM   370 H  "H4'"  . DT  B 1 6 ? 2.058   -10.836 -6.039  1.00 19.29 ? 6   DT  B "H4'"  1 
ATOM   371 H  "H3'"  . DT  B 1 6 ? 0.850   -13.210 -6.027  1.00 18.75 ? 6   DT  B "H3'"  1 
ATOM   372 H  "HO3'" . DT  B 1 6 ? 3.436   -12.360 -6.457  1.00 19.43 ? 6   DT  B "HO3'" 1 
ATOM   373 H  "H2'"  . DT  B 1 6 ? 0.629   -13.327 -3.755  1.00 17.46 ? 6   DT  B "H2'"  1 
ATOM   374 H  "H2''" . DT  B 1 6 ? 2.079   -14.022 -3.910  1.00 17.46 ? 6   DT  B "H2''" 1 
ATOM   375 H  "H1'"  . DT  B 1 6 ? 3.176   -12.049 -3.470  1.00 16.77 ? 6   DT  B "H1'"  1 
ATOM   376 H  H3     . DT  B 1 6 ? 3.150   -10.936 0.764   1.00 15.63 ? 6   DT  B H3     1 
ATOM   377 H  H71    . DT  B 1 6 ? -1.821  -11.667 -0.134  1.00 18.63 ? 6   DT  B H71    1 
ATOM   378 H  H72    . DT  B 1 6 ? -1.390  -13.183 0.145   1.00 18.63 ? 6   DT  B H72    1 
ATOM   379 H  H73    . DT  B 1 6 ? -1.187  -12.072 1.279   1.00 18.63 ? 6   DT  B H73    1 
ATOM   380 H  H6     . DT  B 1 6 ? -0.122  -12.423 -2.144  1.00 17.00 ? 6   DT  B H6     1 
HETATM 381 RU RU     . 0TN C 2 . ? 4.204   -3.748  -3.051  1.00 12.77 ? 101 0TN B RU     1 
HETATM 382 C  C1     . 0TN C 2 . ? 3.494   -3.666  -0.242  1.00 13.19 ? 101 0TN B C1     1 
HETATM 383 N  N1     . 0TN C 2 . ? 2.377   -4.214  -2.238  1.00 13.75 ? 101 0TN B N1     1 
HETATM 384 C  C2     . 0TN C 2 . ? 5.623   -2.757  -0.573  1.00 13.72 ? 101 0TN B C2     1 
HETATM 385 N  N2     . 0TN C 2 . ? 4.483   -3.266  -1.071  1.00 13.01 ? 101 0TN B N2     1 
HETATM 386 C  C3     . 0TN C 2 . ? 5.753   -2.631  0.818   1.00 14.38 ? 101 0TN B C3     1 
HETATM 387 N  N3     . 0TN C 2 . ? 2.578   -4.032  3.254   1.00 15.74 ? 101 0TN B N3     1 
HETATM 388 C  C4     . 0TN C 2 . ? 4.751   -3.047  1.708   1.00 14.73 ? 101 0TN B C4     1 
HETATM 389 N  N4     . 0TN C 2 . ? 0.291   -4.957  2.025   1.00 15.75 ? 101 0TN B N4     1 
HETATM 390 C  C5     . 0TN C 2 . ? 3.593   -3.582  1.150   1.00 13.56 ? 101 0TN B C5     1 
HETATM 391 N  N5     . 0TN C 2 . ? 3.492   -1.924  -3.674  1.00 12.22 ? 101 0TN B N5     1 
HETATM 392 C  C6     . 0TN C 2 . ? 2.502   -4.049  1.918   1.00 14.11 ? 101 0TN B C6     1 
HETATM 393 C  C7     . 0TN C 2 . ? 1.332   -4.515  1.292   1.00 14.27 ? 101 0TN B C7     1 
HETATM 394 C  C8     . 0TN C 2 . ? 1.257   -4.593  -0.118  1.00 14.21 ? 101 0TN B C8     1 
HETATM 395 N  N8     . 0TN C 2 . ? 3.701   -4.137  -4.985  1.00 12.93 ? 101 0TN B N8     1 
HETATM 396 C  C9     . 0TN C 2 . ? 0.138   -5.034  -0.799  1.00 14.67 ? 101 0TN B C9     1 
HETATM 397 N  N9     . 0TN C 2 . ? 5.065   -5.585  -2.648  1.00 13.15 ? 101 0TN B N9     1 
HETATM 398 C  C10    . 0TN C 2 . ? 2.357   -4.178  -0.872  1.00 13.21 ? 101 0TN B C10    1 
HETATM 399 C  C11    . 0TN C 2 . ? 0.144   -5.049  -2.184  1.00 14.85 ? 101 0TN B C11    1 
HETATM 400 C  C12    . 0TN C 2 . ? 1.272   -4.631  -2.892  1.00 13.47 ? 101 0TN B C12    1 
HETATM 401 N  N12    . 0TN C 2 . ? 6.133   -3.375  -3.536  1.00 13.33 ? 101 0TN B N12    1 
HETATM 402 C  C13    . 0TN C 2 . ? 0.384   -4.963  3.370   1.00 16.20 ? 101 0TN B C13    1 
HETATM 403 C  C14    . 0TN C 2 . ? -0.686  -5.415  4.167   1.00 17.37 ? 101 0TN B C14    1 
HETATM 404 C  C15    . 0TN C 2 . ? 1.520   -4.464  3.996   1.00 16.24 ? 101 0TN B C15    1 
HETATM 405 C  C16    . 0TN C 2 . ? 1.613   -4.477  5.394   1.00 18.77 ? 101 0TN B C16    1 
HETATM 406 C  C17    . 0TN C 2 . ? 0.558   -4.918  6.181   1.00 19.37 ? 101 0TN B C17    1 
HETATM 407 C  C18    . 0TN C 2 . ? -0.582  -5.385  5.562   1.00 18.00 ? 101 0TN B C18    1 
HETATM 408 C  C19    . 0TN C 2 . ? 3.074   -1.885  -4.980  1.00 12.81 ? 101 0TN B C19    1 
HETATM 409 C  C20    . 0TN C 2 . ? 3.404   -0.803  -2.949  1.00 12.53 ? 101 0TN B C20    1 
HETATM 410 C  C21    . 0TN C 2 . ? 2.917   0.388   -3.506  1.00 13.01 ? 101 0TN B C21    1 
HETATM 411 C  C22    . 0TN C 2 . ? 2.565   -0.751  -5.607  1.00 13.53 ? 101 0TN B C22    1 
HETATM 412 C  C23    . 0TN C 2 . ? 2.172   -0.795  -6.961  1.00 14.63 ? 101 0TN B C23    1 
HETATM 413 C  C24    . 0TN C 2 . ? 2.303   -1.984  -7.671  1.00 15.14 ? 101 0TN B C24    1 
HETATM 414 C  C25    . 0TN C 2 . ? 2.817   -3.138  -7.031  1.00 14.20 ? 101 0TN B C25    1 
HETATM 415 C  C26    . 0TN C 2 . ? 3.224   -3.074  -5.710  1.00 13.01 ? 101 0TN B C26    1 
HETATM 416 C  C27    . 0TN C 2 . ? 3.486   -5.441  -6.948  1.00 15.31 ? 101 0TN B C27    1 
HETATM 417 C  C28    . 0TN C 2 . ? 3.876   -5.331  -5.610  1.00 14.25 ? 101 0TN B C28    1 
HETATM 418 C  C29    . 0TN C 2 . ? 6.400   -5.591  -2.824  1.00 13.34 ? 101 0TN B C29    1 
HETATM 419 C  C30    . 0TN C 2 . ? 4.463   -6.714  -2.204  1.00 14.08 ? 101 0TN B C30    1 
HETATM 420 C  C31    . 0TN C 2 . ? 5.208   -7.867  -1.926  1.00 14.99 ? 101 0TN B C31    1 
HETATM 421 C  C32    . 0TN C 2 . ? 7.230   -6.708  -2.568  1.00 14.42 ? 101 0TN B C32    1 
HETATM 422 C  C33    . 0TN C 2 . ? 8.637   -6.632  -2.789  1.00 14.92 ? 101 0TN B C33    1 
HETATM 423 C  C34    . 0TN C 2 . ? 9.185   -5.456  -3.268  1.00 15.46 ? 101 0TN B C34    1 
HETATM 424 C  C35    . 0TN C 2 . ? 8.369   -4.336  -3.537  1.00 14.24 ? 101 0TN B C35    1 
HETATM 425 C  C36    . 0TN C 2 . ? 6.974   -4.414  -3.321  1.00 13.66 ? 101 0TN B C36    1 
HETATM 426 C  C37    . 0TN C 2 . ? 7.999   -2.102  -4.301  1.00 14.29 ? 101 0TN B C37    1 
HETATM 427 C  C38    . 0TN C 2 . ? 6.640   -2.232  -4.050  1.00 13.57 ? 101 0TN B C38    1 
HETATM 428 C  C41    . 0TN C 2 . ? 2.488   0.407   -4.831  1.00 13.57 ? 101 0TN B C41    1 
HETATM 429 C  C42    . 0TN C 2 . ? 2.965   -4.375  -7.673  1.00 15.43 ? 101 0TN B C42    1 
HETATM 430 C  C43    . 0TN C 2 . ? 6.591   -7.878  -2.116  1.00 14.78 ? 101 0TN B C43    1 
HETATM 431 C  C44    . 0TN C 2 . ? 8.879   -3.127  -4.018  1.00 14.42 ? 101 0TN B C44    1 
HETATM 432 H  H1     . 0TN C 2 . ? 6.428   -2.457  -1.232  1.00 16.46 ? 101 0TN B H1     1 
HETATM 433 H  H2     . 0TN C 2 . ? 6.705   -2.309  1.223   1.00 17.25 ? 101 0TN B H2     1 
HETATM 434 H  H3     . 0TN C 2 . ? 4.913   -3.047  2.779   1.00 17.67 ? 101 0TN B H3     1 
HETATM 435 H  H4     . 0TN C 2 . ? -0.699  -5.454  -0.254  1.00 17.60 ? 101 0TN B H4     1 
HETATM 436 H  H5     . 0TN C 2 . ? -0.693  -5.481  -2.717  1.00 17.82 ? 101 0TN B H5     1 
HETATM 437 H  H6     . 0TN C 2 . ? 1.270   -4.668  -3.974  1.00 16.16 ? 101 0TN B H6     1 
HETATM 438 H  H7     . 0TN C 2 . ? -1.592  -5.782  3.699   1.00 20.84 ? 101 0TN B H7     1 
HETATM 439 H  H8     . 0TN C 2 . ? 2.480   -4.036  5.870   1.00 22.53 ? 101 0TN B H8     1 
HETATM 440 H  H9     . 0TN C 2 . ? 0.596   -4.814  7.258   1.00 23.24 ? 101 0TN B H9     1 
HETATM 441 H  H10    . 0TN C 2 . ? -1.430  -5.684  6.166   1.00 21.60 ? 101 0TN B H10    1 
HETATM 442 H  H11    . 0TN C 2 . ? 3.724   -0.814  -1.914  1.00 15.03 ? 101 0TN B H11    1 
HETATM 443 H  H12    . 0TN C 2 . ? 2.835   1.279   -2.896  1.00 15.62 ? 101 0TN B H12    1 
HETATM 444 H  H13    . 0TN C 2 . ? 1.779   0.091   -7.446  1.00 17.55 ? 101 0TN B H13    1 
HETATM 445 H  H14    . 0TN C 2 . ? 1.992   -2.033  -8.707  1.00 18.17 ? 101 0TN B H14    1 
HETATM 446 H  H15    . 0TN C 2 . ? 3.605   -6.397  -7.445  1.00 18.37 ? 101 0TN B H15    1 
HETATM 447 H  H16    . 0TN C 2 . ? 4.270   -6.186  -5.075  1.00 17.10 ? 101 0TN B H16    1 
HETATM 448 H  H17    . 0TN C 2 . ? 3.397   -6.710  -2.018  1.00 16.90 ? 101 0TN B H17    1 
HETATM 449 H  H18    . 0TN C 2 . ? 4.713   -8.743  -1.526  1.00 17.99 ? 101 0TN B H18    1 
HETATM 450 H  H19    . 0TN C 2 . ? 9.265   -7.497  -2.614  1.00 17.90 ? 101 0TN B H19    1 
HETATM 451 H  H20    . 0TN C 2 . ? 10.249  -5.403  -3.465  1.00 18.55 ? 101 0TN B H20    1 
HETATM 452 H  H21    . 0TN C 2 . ? 8.387   -1.146  -4.628  1.00 17.14 ? 101 0TN B H21    1 
HETATM 453 H  H22    . 0TN C 2 . ? 5.988   -1.379  -4.197  1.00 16.28 ? 101 0TN B H22    1 
HETATM 454 H  H23    . 0TN C 2 . ? 2.100   1.322   -5.261  1.00 16.28 ? 101 0TN B H23    1 
HETATM 455 H  H24    . 0TN C 2 . ? 2.683   -4.496  -8.711  1.00 18.52 ? 101 0TN B H24    1 
HETATM 456 H  H25    . 0TN C 2 . ? 7.169   -8.762  -1.880  1.00 17.73 ? 101 0TN B H25    1 
HETATM 457 H  H26    . 0TN C 2 . ? 9.937   -3.017  -4.224  1.00 17.30 ? 101 0TN B H26    1 
HETATM 458 RU RU     . RKP D 3 . ? -5.068  4.322   -3.201  1.00 14.76 ? 102 RKP B RU     1 
HETATM 459 C  C1     . RKP D 3 . ? -4.191  4.164   -0.459  1.00 13.64 ? 102 RKP B C1     1 
HETATM 460 N  N1     . RKP D 3 . ? -3.156  4.775   -2.497  1.00 13.05 ? 102 RKP B N1     1 
HETATM 461 C  C2     . RKP D 3 . ? -6.350  3.345   -0.625  1.00 15.81 ? 102 RKP B C2     1 
HETATM 462 N  N2     . RKP D 3 . ? -5.248  3.806   -1.213  1.00 14.56 ? 102 RKP B N2     1 
HETATM 463 C  C3     . RKP D 3 . ? -6.418  3.172   0.768   1.00 18.05 ? 102 RKP B C3     1 
HETATM 464 N  N3     . RKP D 3 . ? -2.958  4.297   3.009   1.00 15.42 ? 102 RKP B N3     1 
HETATM 465 C  C4     . RKP D 3 . ? -5.317  3.518   1.555   1.00 17.02 ? 102 RKP B C4     1 
HETATM 466 N  N4     . RKP D 3 . ? -0.756  5.270   1.616   1.00 14.52 ? 102 RKP B N4     1 
HETATM 467 C  C5     . RKP D 3 . ? -4.170  4.032   0.937   1.00 14.81 ? 102 RKP B C5     1 
HETATM 468 N  N5     . RKP D 3 . ? -4.729  5.137   -5.061  1.00 15.64 ? 102 RKP B N5     1 
HETATM 469 C  C6     . RKP D 3 . ? -2.999  4.413   1.648   1.00 14.57 ? 102 RKP B C6     1 
HETATM 470 C  C7     . RKP D 3 . ? -1.866  4.886   0.951   1.00 13.84 ? 102 RKP B C7     1 
HETATM 471 C  C8     . RKP D 3 . ? -1.871  5.013   -0.456  1.00 12.69 ? 102 RKP B C8     1 
HETATM 472 N  N8     . RKP D 3 . ? -5.607  6.289   -2.910  1.00 16.99 ? 102 RKP B N8     1 
HETATM 473 C  C9     . RKP D 3 . ? -0.772  5.455   -1.186  1.00 12.93 ? 102 RKP B C9     1 
HETATM 474 N  N9     . RKP D 3 . ? -4.682  2.390   -3.728  1.00 14.76 ? 102 RKP B N9     1 
HETATM 475 C  C10    . RKP D 3 . ? -3.045  4.636   -1.154  1.00 13.18 ? 102 RKP B C10    1 
HETATM 476 C  C11    . RKP D 3 . ? -0.900  5.561   -2.553  1.00 12.85 ? 102 RKP B C11    1 
HETATM 477 C  C12    . RKP D 3 . ? -2.105  5.206   -3.201  1.00 12.87 ? 102 RKP B C12    1 
HETATM 478 N  N12    . RKP D 3 . ? -6.926  3.692   -3.813  1.00 16.36 ? 102 RKP B N12    1 
HETATM 479 C  C13    . RKP D 3 . ? -0.737  5.129   2.956   1.00 15.09 ? 102 RKP B C13    1 
HETATM 480 C  C14    . RKP D 3 . ? 0.406   5.537   3.671   1.00 16.11 ? 102 RKP B C14    1 
HETATM 481 C  C15    . RKP D 3 . ? -1.853  4.672   3.654   1.00 15.51 ? 102 RKP B C15    1 
HETATM 482 C  C16    . RKP D 3 . ? -1.807  4.581   5.065   1.00 17.07 ? 102 RKP B C16    1 
HETATM 483 C  C17    . RKP D 3 . ? -0.660  4.942   5.763   1.00 17.66 ? 102 RKP B C17    1 
HETATM 484 C  C18    . RKP D 3 . ? 0.452   5.403   5.058   1.00 17.59 ? 102 RKP B C18    1 
HETATM 485 C  C19    . RKP D 3 . ? -4.994  6.477   -5.125  1.00 16.70 ? 102 RKP B C19    1 
HETATM 486 C  C20    . RKP D 3 . ? -4.259  4.532   -6.168  1.00 15.70 ? 102 RKP B C20    1 
HETATM 487 C  C21    . RKP D 3 . ? -4.091  5.255   -7.373  1.00 17.16 ? 102 RKP B C21    1 
HETATM 488 C  C22    . RKP D 3 . ? -4.863  7.243   -6.275  1.00 17.99 ? 102 RKP B C22    1 
HETATM 489 C  C23    . RKP D 3 . ? -5.188  8.611   -6.290  1.00 19.36 ? 102 RKP B C23    1 
HETATM 490 C  C24    . RKP D 3 . ? -5.675  9.216   -5.136  1.00 20.46 ? 102 RKP B C24    1 
HETATM 491 C  C25    . RKP D 3 . ? -5.813  8.436   -3.976  1.00 19.64 ? 102 RKP B C25    1 
HETATM 492 C  C26    . RKP D 3 . ? -5.480  7.079   -3.983  1.00 18.03 ? 102 RKP B C26    1 
HETATM 493 C  C27    . RKP D 3 . ? -6.422  8.161   -1.671  1.00 19.88 ? 102 RKP B C27    1 
HETATM 494 C  C28    . RKP D 3 . ? -6.065  6.817   -1.766  1.00 18.36 ? 102 RKP B C28    1 
HETATM 495 C  C29    . RKP D 3 . ? -5.762  1.707   -4.172  1.00 14.74 ? 102 RKP B C29    1 
HETATM 496 C  C30    . RKP D 3 . ? -3.500  1.797   -3.676  1.00 14.18 ? 102 RKP B C30    1 
HETATM 497 C  C31    . RKP D 3 . ? -3.368  0.476   -4.122  1.00 15.38 ? 102 RKP B C31    1 
HETATM 498 C  C32    . RKP D 3 . ? -5.713  0.390   -4.599  1.00 15.86 ? 102 RKP B C32    1 
HETATM 499 C  C33    . RKP D 3 . ? -6.889  -0.258  -5.032  1.00 16.93 ? 102 RKP B C33    1 
HETATM 500 C  C34    . RKP D 3 . ? -8.086  0.437   -5.057  1.00 17.52 ? 102 RKP B C34    1 
HETATM 501 C  C35    . RKP D 3 . ? -8.136  1.773   -4.623  1.00 16.98 ? 102 RKP B C35    1 
HETATM 502 C  C36    . RKP D 3 . ? -6.954  2.414   -4.225  1.00 15.53 ? 102 RKP B C36    1 
HETATM 503 C  C37    . RKP D 3 . ? -9.274  3.836   -4.231  1.00 18.55 ? 102 RKP B C37    1 
HETATM 504 C  C38    . RKP D 3 . ? -8.066  4.408   -3.800  1.00 18.20 ? 102 RKP B C38    1 
HETATM 505 C  C41    . RKP D 3 . ? -4.378  6.605   -7.397  1.00 17.48 ? 102 RKP B C41    1 
HETATM 506 C  C42    . RKP D 3 . ? -6.291  8.962   -2.795  1.00 20.03 ? 102 RKP B C42    1 
HETATM 507 C  C43    . RKP D 3 . ? -4.469  -0.262  -4.548  1.00 15.98 ? 102 RKP B C43    1 
HETATM 508 C  C44    . RKP D 3 . ? -9.309  2.514   -4.655  1.00 17.64 ? 102 RKP B C44    1 
HETATM 509 H  H2     . RKP D 3 . ? -7.216  3.107   -1.231  1.00 18.97 ? 102 RKP B H2     1 
HETATM 510 H  H3     . RKP D 3 . ? -7.335  2.830   1.232   1.00 21.66 ? 102 RKP B H3     1 
HETATM 511 H  H4     . RKP D 3 . ? -5.368  3.435   2.634   1.00 20.43 ? 102 RKP B H4     1 
HETATM 512 H  H9     . RKP D 3 . ? 0.120   5.809   -0.685  1.00 15.52 ? 102 RKP B H9     1 
HETATM 513 H  H11    . RKP D 3 . ? -0.081  5.965   -3.136  1.00 15.42 ? 102 RKP B H11    1 
HETATM 514 H  H12    . RKP D 3 . ? -2.179  5.286   -4.278  1.00 15.44 ? 102 RKP B H12    1 
HETATM 515 H  H14    . RKP D 3 . ? 1.280   5.883   3.134   1.00 19.34 ? 102 RKP B H14    1 
HETATM 516 H  H16    . RKP D 3 . ? -2.654  4.173   5.603   1.00 20.48 ? 102 RKP B H16    1 
HETATM 517 H  H17    . RKP D 3 . ? -0.614  4.821   6.838   1.00 21.20 ? 102 RKP B H17    1 
HETATM 518 H  H18    . RKP D 3 . ? 1.353   5.677   5.595   1.00 21.11 ? 102 RKP B H18    1 
HETATM 519 H  H20    . RKP D 3 . ? -4.013  3.478   -6.138  1.00 18.84 ? 102 RKP B H20    1 
HETATM 520 H  H21    . RKP D 3 . ? -3.704  4.763   -8.256  1.00 20.59 ? 102 RKP B H21    1 
HETATM 521 H  H23    . RKP D 3 . ? -5.063  9.191   -7.197  1.00 23.24 ? 102 RKP B H23    1 
HETATM 522 H  H24    . RKP D 3 . ? -5.918  10.272  -5.125  1.00 24.55 ? 102 RKP B H24    1 
HETATM 523 H  H27    . RKP D 3 . ? -6.785  8.573   -0.737  1.00 23.86 ? 102 RKP B H27    1 
HETATM 524 H  H28    . RKP D 3 . ? -6.171  6.180   -0.896  1.00 22.04 ? 102 RKP B H28    1 
HETATM 525 H  H30    . RKP D 3 . ? -2.630  2.348   -3.342  1.00 17.02 ? 102 RKP B H30    1 
HETATM 526 H  H31    . RKP D 3 . ? -2.404  -0.011  -4.046  1.00 18.46 ? 102 RKP B H31    1 
HETATM 527 H  H33    . RKP D 3 . ? -6.852  -1.290  -5.358  1.00 20.32 ? 102 RKP B H33    1 
HETATM 528 H  H34    . RKP D 3 . ? -8.989  -0.053  -5.401  1.00 21.02 ? 102 RKP B H34    1 
HETATM 529 H  H37    . RKP D 3 . ? -10.183 4.425   -4.223  1.00 22.25 ? 102 RKP B H37    1 
HETATM 530 H  H38    . RKP D 3 . ? -8.049  5.438   -3.466  1.00 21.85 ? 102 RKP B H38    1 
HETATM 531 H  H41    . RKP D 3 . ? -4.256  7.162   -8.319  1.00 20.97 ? 102 RKP B H41    1 
HETATM 532 H  H42    . RKP D 3 . ? -6.547  10.013  -2.739  1.00 24.03 ? 102 RKP B H42    1 
HETATM 533 H  H43    . RKP D 3 . ? -4.366  -1.295  -4.853  1.00 19.17 ? 102 RKP B H43    1 
HETATM 534 H  H44    . RKP D 3 . ? -10.238 2.064   -4.984  1.00 21.17 ? 102 RKP B H44    1 
HETATM 535 K  K      . K   E 4 . ? -11.107 -5.415  1.144   0.58 15.40 ? 103 K   B K      1 
HETATM 536 O  O      . HOH F 5 . ? 1.993   3.412   -7.108  1.00 15.93 ? 101 HOH A O      1 
HETATM 537 O  O      . HOH F 5 . ? -0.224  1.968   -3.018  1.00 13.42 ? 102 HOH A O      1 
HETATM 538 O  O      . HOH F 5 . ? 4.052   -10.467 7.468   1.00 21.32 ? 103 HOH A O      1 
HETATM 539 O  O      . HOH F 5 . ? -0.162  -0.817  -2.818  1.00 14.12 ? 104 HOH A O      1 
HETATM 540 O  O      . HOH F 5 . ? 5.730   0.349   -6.086  1.00 17.69 ? 105 HOH A O      1 
HETATM 541 O  O      . HOH F 5 . ? -2.846  6.779   -10.687 1.00 22.27 ? 106 HOH A O      1 
HETATM 542 O  O      . HOH F 5 . ? 4.308   1.981   -7.715  1.00 19.91 ? 107 HOH A O      1 
HETATM 543 O  O      . HOH F 5 . ? 8.819   -9.366  0.071   1.00 27.32 ? 108 HOH A O      1 
HETATM 544 O  O      . HOH F 5 . ? 15.417  -6.876  5.568   1.00 34.10 ? 109 HOH A O      1 
HETATM 545 O  O      . HOH F 5 . ? 8.182   -12.959 2.505   1.00 32.16 ? 110 HOH A O      1 
HETATM 546 O  O      . HOH F 5 . ? 1.518   -11.048 6.446   1.00 24.38 ? 111 HOH A O      1 
HETATM 547 O  O      . HOH F 5 . ? 6.386   7.825   -6.204  1.00 36.07 ? 112 HOH A O      1 
HETATM 548 O  O      . HOH F 5 . ? 7.111   -1.839  4.289   1.00 44.94 ? 113 HOH A O      1 
HETATM 549 O  O      . HOH F 5 . ? 6.482   6.165   -0.929  1.00 28.22 ? 114 HOH A O      1 
HETATM 550 O  O      . HOH F 5 . ? 2.951   -7.897  7.672   1.00 23.04 ? 115 HOH A O      1 
HETATM 551 O  O      . HOH F 5 . ? 13.154  -4.028  4.508   1.00 39.65 ? 116 HOH A O      1 
HETATM 552 O  O      . HOH F 5 . ? 8.648   -12.519 7.827   1.00 32.27 ? 117 HOH A O      1 
HETATM 553 O  O      . HOH F 5 . ? 3.186   0.657   6.671   1.00 36.39 ? 118 HOH A O      1 
HETATM 554 O  O      . HOH F 5 . ? -7.551  12.400  -4.571  1.00 35.85 ? 119 HOH A O      1 
HETATM 555 O  O      . HOH F 5 . ? 4.441   -2.668  5.411   1.00 36.74 ? 120 HOH A O      1 
HETATM 556 O  O      . HOH F 5 . ? 11.192  -10.390 0.199   1.00 42.53 ? 121 HOH A O      1 
HETATM 557 O  O      . HOH F 5 . ? 3.547   -5.840  9.221   1.00 28.69 ? 122 HOH A O      1 
HETATM 558 O  O      . HOH F 5 . ? 11.323  -14.194 2.573   1.00 41.67 ? 123 HOH A O      1 
HETATM 559 O  O      . HOH F 5 . ? 4.754   4.287   5.184   1.00 37.03 ? 124 HOH A O      1 
HETATM 560 O  O      . HOH F 5 . ? 9.124   -3.884  5.994   1.00 41.90 ? 125 HOH A O      1 
HETATM 561 O  O      . HOH F 5 . ? 11.898  -9.645  7.689   1.00 32.32 ? 126 HOH A O      1 
HETATM 562 O  O      . HOH F 5 . ? 3.689   1.232   -10.354 1.00 38.07 ? 127 HOH A O      1 
HETATM 563 O  O      . HOH F 5 . ? 11.766  -1.184  -3.638  1.00 44.36 ? 128 HOH A O      1 
HETATM 564 O  O      . HOH F 5 . ? 9.584   -0.660  3.179   1.00 40.73 ? 129 HOH A O      1 
HETATM 565 O  O      . HOH F 5 . ? 7.495   5.636   -7.016  1.00 34.43 ? 130 HOH A O      1 
HETATM 566 O  O      . HOH F 5 . ? -0.216  3.181   -5.460  1.00 16.08 ? 131 HOH A O      1 
HETATM 567 O  O      . HOH F 5 . ? -0.449  -2.270  -5.180  1.00 16.58 ? 132 HOH A O      1 
HETATM 568 O  O      . HOH F 5 . ? 14.483  -11.078 4.556   1.00 37.26 ? 133 HOH A O      1 
HETATM 569 O  O      . HOH F 5 . ? -7.433  10.470  -8.426  1.00 35.30 ? 134 HOH A O      1 
HETATM 570 O  O      . HOH F 5 . ? -0.389  14.336  -6.162  1.00 22.41 ? 135 HOH A O      1 
HETATM 571 O  O      . HOH F 5 . ? 9.106   3.034   1.603   1.00 30.45 ? 136 HOH A O      1 
HETATM 572 O  O      . HOH F 5 . ? 10.692  -9.163  9.933   1.00 27.68 ? 137 HOH A O      1 
HETATM 573 O  O      . HOH F 5 . ? -6.865  13.131  -1.678  1.00 34.37 ? 138 HOH A O      1 
HETATM 574 O  O      . HOH F 5 . ? 7.669   -13.069 0.085   1.00 34.09 ? 139 HOH A O      1 
HETATM 575 O  O      . HOH F 5 . ? 12.628  -4.786  -1.372  1.00 40.70 ? 140 HOH A O      1 
HETATM 576 O  O      . HOH F 5 . ? 7.684   -13.113 4.297   1.00 39.06 ? 141 HOH A O      1 
HETATM 577 O  O      . HOH F 5 . ? 5.519   4.429   -8.055  1.00 35.30 ? 142 HOH A O      1 
HETATM 578 O  O      . HOH G 5 . ? -11.087 -4.095  5.190   1.00 15.72 ? 201 HOH B O      1 
HETATM 579 O  O      . HOH G 5 . ? -5.272  -9.438  1.391   1.00 21.35 ? 202 HOH B O      1 
HETATM 580 O  O      . HOH G 5 . ? -0.411  11.606  5.241   1.00 17.06 ? 203 HOH B O      1 
HETATM 581 O  O      . HOH G 5 . ? -2.420  -1.580  -1.374  1.00 15.83 ? 204 HOH B O      1 
HETATM 582 O  O      . HOH G 5 . ? -5.250  15.198  6.881   1.00 34.31 ? 205 HOH B O      1 
HETATM 583 O  O      . HOH G 5 . ? 1.720   -8.247  -3.121  1.00 16.19 ? 206 HOH B O      1 
HETATM 584 O  O      . HOH G 5 . ? 0.525   9.033   5.403   1.00 20.14 ? 207 HOH B O      1 
HETATM 585 O  O      . HOH G 5 . ? -3.344  -3.468  -3.010  1.00 25.19 ? 208 HOH B O      1 
HETATM 586 O  O      . HOH G 5 . ? -4.207  0.411   -0.575  1.00 17.16 ? 209 HOH B O      1 
HETATM 587 O  O      . HOH G 5 . ? -11.205 -1.230  4.812   0.72 35.01 ? 210 HOH B O      1 
HETATM 588 O  O      . HOH G 5 . ? 0.624   -10.872 -9.036  1.00 29.33 ? 211 HOH B O      1 
HETATM 589 O  O      . HOH G 5 . ? -6.343  -3.364  -2.977  1.00 29.81 ? 212 HOH B O      1 
HETATM 590 O  O      . HOH G 5 . ? 1.137   2.117   7.036   1.00 29.71 ? 213 HOH B O      1 
HETATM 591 O  O      . HOH G 5 . ? -8.281  9.984   1.671   1.00 38.24 ? 214 HOH B O      1 
HETATM 592 O  O      . HOH G 5 . ? -1.811  -13.940 -2.747  1.00 30.09 ? 215 HOH B O      1 
HETATM 593 O  O      . HOH G 5 . ? -8.727  -6.980  1.594   1.00 42.16 ? 216 HOH B O      1 
HETATM 594 O  O      . HOH G 5 . ? -1.427  1.312   8.028   1.00 40.40 ? 217 HOH B O      1 
HETATM 595 O  O      . HOH G 5 . ? -2.711  -15.627 -0.476  1.00 29.77 ? 218 HOH B O      1 
HETATM 596 O  O      . HOH G 5 . ? -5.788  14.788  11.003  1.00 46.08 ? 219 HOH B O      1 
HETATM 597 O  O      . HOH G 5 . ? -5.002  -4.838  5.370   1.00 39.47 ? 220 HOH B O      1 
HETATM 598 O  O      . HOH G 5 . ? -0.183  -1.815  8.063   1.00 30.50 ? 221 HOH B O      1 
HETATM 599 O  O      . HOH G 5 . ? -6.963  -6.898  3.325   1.00 37.15 ? 222 HOH B O      1 
HETATM 600 O  O      . HOH G 5 . ? -4.671  4.401   7.779   1.00 45.82 ? 223 HOH B O      1 
HETATM 601 O  O      . HOH G 5 . ? 4.205   -15.233 -5.016  1.00 37.84 ? 224 HOH B O      1 
HETATM 602 O  O      . HOH G 5 . ? -0.836  -15.958 -4.444  1.00 36.69 ? 225 HOH B O      1 
HETATM 603 O  O      . HOH G 5 . ? -4.777  -13.880 -5.580  1.00 43.04 ? 226 HOH B O      1 
HETATM 604 O  O      . HOH G 5 . ? -0.098  8.670   8.101   1.00 36.04 ? 227 HOH B O      1 
HETATM 605 O  O      . HOH G 5 . ? 0.050   -8.187  8.464   1.00 23.39 ? 228 HOH B O      1 
HETATM 606 O  O      . HOH G 5 . ? -6.784  -0.201  -1.276  1.00 30.98 ? 229 HOH B O      1 
HETATM 607 O  O      . HOH G 5 . ? 2.249   -8.896  -8.235  1.00 20.07 ? 230 HOH B O      1 
HETATM 608 O  O      . HOH G 5 . ? 2.875   -7.122  -10.374 1.00 18.70 ? 231 HOH B O      1 
HETATM 609 O  O      . HOH G 5 . ? 1.154   -5.092  -11.136 1.00 34.35 ? 232 HOH B O      1 
HETATM 610 O  O      . HOH G 5 . ? -0.802  -5.927  9.809   1.00 31.97 ? 233 HOH B O      1 
HETATM 611 O  O      . HOH G 5 . ? -0.132  -4.684  -6.184  1.00 28.21 ? 234 HOH B O      1 
HETATM 612 O  O      . HOH G 5 . ? 2.505   -2.887  -11.021 1.00 23.68 ? 235 HOH B O      1 
HETATM 613 O  O      . HOH G 5 . ? -3.547  13.777  7.868   1.00 28.47 ? 236 HOH B O      1 
HETATM 614 O  O      . HOH G 5 . ? -0.533  -8.921  6.228   1.00 27.89 ? 237 HOH B O      1 
HETATM 615 O  O      . HOH G 5 . ? -0.534  -4.973  -8.753  1.00 32.09 ? 238 HOH B O      1 
HETATM 616 O  O      . HOH G 5 . ? -9.187  1.338   -1.030  1.00 36.79 ? 239 HOH B O      1 
HETATM 617 O  O      . HOH G 5 . ? 0.039   -6.774  -4.896  1.00 27.11 ? 240 HOH B O      1 
HETATM 618 O  O      . HOH G 5 . ? -10.405 -5.980  3.991   1.00 43.28 ? 241 HOH B O      1 
HETATM 619 O  O      . HOH G 5 . ? -10.875 -0.327  -2.967  1.00 35.89 ? 242 HOH B O      1 
HETATM 620 O  O      . HOH G 5 . ? 1.249   -7.377  -5.769  1.00 26.77 ? 243 HOH B O      1 
HETATM 621 O  O      . HOH G 5 . ? -0.440  5.891   9.252   1.00 36.97 ? 244 HOH B O      1 
HETATM 622 O  O      . HOH G 5 . ? -9.528  -5.030  -0.891  1.00 30.08 ? 245 HOH B O      1 
HETATM 623 O  O      . HOH G 5 . ? -1.672  -3.747  9.065   1.00 30.09 ? 246 HOH B O      1 
HETATM 624 O  O      . HOH G 5 . ? -8.476  3.396   7.188   1.00 29.98 ? 247 HOH B O      1 
HETATM 625 O  O      . HOH G 5 . ? -11.069 -7.581  -0.615  0.50 30.02 ? 248 HOH B O      1 
HETATM 626 O  O      . HOH G 5 . ? -1.876  -11.994 -8.467  1.00 30.06 ? 249 HOH B O      1 
HETATM 627 O  O      . HOH G 5 . ? 1.905   4.591   8.126   1.00 30.07 ? 250 HOH B O      1 
HETATM 628 O  O      . HOH G 5 . ? -4.134  11.094  8.718   1.00 30.11 ? 251 HOH B O      1 
HETATM 629 O  O      . HOH G 5 . ? -6.568  -9.171  -4.587  1.00 30.18 ? 252 HOH B O      1 
HETATM 630 O  O      . HOH G 5 . ? -9.152  5.647   -0.074  1.00 30.14 ? 253 HOH B O      1 
# 
loop_
_atom_site_anisotrop.id 
_atom_site_anisotrop.type_symbol 
_atom_site_anisotrop.pdbx_label_atom_id 
_atom_site_anisotrop.pdbx_label_alt_id 
_atom_site_anisotrop.pdbx_label_comp_id 
_atom_site_anisotrop.pdbx_label_asym_id 
_atom_site_anisotrop.pdbx_label_seq_id 
_atom_site_anisotrop.pdbx_PDB_ins_code 
_atom_site_anisotrop.U[1][1] 
_atom_site_anisotrop.U[2][2] 
_atom_site_anisotrop.U[3][3] 
_atom_site_anisotrop.U[1][2] 
_atom_site_anisotrop.U[1][3] 
_atom_site_anisotrop.U[2][3] 
_atom_site_anisotrop.pdbx_auth_seq_id 
_atom_site_anisotrop.pdbx_auth_comp_id 
_atom_site_anisotrop.pdbx_auth_asym_id 
_atom_site_anisotrop.pdbx_auth_atom_id 
1   O  "O5'" . DA  A 1 ? 0.3752 0.4402 0.3572 0.0761  -0.0305 0.0411  1   DA  A "O5'" 
2   C  "C5'" . DA  A 1 ? 0.3524 0.4067 0.3507 0.0487  -0.0419 0.0435  1   DA  A "C5'" 
3   C  "C4'" . DA  A 1 ? 0.3214 0.3466 0.3398 0.0180  -0.0518 0.0471  1   DA  A "C4'" 
4   O  "O4'" . DA  A 1 ? 0.2941 0.3230 0.3352 0.0041  -0.0569 0.0419  1   DA  A "O4'" 
5   C  "C3'" . DA  A 1 ? 0.3033 0.3020 0.3236 0.0134  -0.0501 0.0510  1   DA  A "C3'" 
6   O  "O3'" . DA  A 1 ? 0.2865 0.2761 0.3224 0.0080  -0.0503 0.0434  1   DA  A "O3'" 
7   C  "C2'" . DA  A 1 ? 0.2734 0.2931 0.3119 -0.0015 -0.0476 0.0528  1   DA  A "C2'" 
8   C  "C1'" . DA  A 1 ? 0.2554 0.2867 0.3099 -0.0051 -0.0529 0.0418  1   DA  A "C1'" 
9   N  N9    . DA  A 1 ? 0.2227 0.2625 0.2593 -0.0066 -0.0537 0.0240  1   DA  A N9    
10  C  C8    . DA  A 1 ? 0.2369 0.2603 0.2278 -0.0022 -0.0469 0.0181  1   DA  A C8    
11  N  N7    . DA  A 1 ? 0.2217 0.2426 0.2023 0.0101  -0.0440 0.0118  1   DA  A N7    
12  C  C5    . DA  A 1 ? 0.2198 0.1958 0.2045 0.0011  -0.0378 0.0255  1   DA  A C5    
13  C  C6    . DA  A 1 ? 0.2169 0.1340 0.1868 -0.0189 -0.0239 0.0370  1   DA  A C6    
14  N  N6    . DA  A 1 ? 0.2057 0.1375 0.2064 0.0058  -0.0060 0.0413  1   DA  A N6    
15  N  N1    . DA  A 1 ? 0.2063 0.1618 0.1586 -0.0095 -0.0151 0.0327  1   DA  A N1    
16  C  C2    . DA  A 1 ? 0.2211 0.1861 0.1798 -0.0042 -0.0262 0.0302  1   DA  A C2    
17  N  N3    . DA  A 1 ? 0.2295 0.2116 0.2025 -0.0026 -0.0295 0.0226  1   DA  A N3    
18  C  C4    . DA  A 1 ? 0.2100 0.2310 0.2255 0.0035  -0.0476 0.0219  1   DA  A C4    
31  P  P     . DT  A 2 ? 0.2762 0.2871 0.3054 -0.0141 -0.0602 0.0315  2   DT  A P     
32  O  OP1   . DT  A 2 ? 0.3106 0.3572 0.3061 0.0378  -0.0266 0.0449  2   DT  A OP1   
33  O  OP2   . DT  A 2 ? 0.3603 0.2595 0.3051 -0.0493 -0.0772 0.0185  2   DT  A OP2   
34  O  "O5'" . DT  A 2 ? 0.2385 0.2483 0.2928 -0.0206 -0.0826 0.0196  2   DT  A "O5'" 
35  C  "C5'" . DT  A 2 ? 0.2329 0.2176 0.2930 -0.0209 -0.0895 0.0180  2   DT  A "C5'" 
36  C  "C4'" . DT  A 2 ? 0.2496 0.2111 0.2898 -0.0055 -0.1010 0.0056  2   DT  A "C4'" 
37  O  "O4'" . DT  A 2 ? 0.2340 0.1820 0.2888 -0.0139 -0.1058 -0.0132 2   DT  A "O4'" 
38  C  "C3'" . DT  A 2 ? 0.2363 0.1903 0.3069 -0.0393 -0.1179 0.0124  2   DT  A "C3'" 
39  O  "O3'" . DT  A 2 ? 0.2643 0.1981 0.3190 -0.0711 -0.1348 0.0106  2   DT  A "O3'" 
40  C  "C2'" . DT  A 2 ? 0.2402 0.1833 0.3068 -0.0313 -0.1188 0.0015  2   DT  A "C2'" 
41  C  "C1'" . DT  A 2 ? 0.2475 0.1780 0.2878 -0.0003 -0.0948 0.0020  2   DT  A "C1'" 
42  N  N1    . DT  A 2 ? 0.2497 0.1636 0.2686 0.0019  -0.0897 -0.0011 2   DT  A N1    
43  C  C2    . DT  A 2 ? 0.2512 0.1452 0.2526 0.0037  -0.0789 -0.0212 2   DT  A C2    
44  O  O2    . DT  A 2 ? 0.2306 0.1549 0.2332 -0.0048 -0.0597 -0.0302 2   DT  A O2    
45  N  N3    . DT  A 2 ? 0.2546 0.1506 0.2427 0.0109  -0.0896 -0.0241 2   DT  A N3    
46  C  C4    . DT  A 2 ? 0.2713 0.1848 0.2415 0.0073  -0.0924 -0.0041 2   DT  A C4    
47  O  O4    . DT  A 2 ? 0.2718 0.2082 0.2383 0.0188  -0.0871 -0.0150 2   DT  A O4    
48  C  C5    . DT  A 2 ? 0.2759 0.2298 0.2451 0.0069  -0.1088 -0.0050 2   DT  A C5    
49  C  C7    . DT  A 2 ? 0.2684 0.2614 0.2628 -0.0162 -0.1195 -0.0053 2   DT  A C7    
50  C  C6    . DT  A 2 ? 0.2481 0.2103 0.2623 0.0012  -0.1129 -0.0142 2   DT  A C6    
63  P  P     . DG  A 3 ? 0.2485 0.2206 0.3022 -0.0587 -0.1003 0.0054  3   DG  A P     
64  O  OP1   . DG  A 3 ? 0.2941 0.2853 0.3289 -0.0198 -0.0554 0.0046  3   DG  A OP1   
65  O  OP2   . DG  A 3 ? 0.3457 0.2230 0.2916 -0.0515 -0.1110 0.0086  3   DG  A OP2   
66  O  "O5'" . DG  A 3 ? 0.2057 0.1866 0.3151 -0.0455 -0.0794 -0.0016 3   DG  A "O5'" 
67  C  "C5'" . DG  A 3 ? 0.1995 0.1697 0.3093 -0.0469 -0.0571 -0.0172 3   DG  A "C5'" 
68  C  "C4'" . DG  A 3 ? 0.1825 0.1740 0.2955 -0.0382 -0.0430 -0.0316 3   DG  A "C4'" 
69  O  "O4'" . DG  A 3 ? 0.1936 0.1728 0.2639 -0.0274 -0.0307 -0.0394 3   DG  A "O4'" 
70  C  "C3'" . DG  A 3 ? 0.2094 0.1745 0.2882 -0.0179 -0.0341 -0.0426 3   DG  A "C3'" 
71  O  "O3'" . DG  A 3 ? 0.2147 0.1886 0.3073 -0.0252 -0.0183 -0.0430 3   DG  A "O3'" 
72  C  "C2'" . DG  A 3 ? 0.2015 0.1862 0.2755 -0.0123 -0.0295 -0.0376 3   DG  A "C2'" 
73  C  "C1'" . DG  A 3 ? 0.2149 0.1830 0.2410 -0.0076 -0.0309 -0.0397 3   DG  A "C1'" 
74  N  N9    . DG  A 3 ? 0.2209 0.1842 0.2054 -0.0086 -0.0443 -0.0368 3   DG  A N9    
75  C  C8    . DG  A 3 ? 0.2458 0.1945 0.2055 0.0100  -0.0346 -0.0303 3   DG  A C8    
76  N  N7    . DG  A 3 ? 0.2543 0.1835 0.1989 0.0073  -0.0300 -0.0268 3   DG  A N7    
77  C  C5    . DG  A 3 ? 0.2515 0.1630 0.1915 0.0124  -0.0285 -0.0237 3   DG  A C5    
78  C  C6    . DG  A 3 ? 0.2483 0.1598 0.1758 0.0236  -0.0224 -0.0138 3   DG  A C6    
79  O  O6    . DG  A 3 ? 0.2786 0.1642 0.1718 0.0288  -0.0109 -0.0102 3   DG  A O6    
80  N  N1    . DG  A 3 ? 0.2335 0.1539 0.1612 0.0397  -0.0119 0.0033  3   DG  A N1    
81  C  C2    . DG  A 3 ? 0.2310 0.1464 0.1467 0.0354  0.0060  0.0093  3   DG  A C2    
82  N  N2    . DG  A 3 ? 0.2093 0.1552 0.1439 0.0271  0.0022  0.0090  3   DG  A N2    
83  N  N3    . DG  A 3 ? 0.2354 0.1485 0.1626 0.0322  -0.0075 -0.0134 3   DG  A N3    
84  C  C4    . DG  A 3 ? 0.2428 0.1455 0.1777 0.0028  -0.0221 -0.0227 3   DG  A C4    
96  P  P     . DC  A 4 ? 0.2063 0.1861 0.3239 -0.0282 0.0257  -0.0123 4   DC  A P     
97  O  OP1   . DC  A 4 ? 0.2424 0.2172 0.3151 -0.0059 0.0617  -0.0057 4   DC  A OP1   
98  O  OP2   . DC  A 4 ? 0.1872 0.2245 0.3622 -0.0245 0.0190  -0.0111 4   DC  A OP2   
99  O  "O5'" . DC  A 4 ? 0.1839 0.1751 0.2691 -0.0155 0.0247  -0.0133 4   DC  A "O5'" 
100 C  "C5'" . DC  A 4 ? 0.2214 0.1681 0.2138 -0.0132 0.0134  -0.0090 4   DC  A "C5'" 
101 C  "C4'" . DC  A 4 ? 0.1987 0.1551 0.1809 -0.0300 -0.0201 -0.0164 4   DC  A "C4'" 
102 O  "O4'" . DC  A 4 ? 0.2130 0.1341 0.1610 -0.0160 -0.0197 -0.0167 4   DC  A "O4'" 
103 C  "C3'" . DC  A 4 ? 0.1836 0.1524 0.1725 -0.0204 -0.0199 -0.0090 4   DC  A "C3'" 
104 O  "O3'" . DC  A 4 ? 0.1846 0.1682 0.1640 -0.0258 -0.0076 0.0151  4   DC  A "O3'" 
105 C  "C2'" . DC  A 4 ? 0.2077 0.1328 0.1636 -0.0190 -0.0248 -0.0162 4   DC  A "C2'" 
106 C  "C1'" . DC  A 4 ? 0.2241 0.1398 0.1554 -0.0120 -0.0267 -0.0132 4   DC  A "C1'" 
107 N  N1    . DC  A 4 ? 0.2036 0.1461 0.1509 -0.0064 -0.0415 -0.0137 4   DC  A N1    
108 C  C2    . DC  A 4 ? 0.2271 0.1431 0.1365 0.0141  -0.0252 -0.0057 4   DC  A C2    
109 O  O2    . DC  A 4 ? 0.2185 0.1443 0.1369 0.0052  -0.0213 -0.0060 4   DC  A O2    
110 N  N3    . DC  A 4 ? 0.2446 0.1450 0.1345 0.0350  -0.0447 -0.0056 4   DC  A N3    
111 C  C4    . DC  A 4 ? 0.2789 0.1358 0.1484 0.0396  -0.0508 -0.0074 4   DC  A C4    
112 N  N4    . DC  A 4 ? 0.2809 0.1754 0.1534 0.0536  -0.0651 -0.0221 4   DC  A N4    
113 C  C5    . DC  A 4 ? 0.2664 0.1614 0.1633 0.0220  -0.0665 -0.0192 4   DC  A C5    
114 C  C6    . DC  A 4 ? 0.2347 0.1651 0.1583 0.0194  -0.0497 -0.0115 4   DC  A C6    
126 P  P     . DA  A 5 ? 0.2038 0.1535 0.1671 -0.0371 0.0025  0.0087  5   DA  A P     
127 O  OP1   . DA  A 5 ? 0.2129 0.1896 0.1769 -0.0170 -0.0021 -0.0052 5   DA  A OP1   
128 O  OP2   . DA  A 5 ? 0.2164 0.1636 0.2128 -0.0262 0.0007  0.0199  5   DA  A OP2   
129 O  "O5'" . DA  A 5 ? 0.2006 0.1698 0.1719 -0.0241 -0.0220 0.0032  5   DA  A "O5'" 
130 C  "C5'" . DA  A 5 ? 0.2349 0.1601 0.1485 -0.0565 -0.0242 0.0155  5   DA  A "C5'" 
131 C  "C4'" . DA  A 5 ? 0.2358 0.1920 0.1567 -0.0422 -0.0292 0.0194  5   DA  A "C4'" 
132 O  "O4'" . DA  A 5 ? 0.2038 0.1787 0.1452 -0.0456 -0.0218 0.0217  5   DA  A "O4'" 
133 C  "C3'" . DA  A 5 ? 0.2343 0.2122 0.1548 -0.0337 -0.0526 0.0327  5   DA  A "C3'" 
134 O  "O3'" . DA  A 5 ? 0.2836 0.2380 0.1708 -0.0470 -0.0848 0.0614  5   DA  A "O3'" 
135 C  "C2'" . DA  A 5 ? 0.2361 0.1838 0.1414 -0.0277 -0.0263 0.0295  5   DA  A "C2'" 
136 C  "C1'" . DA  A 5 ? 0.1771 0.1757 0.1398 -0.0398 -0.0269 0.0071  5   DA  A "C1'" 
137 N  N9    . DA  A 5 ? 0.1465 0.1624 0.1393 -0.0375 -0.0225 -0.0006 5   DA  A N9    
138 C  C8    . DA  A 5 ? 0.1493 0.1729 0.1336 -0.0468 -0.0055 0.0107  5   DA  A C8    
139 N  N7    . DA  A 5 ? 0.1629 0.1509 0.1336 -0.0449 -0.0139 0.0007  5   DA  A N7    
140 C  C5    . DA  A 5 ? 0.1704 0.1272 0.1361 -0.0346 -0.0073 0.0056  5   DA  A C5    
141 C  C6    . DA  A 5 ? 0.1903 0.1214 0.1368 -0.0180 -0.0049 -0.0004 5   DA  A C6    
142 N  N6    . DA  A 5 ? 0.2009 0.1317 0.1202 -0.0188 -0.0232 -0.0075 5   DA  A N6    
143 N  N1    . DA  A 5 ? 0.1892 0.1377 0.1465 -0.0131 0.0005  -0.0027 5   DA  A N1    
144 C  C2    . DA  A 5 ? 0.1806 0.1640 0.1590 -0.0142 0.0114  0.0144  5   DA  A C2    
145 N  N3    . DA  A 5 ? 0.1669 0.1568 0.1692 -0.0124 0.0019  0.0020  5   DA  A N3    
146 C  C4    . DA  A 5 ? 0.1612 0.1671 0.1414 -0.0125 -0.0023 0.0008  5   DA  A C4    
158 P  P     . DT  A 6 ? 0.3546 0.2372 0.2050 -0.0793 -0.1183 0.0510  6   DT  A P     
159 O  OP1   . DT  A 6 ? 0.3551 0.2842 0.2245 -0.0278 -0.1196 0.0337  6   DT  A OP1   
160 O  OP2   . DT  A 6 ? 0.3519 0.2770 0.2006 -0.0849 -0.1095 0.0840  6   DT  A OP2   
161 O  "O5'" . DT  A 6 ? 0.4481 0.3719 0.2416 0.0437  -0.0720 0.0436  6   DT  A "O5'" 
162 C  "C5'" . DT  A 6 ? 0.4111 0.3828 0.2646 0.0604  -0.0658 0.0488  6   DT  A "C5'" 
163 C  "C4'" . DT  A 6 ? 0.3491 0.3338 0.2823 0.0159  -0.0851 0.0477  6   DT  A "C4'" 
164 O  "O4'" . DT  A 6 ? 0.3143 0.2655 0.2558 -0.0351 -0.0761 0.0568  6   DT  A "O4'" 
165 C  "C3'" . DT  A 6 ? 0.3365 0.3648 0.3208 0.0425  -0.0855 0.0371  6   DT  A "C3'" 
166 O  "O3'" . DT  A 6 ? 0.3606 0.4159 0.3615 0.0748  -0.0925 0.0229  6   DT  A "O3'" 
167 C  "C2'" . DT  A 6 ? 0.3215 0.3175 0.3052 0.0254  -0.0743 0.0388  6   DT  A "C2'" 
168 C  "C1'" . DT  A 6 ? 0.2815 0.2570 0.2740 -0.0234 -0.0644 0.0393  6   DT  A "C1'" 
169 N  N1    . DT  A 6 ? 0.2252 0.1868 0.2592 -0.0469 -0.0421 0.0181  6   DT  A N1    
170 C  C2    . DT  A 6 ? 0.1921 0.1629 0.2645 -0.0344 -0.0162 0.0035  6   DT  A C2    
171 O  O2    . DT  A 6 ? 0.1849 0.2065 0.2873 -0.0209 -0.0158 -0.0040 6   DT  A O2    
172 N  N3    . DT  A 6 ? 0.2006 0.1346 0.2246 -0.0355 0.0078  0.0081  6   DT  A N3    
173 C  C4    . DT  A 6 ? 0.1830 0.1453 0.1948 -0.0449 0.0267  0.0101  6   DT  A C4    
174 O  O4    . DT  A 6 ? 0.2042 0.1557 0.1841 -0.0365 0.0216  -0.0006 6   DT  A O4    
175 C  C5    . DT  A 6 ? 0.1816 0.1538 0.1976 -0.0514 0.0147  0.0040  6   DT  A C5    
176 C  C7    . DT  A 6 ? 0.2065 0.1809 0.1820 -0.0500 0.0146  -0.0082 6   DT  A C7    
177 C  C6    . DT  A 6 ? 0.2060 0.1676 0.2294 -0.0481 -0.0174 0.0076  6   DT  A C6    
191 O  "O5'" . DA  B 1 ? 0.4316 0.4185 0.4465 0.0187  0.0927  0.0110  1   DA  B "O5'" 
192 C  "C5'" . DA  B 1 ? 0.3978 0.3972 0.4254 0.0229  0.1117  0.0035  1   DA  B "C5'" 
193 C  "C4'" . DA  B 1 ? 0.3557 0.3479 0.4026 0.0168  0.1321  -0.0005 1   DA  B "C4'" 
194 O  "O4'" . DA  B 1 ? 0.3196 0.3023 0.3884 0.0196  0.1450  0.0074  1   DA  B "O4'" 
195 C  "C3'" . DA  B 1 ? 0.3415 0.3324 0.3944 0.0065  0.1352  -0.0122 1   DA  B "C3'" 
196 O  "O3'" . DA  B 1 ? 0.3369 0.3265 0.4066 -0.0121 0.1597  -0.0107 1   DA  B "O3'" 
197 C  "C2'" . DA  B 1 ? 0.3203 0.2977 0.3674 0.0003  0.1287  -0.0113 1   DA  B "C2'" 
198 C  "C1'" . DA  B 1 ? 0.2925 0.2631 0.3469 0.0044  0.1301  -0.0059 1   DA  B "C1'" 
199 N  N9    . DA  B 1 ? 0.2491 0.2206 0.2868 -0.0004 0.1105  -0.0093 1   DA  B N9    
200 C  C8    . DA  B 1 ? 0.2692 0.2112 0.2650 0.0049  0.0900  -0.0043 1   DA  B C8    
201 N  N7    . DA  B 1 ? 0.2629 0.1770 0.2499 -0.0038 0.0872  0.0047  1   DA  B N7    
202 C  C5    . DA  B 1 ? 0.2257 0.1467 0.2655 -0.0237 0.0725  -0.0035 1   DA  B C5    
203 C  C6    . DA  B 1 ? 0.2041 0.1425 0.2337 -0.0239 0.0590  -0.0050 1   DA  B C6    
204 N  N6    . DA  B 1 ? 0.2144 0.1476 0.1967 -0.0007 0.0714  0.0031  1   DA  B N6    
205 N  N1    . DA  B 1 ? 0.1719 0.1738 0.2525 -0.0260 0.0432  -0.0198 1   DA  B N1    
206 C  C2    . DA  B 1 ? 0.1855 0.1890 0.2811 -0.0170 0.0308  -0.0221 1   DA  B C2    
207 N  N3    . DA  B 1 ? 0.2071 0.2307 0.2872 0.0128  0.0549  -0.0235 1   DA  B N3    
208 C  C4    . DA  B 1 ? 0.2180 0.1942 0.2793 -0.0066 0.0804  -0.0162 1   DA  B C4    
221 P  P     . DT  B 2 ? 0.3112 0.3158 0.4221 -0.0401 0.1701  -0.0119 2   DT  B P     
222 O  OP1   . DT  B 2 ? 0.3213 0.3658 0.4321 -0.0121 0.1708  -0.0180 2   DT  B OP1   
223 O  OP2   . DT  B 2 ? 0.3494 0.3322 0.4230 -0.0237 0.1654  -0.0140 2   DT  B OP2   
224 O  "O5'" . DT  B 2 ? 0.2812 0.3214 0.4130 -0.0207 0.1628  -0.0213 2   DT  B "O5'" 
225 C  "C5'" . DT  B 2 ? 0.2672 0.3252 0.4038 -0.0074 0.1361  -0.0275 2   DT  B "C5'" 
226 C  "C4'" . DT  B 2 ? 0.2813 0.2949 0.3968 -0.0149 0.0996  -0.0249 2   DT  B "C4'" 
227 O  "O4'" . DT  B 2 ? 0.2696 0.2496 0.3672 -0.0271 0.0878  -0.0294 2   DT  B "O4'" 
228 C  "C3'" . DT  B 2 ? 0.2780 0.2884 0.4006 -0.0300 0.0842  -0.0123 2   DT  B "C3'" 
229 O  "O3'" . DT  B 2 ? 0.2718 0.2931 0.4332 -0.0404 0.0812  0.0012  2   DT  B "O3'" 
230 C  "C2'" . DT  B 2 ? 0.2830 0.2724 0.3685 -0.0350 0.0728  -0.0092 2   DT  B "C2'" 
231 C  "C1'" . DT  B 2 ? 0.2711 0.2268 0.3276 -0.0295 0.0833  -0.0100 2   DT  B "C1'" 
232 N  N1    . DT  B 2 ? 0.2397 0.1739 0.2473 -0.0196 0.0782  -0.0038 2   DT  B N1    
233 C  C2    . DT  B 2 ? 0.2124 0.1747 0.1933 -0.0043 0.0679  -0.0074 2   DT  B C2    
234 O  O2    . DT  B 2 ? 0.1585 0.1964 0.2097 -0.0237 0.0664  0.0019  2   DT  B O2    
235 N  N3    . DT  B 2 ? 0.2146 0.1255 0.1582 -0.0059 0.0524  -0.0081 2   DT  B N3    
236 C  C4    . DT  B 2 ? 0.2300 0.1036 0.1467 -0.0082 0.0518  -0.0006 2   DT  B C4    
237 O  O4    . DT  B 2 ? 0.2062 0.1207 0.1304 0.0033  0.0310  -0.0034 2   DT  B O4    
238 C  C5    . DT  B 2 ? 0.2537 0.1329 0.1789 0.0026  0.0700  -0.0037 2   DT  B C5    
239 C  C7    . DT  B 2 ? 0.2690 0.1595 0.1809 0.0085  0.0689  -0.0070 2   DT  B C7    
240 C  C6    . DT  B 2 ? 0.2544 0.1507 0.2127 -0.0088 0.0856  0.0061  2   DT  B C6    
253 P  P     . DG  B 3 ? 0.2680 0.2797 0.4510 -0.0528 0.0798  0.0112  3   DG  B P     
254 O  OP1   . DG  B 3 ? 0.3242 0.3326 0.4494 -0.0274 0.0677  0.0084  3   DG  B OP1   
255 O  OP2   . DG  B 3 ? 0.2394 0.2866 0.4480 -0.0504 0.1141  0.0240  3   DG  B OP2   
256 O  "O5'" . DG  B 3 ? 0.2913 0.2567 0.4200 -0.0248 0.0891  0.0225  3   DG  B "O5'" 
257 C  "C5'" . DG  B 3 ? 0.2951 0.2590 0.3590 -0.0036 0.1109  0.0361  3   DG  B "C5'" 
258 C  "C4'" . DG  B 3 ? 0.2725 0.2469 0.3160 0.0227  0.1148  0.0330  3   DG  B "C4'" 
259 O  "O4'" . DG  B 3 ? 0.2606 0.2086 0.2733 0.0227  0.1331  0.0492  3   DG  B "O4'" 
260 C  "C3'" . DG  B 3 ? 0.2538 0.2271 0.3043 0.0038  0.0957  0.0222  3   DG  B "C3'" 
261 O  "O3'" . DG  B 3 ? 0.2060 0.2212 0.3228 -0.0455 0.0762  0.0118  3   DG  B "O3'" 
262 C  "C2'" . DG  B 3 ? 0.2795 0.2084 0.2576 0.0192  0.1036  0.0332  3   DG  B "C2'" 
263 C  "C1'" . DG  B 3 ? 0.2882 0.1964 0.2184 0.0376  0.1144  0.0289  3   DG  B "C1'" 
264 N  N9    . DG  B 3 ? 0.2860 0.1698 0.1554 0.0396  0.0897  0.0150  3   DG  B N9    
265 C  C8    . DG  B 3 ? 0.2960 0.1918 0.1513 0.0704  0.0886  0.0160  3   DG  B C8    
266 N  N7    . DG  B 3 ? 0.3064 0.1781 0.1544 0.0687  0.0753  0.0167  3   DG  B N7    
267 C  C5    . DG  B 3 ? 0.3041 0.1345 0.1381 0.0498  0.0595  0.0153  3   DG  B C5    
268 C  C6    . DG  B 3 ? 0.2868 0.1272 0.1236 0.0344  0.0298  0.0036  3   DG  B C6    
269 O  O6    . DG  B 3 ? 0.2933 0.1501 0.1218 0.0304  0.0169  0.0023  3   DG  B O6    
270 N  N1    . DG  B 3 ? 0.2463 0.1251 0.1144 0.0259  0.0276  -0.0045 3   DG  B N1    
271 C  C2    . DG  B 3 ? 0.2229 0.1130 0.1420 0.0133  0.0458  0.0078  3   DG  B C2    
272 N  N2    . DG  B 3 ? 0.1894 0.1232 0.1297 0.0033  0.0351  0.0042  3   DG  B N2    
273 N  N3    . DG  B 3 ? 0.2487 0.1331 0.1416 0.0297  0.0712  0.0173  3   DG  B N3    
274 C  C4    . DG  B 3 ? 0.2826 0.1383 0.1457 0.0354  0.0723  0.0169  3   DG  B C4    
286 P  P     . DC  B 4 ? 0.2583 0.3286 0.3315 0.0045  0.0401  -0.0196 4   DC  B P     
287 O  OP1   . DC  B 4 ? 0.2997 0.3673 0.3614 0.0327  0.0157  -0.0245 4   DC  B OP1   
288 O  OP2   . DC  B 4 ? 0.3139 0.3297 0.3493 0.0041  0.0404  -0.0160 4   DC  B OP2   
289 O  "O5'" . DC  B 4 ? 0.2630 0.3357 0.2853 0.0496  0.0688  -0.0179 4   DC  B "O5'" 
290 C  "C5'" . DC  B 4 ? 0.2877 0.3288 0.2801 0.0670  0.0609  -0.0013 4   DC  B "C5'" 
291 C  "C4'" . DC  B 4 ? 0.2666 0.2642 0.2573 0.0443  0.0649  0.0236  4   DC  B "C4'" 
292 O  "O4'" . DC  B 4 ? 0.2535 0.2339 0.2239 0.0267  0.0774  0.0395  4   DC  B "O4'" 
293 C  "C3'" . DC  B 4 ? 0.2449 0.2422 0.2424 0.0195  0.0444  0.0226  4   DC  B "C3'" 
294 O  "O3'" . DC  B 4 ? 0.2271 0.2307 0.2611 -0.0026 0.0314  0.0279  4   DC  B "O3'" 
295 C  "C2'" . DC  B 4 ? 0.2446 0.2486 0.2270 0.0056  0.0543  0.0315  4   DC  B "C2'" 
296 C  "C1'" . DC  B 4 ? 0.2600 0.2013 0.2012 0.0053  0.0731  0.0345  4   DC  B "C1'" 
297 N  N1    . DC  B 4 ? 0.2888 0.1700 0.1614 0.0094  0.0730  0.0262  4   DC  B N1    
298 C  C2    . DC  B 4 ? 0.3062 0.1501 0.1615 0.0222  0.0604  0.0254  4   DC  B C2    
299 O  O2    . DC  B 4 ? 0.2792 0.1385 0.1540 0.0172  0.0441  0.0084  4   DC  B O2    
300 N  N3    . DC  B 4 ? 0.3226 0.1398 0.1579 0.0130  0.0575  0.0272  4   DC  B N3    
301 C  C4    . DC  B 4 ? 0.3478 0.1481 0.1625 0.0118  0.0461  0.0211  4   DC  B C4    
302 N  N4    . DC  B 4 ? 0.3660 0.1600 0.1687 0.0211  0.0434  0.0240  4   DC  B N4    
303 C  C5    . DC  B 4 ? 0.3486 0.1690 0.1609 0.0143  0.0550  0.0225  4   DC  B C5    
304 C  C6    . DC  B 4 ? 0.3170 0.1785 0.1619 0.0069  0.0534  0.0171  4   DC  B C6    
316 P  P     . DA  B 5 ? 0.2212 0.2453 0.2493 -0.0012 0.0454  0.0457  5   DA  B P     
317 O  OP1   . DA  B 5 ? 0.2399 0.2618 0.2462 0.0079  0.0355  0.0650  5   DA  B OP1   
318 O  OP2   . DA  B 5 ? 0.2171 0.2826 0.2665 -0.0094 0.0518  0.0678  5   DA  B OP2   
319 O  "O5'" . DA  B 5 ? 0.2146 0.2612 0.2350 -0.0027 0.0508  0.0221  5   DA  B "O5'" 
320 C  "C5'" . DA  B 5 ? 0.2220 0.2745 0.1983 -0.0091 0.0302  0.0052  5   DA  B "C5'" 
321 C  "C4'" . DA  B 5 ? 0.1978 0.2604 0.1924 -0.0417 0.0078  -0.0115 5   DA  B "C4'" 
322 O  "O4'" . DA  B 5 ? 0.2195 0.2322 0.1910 -0.0447 -0.0032 -0.0045 5   DA  B "O4'" 
323 C  "C3'" . DA  B 5 ? 0.2014 0.2697 0.1878 -0.0339 0.0069  -0.0342 5   DA  B "C3'" 
324 O  "O3'" . DA  B 5 ? 0.1982 0.3112 0.2013 -0.0508 0.0094  -0.0663 5   DA  B "O3'" 
325 C  "C2'" . DA  B 5 ? 0.1933 0.2484 0.2124 -0.0222 -0.0139 -0.0219 5   DA  B "C2'" 
326 C  "C1'" . DA  B 5 ? 0.1945 0.2188 0.1945 -0.0296 -0.0059 -0.0136 5   DA  B "C1'" 
327 N  N9    . DA  B 5 ? 0.1934 0.1625 0.1787 -0.0286 -0.0055 -0.0097 5   DA  B N9    
328 C  C8    . DA  B 5 ? 0.2134 0.1970 0.1792 0.0045  0.0147  0.0036  5   DA  B C8    
329 N  N7    . DA  B 5 ? 0.2086 0.1865 0.1684 0.0063  0.0306  0.0121  5   DA  B N7    
330 C  C5    . DA  B 5 ? 0.2031 0.1684 0.1618 0.0038  0.0166  0.0045  5   DA  B C5    
331 C  C6    . DA  B 5 ? 0.2060 0.1656 0.1504 0.0104  -0.0045 0.0030  5   DA  B C6    
332 N  N6    . DA  B 5 ? 0.2218 0.1584 0.1573 0.0058  -0.0134 0.0093  5   DA  B N6    
333 N  N1    . DA  B 5 ? 0.1864 0.1516 0.1538 0.0142  -0.0141 -0.0032 5   DA  B N1    
334 C  C2    . DA  B 5 ? 0.2074 0.1463 0.1682 -0.0110 -0.0072 -0.0031 5   DA  B C2    
335 N  N3    . DA  B 5 ? 0.1831 0.1596 0.1667 -0.0041 -0.0019 -0.0215 5   DA  B N3    
336 C  C4    . DA  B 5 ? 0.1852 0.1557 0.1709 -0.0072 0.0085  -0.0076 5   DA  B C4    
348 P  P     . DT  B 6 ? 0.1977 0.3383 0.2401 -0.0368 -0.0067 -0.0758 6   DT  B P     
349 O  OP1   . DT  B 6 ? 0.2211 0.3987 0.2738 0.0093  -0.0281 -0.0766 6   DT  B OP1   
350 O  OP2   . DT  B 6 ? 0.2245 0.3317 0.2862 -0.0515 0.0192  -0.0495 6   DT  B OP2   
351 O  "O5'" . DT  B 6 ? 0.1864 0.3378 0.2088 -0.0158 0.0264  -0.0415 6   DT  B "O5'" 
352 C  "C5'" . DT  B 6 ? 0.1906 0.3150 0.1760 -0.0147 0.0362  -0.0109 6   DT  B "C5'" 
353 C  "C4'" . DT  B 6 ? 0.1841 0.2675 0.1592 -0.0066 0.0322  0.0008  6   DT  B "C4'" 
354 O  "O4'" . DT  B 6 ? 0.2004 0.2121 0.1455 -0.0238 0.0189  0.0085  6   DT  B "O4'" 
355 C  "C3'" . DT  B 6 ? 0.1933 0.2280 0.1722 -0.0083 0.0394  0.0140  6   DT  B "C3'" 
356 O  "O3'" . DT  B 6 ? 0.2056 0.2203 0.1893 0.0054  0.0441  0.0121  6   DT  B "O3'" 
357 C  "C2'" . DT  B 6 ? 0.2001 0.1953 0.1575 -0.0330 0.0231  0.0241  6   DT  B "C2'" 
358 C  "C1'" . DT  B 6 ? 0.1872 0.1940 0.1498 -0.0221 0.0117  0.0138  6   DT  B "C1'" 
359 N  N1    . DT  B 6 ? 0.1765 0.1895 0.1424 -0.0194 0.0100  0.0129  6   DT  B N1    
360 C  C2    . DT  B 6 ? 0.1698 0.1877 0.1471 -0.0132 0.0130  0.0185  6   DT  B C2    
361 O  O2    . DT  B 6 ? 0.1796 0.1762 0.1563 -0.0096 0.0267  0.0128  6   DT  B O2    
362 N  N3    . DT  B 6 ? 0.1733 0.1728 0.1486 -0.0097 0.0089  0.0205  6   DT  B N3    
363 C  C4    . DT  B 6 ? 0.1909 0.1835 0.1387 0.0057  0.0090  0.0252  6   DT  B C4    
364 O  O4    . DT  B 6 ? 0.1920 0.1813 0.1329 0.0155  0.0127  0.0310  6   DT  B O4    
365 C  C5    . DT  B 6 ? 0.1720 0.2076 0.1434 0.0073  0.0039  0.0122  6   DT  B C5    
366 C  C7    . DT  B 6 ? 0.2027 0.2358 0.1514 0.0187  0.0087  0.0272  6   DT  B C7    
367 C  C6    . DT  B 6 ? 0.1895 0.1964 0.1523 -0.0062 0.0033  0.0050  6   DT  B C6    
381 RU RU    . 0TN C . ? 0.1702 0.1413 0.1737 -0.0065 0.0243  -0.0257 101 0TN B RU    
382 C  C1    . 0TN C . ? 0.1946 0.1551 0.1514 0.0136  0.0146  -0.0123 101 0TN B C1    
383 N  N1    . 0TN C . ? 0.2189 0.1296 0.1738 0.0079  0.0245  -0.0140 101 0TN B N1    
384 C  C2    . 0TN C . ? 0.2005 0.1546 0.1662 0.0162  0.0221  -0.0177 101 0TN B C2    
385 N  N2    . 0TN C . ? 0.1873 0.1505 0.1565 0.0213  0.0322  -0.0318 101 0TN B N2    
386 C  C3    . 0TN C . ? 0.2096 0.1482 0.1885 0.0146  -0.0106 -0.0139 101 0TN B C3    
387 N  N3    . 0TN C . ? 0.2735 0.1398 0.1847 0.0148  0.0164  0.0068  101 0TN B N3    
388 C  C4    . 0TN C . ? 0.2164 0.1727 0.1704 0.0341  -0.0242 -0.0179 101 0TN B C4    
389 N  N4    . 0TN C . ? 0.2692 0.1381 0.1911 0.0177  0.0459  0.0094  101 0TN B N4    
390 C  C5    . 0TN C . ? 0.2008 0.1498 0.1648 0.0037  -0.0058 -0.0052 101 0TN B C5    
391 N  N5    . 0TN C . ? 0.1655 0.1374 0.1615 -0.0158 0.0149  -0.0157 101 0TN B N5    
392 C  C6    . 0TN C . ? 0.2381 0.1312 0.1668 0.0002  0.0065  -0.0025 101 0TN B C6    
393 C  C7    . 0TN C . ? 0.2344 0.1306 0.1770 0.0069  0.0312  0.0030  101 0TN B C7    
394 C  C8    . 0TN C . ? 0.2222 0.1418 0.1757 0.0128  0.0307  -0.0112 101 0TN B C8    
395 N  N8    . 0TN C . ? 0.1452 0.1803 0.1658 -0.0024 0.0139  -0.0353 101 0TN B N8    
396 C  C9    . 0TN C . ? 0.2105 0.1286 0.2182 0.0002  0.0255  -0.0212 101 0TN B C9    
397 N  N9    . 0TN C . ? 0.1739 0.1378 0.1881 -0.0113 0.0178  -0.0223 101 0TN B N9    
398 C  C10   . 0TN C . ? 0.1995 0.1471 0.1553 0.0069  0.0265  -0.0037 101 0TN B C10   
399 C  C11   . 0TN C . ? 0.1951 0.1581 0.2108 -0.0063 0.0268  -0.0251 101 0TN B C11   
400 C  C12   . 0TN C . ? 0.1810 0.1422 0.1884 -0.0160 0.0324  -0.0211 101 0TN B C12   
401 N  N12   . 0TN C . ? 0.1918 0.1462 0.1686 -0.0202 0.0276  -0.0158 101 0TN B N12   
402 C  C13   . 0TN C . ? 0.2862 0.1320 0.1971 0.0048  0.0425  0.0162  101 0TN B C13   
403 C  C14   . 0TN C . ? 0.3019 0.1537 0.2042 0.0127  0.0619  0.0281  101 0TN B C14   
404 C  C15   . 0TN C . ? 0.2845 0.1373 0.1954 0.0044  0.0402  0.0160  101 0TN B C15   
405 C  C16   . 0TN C . ? 0.3361 0.1708 0.2064 0.0336  0.0585  0.0251  101 0TN B C16   
406 C  C17   . 0TN C . ? 0.3393 0.1824 0.2142 0.0329  0.0619  0.0231  101 0TN B C17   
407 C  C18   . 0TN C . ? 0.3183 0.1688 0.1968 0.0163  0.0777  0.0301  101 0TN B C18   
408 C  C19   . 0TN C . ? 0.1642 0.1664 0.1559 -0.0021 0.0141  -0.0129 101 0TN B C19   
409 C  C20   . 0TN C . ? 0.1834 0.1334 0.1592 -0.0014 0.0177  -0.0135 101 0TN B C20   
410 C  C21   . 0TN C . ? 0.1925 0.1331 0.1689 -0.0032 0.0237  -0.0103 101 0TN B C21   
411 C  C22   . 0TN C . ? 0.1859 0.1656 0.1625 -0.0056 0.0096  -0.0144 101 0TN B C22   
412 C  C23   . 0TN C . ? 0.1892 0.1914 0.1752 -0.0122 0.0130  -0.0102 101 0TN B C23   
413 C  C24   . 0TN C . ? 0.2003 0.1780 0.1970 -0.0163 0.0065  -0.0157 101 0TN B C24   
414 C  C25   . 0TN C . ? 0.1719 0.1804 0.1874 -0.0057 0.0068  -0.0301 101 0TN B C25   
415 C  C26   . 0TN C . ? 0.1523 0.1709 0.1710 -0.0079 0.0118  -0.0225 101 0TN B C26   
416 C  C27   . 0TN C . ? 0.2006 0.1920 0.1892 0.0074  0.0021  -0.0450 101 0TN B C27   
417 C  C28   . 0TN C . ? 0.1665 0.1957 0.1792 0.0167  0.0059  -0.0481 101 0TN B C28   
418 C  C29   . 0TN C . ? 0.1562 0.1813 0.1693 -0.0187 0.0071  -0.0293 101 0TN B C29   
419 C  C30   . 0TN C . ? 0.1983 0.1365 0.2002 0.0101  0.0270  -0.0187 101 0TN B C30   
420 C  C31   . 0TN C . ? 0.2109 0.1776 0.1810 0.0068  0.0400  -0.0037 101 0TN B C31   
421 C  C32   . 0TN C . ? 0.1609 0.2183 0.1686 -0.0034 0.0150  -0.0231 101 0TN B C32   
422 C  C33   . 0TN C . ? 0.1557 0.2325 0.1784 0.0027  0.0009  -0.0351 101 0TN B C33   
423 C  C34   . 0TN C . ? 0.1608 0.2400 0.1864 -0.0020 -0.0043 -0.0340 101 0TN B C34   
424 C  C35   . 0TN C . ? 0.1732 0.1983 0.1695 -0.0166 -0.0070 -0.0448 101 0TN B C35   
425 C  C36   . 0TN C . ? 0.1740 0.1907 0.1543 -0.0047 0.0115  -0.0315 101 0TN B C36   
426 C  C37   . 0TN C . ? 0.1854 0.2030 0.1545 -0.0297 0.0079  -0.0258 101 0TN B C37   
427 C  C38   . 0TN C . ? 0.1614 0.1933 0.1607 -0.0270 0.0226  -0.0274 101 0TN B C38   
428 C  C41   . 0TN C . ? 0.1975 0.1580 0.1599 -0.0004 0.0258  -0.0079 101 0TN B C41   
429 C  C42   . 0TN C . ? 0.1931 0.2077 0.1855 -0.0009 -0.0021 -0.0413 101 0TN B C42   
430 C  C43   . 0TN C . ? 0.2010 0.1855 0.1750 -0.0029 0.0211  -0.0215 101 0TN B C43   
431 C  C44   . 0TN C . ? 0.1610 0.2313 0.1554 -0.0256 -0.0147 -0.0417 101 0TN B C44   
458 RU RU    . RKP D . ? 0.1928 0.1820 0.1859 -0.0519 -0.0109 0.0304  102 RKP B RU    
459 C  C1    . RKP D . ? 0.2097 0.1379 0.1707 -0.0290 0.0071  0.0097  102 RKP B C1    
460 N  N1    . RKP D . ? 0.1790 0.1417 0.1753 -0.0413 -0.0092 0.0214  102 RKP B N1    
461 C  C2    . RKP D . ? 0.2250 0.1828 0.1927 -0.0296 0.0221  0.0183  102 RKP B C2    
462 N  N2    . RKP D . ? 0.1921 0.1724 0.1886 -0.0264 0.0069  0.0134  102 RKP B N2    
463 C  C3    . RKP D . ? 0.2743 0.2235 0.1881 0.0026  0.0374  0.0194  102 RKP B C3    
464 N  N3    . RKP D . ? 0.2780 0.1624 0.1457 0.0319  0.0168  0.0075  102 RKP B N3    
465 C  C4    . RKP D . ? 0.2616 0.2105 0.1746 0.0136  0.0294  -0.0008 102 RKP B C4    
466 N  N4    . RKP D . ? 0.2636 0.1373 0.1506 0.0202  -0.0011 -0.0126 102 RKP B N4    
467 C  C5    . RKP D . ? 0.2412 0.1609 0.1606 -0.0052 0.0242  0.0000  102 RKP B C5    
468 N  N5    . RKP D . ? 0.1840 0.2022 0.2081 -0.0727 -0.0431 0.0411  102 RKP B N5    
469 C  C6    . RKP D . ? 0.2539 0.1457 0.1538 0.0045  0.0102  -0.0040 102 RKP B C6    
470 C  C7    . RKP D . ? 0.2180 0.1408 0.1672 -0.0023 0.0001  -0.0102 102 RKP B C7    
471 C  C8    . RKP D . ? 0.2082 0.1240 0.1501 -0.0190 0.0108  0.0060  102 RKP B C8    
472 N  N8    . RKP D . ? 0.2046 0.1965 0.2444 -0.0581 -0.0373 0.0467  102 RKP B N8    
473 C  C9    . RKP D . ? 0.2118 0.1275 0.1521 -0.0150 -0.0143 0.0172  102 RKP B C9    
474 N  N9    . RKP D . ? 0.2074 0.1878 0.1657 -0.0724 -0.0001 0.0308  102 RKP B N9    
475 C  C10   . RKP D . ? 0.2143 0.1256 0.1610 -0.0261 0.0092  0.0168  102 RKP B C10   
476 C  C11   . RKP D . ? 0.1947 0.1412 0.1524 -0.0178 -0.0121 0.0262  102 RKP B C11   
477 C  C12   . RKP D . ? 0.1918 0.1303 0.1668 -0.0277 -0.0213 0.0169  102 RKP B C12   
478 N  N12   . RKP D . ? 0.2068 0.2128 0.2021 -0.0579 -0.0101 0.0268  102 RKP B N12   
479 C  C13   . RKP D . ? 0.2727 0.1443 0.1566 0.0150  -0.0189 -0.0152 102 RKP B C13   
480 C  C14   . RKP D . ? 0.3025 0.1403 0.1694 0.0286  -0.0292 -0.0140 102 RKP B C14   
481 C  C15   . RKP D . ? 0.2884 0.1484 0.1526 0.0255  -0.0067 -0.0136 102 RKP B C15   
482 C  C16   . RKP D . ? 0.3074 0.1769 0.1642 0.0355  -0.0205 -0.0184 102 RKP B C16   
483 C  C17   . RKP D . ? 0.3170 0.1883 0.1658 0.0420  -0.0318 -0.0236 102 RKP B C17   
484 C  C18   . RKP D . ? 0.2975 0.1921 0.1788 0.0418  -0.0484 -0.0251 102 RKP B C18   
485 C  C19   . RKP D . ? 0.1864 0.2046 0.2435 -0.0851 -0.0579 0.0538  102 RKP B C19   
486 C  C20   . RKP D . ? 0.1847 0.2173 0.1946 -0.0871 -0.0341 0.0440  102 RKP B C20   
487 C  C21   . RKP D . ? 0.2052 0.2366 0.2101 -0.0875 -0.0659 0.0275  102 RKP B C21   
488 C  C22   . RKP D . ? 0.2090 0.2291 0.2454 -0.0834 -0.0762 0.0458  102 RKP B C22   
489 C  C23   . RKP D . ? 0.2122 0.2561 0.2674 -0.0599 -0.0606 0.0627  102 RKP B C23   
490 C  C24   . RKP D . ? 0.2231 0.2552 0.2992 -0.0520 -0.0627 0.0650  102 RKP B C24   
491 C  C25   . RKP D . ? 0.1997 0.2475 0.2990 -0.0568 -0.0659 0.0590  102 RKP B C25   
492 C  C26   . RKP D . ? 0.1944 0.2246 0.2660 -0.0664 -0.0626 0.0517  102 RKP B C26   
493 C  C27   . RKP D . ? 0.1955 0.2386 0.3213 -0.0369 -0.0545 0.0496  102 RKP B C27   
494 C  C28   . RKP D . ? 0.1970 0.2165 0.2841 -0.0484 -0.0487 0.0513  102 RKP B C28   
495 C  C29   . RKP D . ? 0.2087 0.1831 0.1683 -0.0934 -0.0019 0.0365  102 RKP B C29   
496 C  C30   . RKP D . ? 0.2116 0.1853 0.1420 -0.0697 -0.0185 0.0232  102 RKP B C30   
497 C  C31   . RKP D . ? 0.2554 0.1995 0.1297 -0.0479 -0.0085 0.0253  102 RKP B C31   
498 C  C32   . RKP D . ? 0.2466 0.1969 0.1589 -0.0756 -0.0206 0.0298  102 RKP B C32   
499 C  C33   . RKP D . ? 0.2604 0.2170 0.1658 -0.0698 -0.0187 0.0301  102 RKP B C33   
500 C  C34   . RKP D . ? 0.2387 0.2489 0.1779 -0.0685 -0.0162 0.0291  102 RKP B C34   
501 C  C35   . RKP D . ? 0.2298 0.2345 0.1808 -0.0692 -0.0073 0.0300  102 RKP B C35   
502 C  C36   . RKP D . ? 0.2037 0.2005 0.1857 -0.0857 -0.0120 0.0311  102 RKP B C36   
503 C  C37   . RKP D . ? 0.2273 0.2517 0.2256 -0.0638 0.0017  0.0384  102 RKP B C37   
504 C  C38   . RKP D . ? 0.2121 0.2427 0.2370 -0.0583 -0.0106 0.0315  102 RKP B C38   
505 C  C41   . RKP D . ? 0.1937 0.2522 0.2182 -0.0830 -0.0645 0.0353  102 RKP B C41   
506 C  C42   . RKP D . ? 0.1872 0.2497 0.3240 -0.0426 -0.0597 0.0560  102 RKP B C42   
507 C  C43   . RKP D . ? 0.2789 0.1887 0.1394 -0.0537 -0.0095 0.0231  102 RKP B C43   
508 C  C44   . RKP D . ? 0.2405 0.2357 0.1941 -0.0702 -0.0037 0.0372  102 RKP B C44   
535 K  K     . K   E . ? 0.1491 0.2341 0.2017 0.0324  0.0639  0.0164  103 K   B K     
536 O  O     . HOH F . ? 0.2163 0.2302 0.1587 0.0012  0.0214  0.0036  101 HOH A O     
537 O  O     . HOH F . ? 0.2211 0.1486 0.1402 -0.0023 0.0022  0.0101  102 HOH A O     
538 O  O     . HOH F . ? 0.3286 0.1901 0.2912 0.0719  -0.0319 0.0280  103 HOH A O     
539 O  O     . HOH F . ? 0.2242 0.1723 0.1398 -0.0120 0.0139  -0.0011 104 HOH A O     
540 O  O     . HOH F . ? 0.2004 0.2067 0.2651 -0.0175 0.0265  -0.0213 105 HOH A O     
541 O  O     . HOH F . ? 0.2748 0.2407 0.3307 -0.0516 -0.0222 -0.0470 106 HOH A O     
542 O  O     . HOH F . ? 0.2833 0.2255 0.2476 0.0088  0.0551  0.0065  107 HOH A O     
543 O  O     . HOH F . ? 0.2189 0.5466 0.2725 0.0178  -0.0361 0.0191  108 HOH A O     
544 O  O     . HOH F . ? 0.4040 0.5431 0.3485 0.0528  -0.0864 -0.1929 109 HOH A O     
545 O  O     . HOH F . ? 0.4319 0.2525 0.5376 -0.0539 -0.0394 0.1059  110 HOH A O     
546 O  O     . HOH F . ? 0.4194 0.2560 0.2510 0.1048  0.1503  0.0904  111 HOH A O     
547 O  O     . HOH F . ? 0.3206 0.3716 0.6784 -0.0933 0.0247  0.0818  112 HOH A O     
548 O  O     . HOH F . ? 0.5998 0.7089 0.3988 0.0582  0.0572  -0.0090 113 HOH A O     
549 O  O     . HOH F . ? 0.2952 0.2789 0.4981 -0.0488 -0.1000 -0.0574 114 HOH A O     
550 O  O     . HOH F . ? 0.3665 0.2147 0.2941 0.0126  -0.0717 0.0118  115 HOH A O     
551 O  O     . HOH F . ? 0.4888 0.5154 0.5024 -0.0152 -0.1228 -0.1179 116 HOH A O     
552 O  O     . HOH F . ? 0.3437 0.2184 0.6642 0.0170  -0.1338 -0.0510 117 HOH A O     
553 O  O     . HOH F . ? 0.4557 0.5377 0.3892 0.0331  -0.0643 -0.0870 118 HOH A O     
554 O  O     . HOH F . ? 0.4163 0.4016 0.5441 0.0218  -0.0748 0.0663  119 HOH A O     
555 O  O     . HOH F . ? 0.5563 0.4648 0.3747 -0.0228 -0.0952 0.1147  120 HOH A O     
556 O  O     . HOH F . ? 0.3937 0.6081 0.6141 0.1168  0.0288  -0.0760 121 HOH A O     
557 O  O     . HOH F . ? 0.4281 0.3599 0.3021 0.0315  -0.1500 -0.0457 122 HOH A O     
558 O  O     . HOH F . ? 0.6451 0.5833 0.3549 -0.0317 0.0022  0.0300  123 HOH A O     
559 O  O     . HOH F . ? 0.4548 0.6057 0.3465 0.0378  -0.1167 -0.1089 124 HOH A O     
560 O  O     . HOH F . ? 0.5323 0.6236 0.4362 -0.1698 -0.1112 0.0165  125 HOH A O     
561 O  O     . HOH F . ? 0.4010 0.4324 0.3946 0.1661  0.0386  -0.0031 126 HOH A O     
562 O  O     . HOH F . ? 0.5145 0.4782 0.4538 -0.0388 -0.0188 -0.0326 127 HOH A O     
563 O  O     . HOH F . ? 0.5767 0.5641 0.5449 -0.0557 0.0466  0.0708  128 HOH A O     
564 O  O     . HOH F . ? 0.6297 0.4126 0.5053 -0.0237 0.0116  0.0526  129 HOH A O     
565 O  O     . HOH F . ? 0.3687 0.4446 0.4949 -0.0078 -0.0114 0.0287  130 HOH A O     
566 O  O     . HOH F . ? 0.2406 0.2305 0.1399 -0.0407 -0.0091 0.0279  131 HOH A O     
567 O  O     . HOH F . ? 0.2749 0.1940 0.1612 0.0091  -0.0082 -0.0112 132 HOH A O     
568 O  O     . HOH F . ? 0.5247 0.6430 0.2482 0.0444  -0.0362 0.0684  133 HOH A O     
569 O  O     . HOH F . ? 0.3883 0.4740 0.4788 0.0679  -0.0415 -0.0354 134 HOH A O     
570 O  O     . HOH F . ? 0.2534 0.3478 0.2502 -0.1022 -0.0276 0.0568  135 HOH A O     
571 O  O     . HOH F . ? 0.4408 0.3008 0.4153 -0.1054 -0.1766 0.0496  136 HOH A O     
572 O  O     . HOH F . ? 0.3242 0.4087 0.3188 0.0919  -0.0029 0.0220  137 HOH A O     
573 O  O     . HOH F . ? 0.3329 0.4647 0.5083 0.1228  0.0526  0.0463  138 HOH A O     
574 O  O     . HOH F . ? 0.4298 0.5049 0.3606 0.1000  0.0453  0.0391  139 HOH A O     
575 O  O     . HOH F . ? 0.4694 0.5209 0.5560 0.0646  0.0281  -0.0004 140 HOH A O     
576 O  O     . HOH F . ? 0.5011 0.4898 0.4931 0.0092  0.0337  0.0349  141 HOH A O     
577 O  O     . HOH F . ? 0.4682 0.4349 0.4380 -0.0086 0.0615  0.0143  142 HOH A O     
578 O  O     . HOH G . ? 0.2081 0.1780 0.2113 0.0035  0.0766  0.0111  201 HOH B O     
579 O  O     . HOH G . ? 0.2016 0.2669 0.3429 -0.0423 -0.0266 0.1116  202 HOH B O     
580 O  O     . HOH G . ? 0.2269 0.2238 0.1978 0.0208  0.0136  -0.0320 203 HOH B O     
581 O  O     . HOH G . ? 0.2855 0.1628 0.1533 -0.0425 0.0531  0.0015  204 HOH B O     
582 O  O     . HOH G . ? 0.2811 0.6056 0.4169 -0.0124 0.0304  -0.0745 205 HOH B O     
583 O  O     . HOH G . ? 0.2238 0.2203 0.1712 -0.0311 0.0075  -0.0160 206 HOH B O     
584 O  O     . HOH G . ? 0.3524 0.2649 0.1477 0.0921  0.0077  0.0137  207 HOH B O     
585 O  O     . HOH G . ? 0.3619 0.2059 0.3892 0.0115  -0.0446 -0.0384 208 HOH B O     
586 O  O     . HOH G . ? 0.2929 0.1846 0.1745 0.0108  0.0534  0.0021  209 HOH B O     
587 O  O     . HOH G . ? 0.3948 0.4516 0.4837 -0.0400 0.0504  -0.0159 210 HOH B O     
588 O  O     . HOH G . ? 0.4246 0.4506 0.2391 -0.0773 0.1317  -0.1035 211 HOH B O     
589 O  O     . HOH G . ? 0.4450 0.4194 0.2682 -0.0324 -0.0362 0.1118  212 HOH B O     
590 O  O     . HOH G . ? 0.5620 0.4029 0.1641 0.0706  -0.0353 0.0193  213 HOH B O     
591 O  O     . HOH G . ? 0.3378 0.5453 0.5698 -0.0836 0.0170  0.0424  214 HOH B O     
592 O  O     . HOH G . ? 0.3944 0.5294 0.2196 -0.2289 0.0747  -0.0715 215 HOH B O     
593 O  O     . HOH G . ? 0.4981 0.5852 0.5185 -0.0139 0.0851  -0.0419 216 HOH B O     
594 O  O     . HOH G . ? 0.6076 0.6768 0.2506 -0.0579 -0.0493 0.0266  217 HOH B O     
595 O  O     . HOH G . ? 0.4386 0.4655 0.2271 -0.1509 0.0697  -0.0011 218 HOH B O     
596 O  O     . HOH G . ? 0.5753 0.5087 0.6668 0.0239  0.0397  0.0255  219 HOH B O     
597 O  O     . HOH G . ? 0.6248 0.5405 0.3343 -0.1759 0.0868  0.0661  220 HOH B O     
598 O  O     . HOH G . ? 0.6122 0.3512 0.1954 -0.0312 0.0406  0.0092  221 HOH B O     
599 O  O     . HOH G . ? 0.5849 0.2990 0.5278 0.0023  -0.0146 0.2098  222 HOH B O     
600 O  O     . HOH G . ? 0.6419 0.6677 0.4316 0.0184  0.1171  0.0163  223 HOH B O     
601 O  O     . HOH G . ? 0.4980 0.4273 0.5124 0.1918  0.1915  0.0877  224 HOH B O     
602 O  O     . HOH G . ? 0.4227 0.4037 0.5675 -0.0741 -0.0271 -0.0135 225 HOH B O     
603 O  O     . HOH G . ? 0.6118 0.4482 0.5754 -0.0738 -0.0707 -0.0451 226 HOH B O     
604 O  O     . HOH G . ? 0.5404 0.6172 0.2118 0.0232  -0.0147 0.0237  227 HOH B O     
605 O  O     . HOH G . ? 0.4926 0.1775 0.2189 0.0202  -0.0091 0.0073  228 HOH B O     
606 O  O     . HOH G . ? 0.4313 0.4234 0.3227 -0.1291 -0.0634 0.1089  229 HOH B O     
607 O  O     . HOH G . ? 0.2470 0.2293 0.2862 0.0780  0.0660  0.0420  230 HOH B O     
608 O  O     . HOH G . ? 0.2371 0.2490 0.2245 0.0114  -0.0080 0.0192  231 HOH B O     
609 O  O     . HOH G . ? 0.3835 0.2830 0.6384 0.1257  -0.1120 0.0246  232 HOH B O     
610 O  O     . HOH G . ? 0.4299 0.4057 0.3789 0.0695  0.0406  -0.0985 233 HOH B O     
611 O  O     . HOH G . ? 0.3853 0.3318 0.3550 -0.0894 -0.0444 -0.0840 234 HOH B O     
612 O  O     . HOH G . ? 0.3208 0.3109 0.2679 0.0284  -0.0206 -0.0138 235 HOH B O     
613 O  O     . HOH G . ? 0.4403 0.3776 0.2639 -0.1549 0.1509  -0.1113 236 HOH B O     
614 O  O     . HOH G . ? 0.5762 0.2260 0.2576 0.0861  0.0974  0.0750  237 HOH B O     
615 O  O     . HOH G . ? 0.3298 0.4402 0.4492 0.1147  0.0543  0.1623  238 HOH B O     
616 O  O     . HOH G . ? 0.4269 0.5501 0.4207 -0.0585 -0.0684 -0.0195 239 HOH B O     
617 O  O     . HOH G . ? 0.3387 0.3364 0.3551 0.1183  0.0256  0.0101  240 HOH B O     
618 O  O     . HOH G . ? 0.5138 0.4937 0.6369 -0.0505 0.0478  0.0880  241 HOH B O     
619 O  O     . HOH G . ? 0.4771 0.5486 0.3379 -0.1737 -0.0136 0.0474  242 HOH B O     
620 O  O     . HOH G . ? 0.3451 0.3427 0.3295 0.0869  0.0450  -0.0202 243 HOH B O     
621 O  O     . HOH G . ? 0.5189 0.4939 0.3919 -0.0105 0.0335  -0.0399 244 HOH B O     
622 O  O     . HOH G . ? 0.3805 0.3816 0.3807 0.0005  0.0001  0.0002  245 HOH B O     
623 O  O     . HOH G . ? 0.3818 0.3806 0.3808 -0.0001 0.0007  0.0003  246 HOH B O     
624 O  O     . HOH G . ? 0.3812 0.3790 0.3789 0.0000  0.0016  0.0011  247 HOH B O     
625 O  O     . HOH G . ? 0.3801 0.3802 0.3802 -0.0001 0.0001  -0.0001 248 HOH B O     
626 O  O     . HOH G . ? 0.3796 0.3813 0.3814 0.0004  -0.0002 -0.0008 249 HOH B O     
627 O  O     . HOH G . ? 0.3817 0.3803 0.3806 -0.0010 -0.0010 0.0000  250 HOH B O     
628 O  O     . HOH G . ? 0.3815 0.3816 0.3809 -0.0004 0.0003  0.0000  251 HOH B O     
629 O  O     . HOH G . ? 0.3819 0.3823 0.3825 -0.0002 -0.0012 -0.0004 252 HOH B O     
630 O  O     . HOH G . ? 0.3809 0.3813 0.3829 0.0010  0.0006  0.0001  253 HOH B O     
# 
loop_
_pdbx_poly_seq_scheme.asym_id 
_pdbx_poly_seq_scheme.entity_id 
_pdbx_poly_seq_scheme.seq_id 
_pdbx_poly_seq_scheme.mon_id 
_pdbx_poly_seq_scheme.ndb_seq_num 
_pdbx_poly_seq_scheme.pdb_seq_num 
_pdbx_poly_seq_scheme.auth_seq_num 
_pdbx_poly_seq_scheme.pdb_mon_id 
_pdbx_poly_seq_scheme.auth_mon_id 
_pdbx_poly_seq_scheme.pdb_strand_id 
_pdbx_poly_seq_scheme.pdb_ins_code 
_pdbx_poly_seq_scheme.hetero 
A 1 1 DA 1 1 1 DA DA A . n 
A 1 2 DT 2 2 2 DT DT A . n 
A 1 3 DG 3 3 3 DG DG A . n 
A 1 4 DC 4 4 4 DC DC A . n 
A 1 5 DA 5 5 5 DA DA A . n 
A 1 6 DT 6 6 6 DT DT A . n 
B 1 1 DA 1 1 1 DA DA B . n 
B 1 2 DT 2 2 2 DT DT B . n 
B 1 3 DG 3 3 3 DG DG B . n 
B 1 4 DC 4 4 4 DC DC B . n 
B 1 5 DA 5 5 5 DA DA B . n 
B 1 6 DT 6 6 6 DT DT B . n 
# 
loop_
_pdbx_nonpoly_scheme.asym_id 
_pdbx_nonpoly_scheme.entity_id 
_pdbx_nonpoly_scheme.mon_id 
_pdbx_nonpoly_scheme.ndb_seq_num 
_pdbx_nonpoly_scheme.pdb_seq_num 
_pdbx_nonpoly_scheme.auth_seq_num 
_pdbx_nonpoly_scheme.pdb_mon_id 
_pdbx_nonpoly_scheme.auth_mon_id 
_pdbx_nonpoly_scheme.pdb_strand_id 
_pdbx_nonpoly_scheme.pdb_ins_code 
C 2 0TN 1  101 1   0TN 0TN B . 
D 3 RKP 1  102 1   RKP RKP B . 
E 4 K   1  103 2   K   K   B . 
F 5 HOH 1  101 3   HOH HOH A . 
F 5 HOH 2  102 4   HOH HOH A . 
F 5 HOH 3  103 6   HOH HOH A . 
F 5 HOH 4  104 8   HOH HOH A . 
F 5 HOH 5  105 11  HOH HOH A . 
F 5 HOH 6  106 15  HOH HOH A . 
F 5 HOH 7  107 17  HOH HOH A . 
F 5 HOH 8  108 18  HOH HOH A . 
F 5 HOH 9  109 19  HOH HOH A . 
F 5 HOH 10 110 21  HOH HOH A . 
F 5 HOH 11 111 22  HOH HOH A . 
F 5 HOH 12 112 25  HOH HOH A . 
F 5 HOH 13 113 28  HOH HOH A . 
F 5 HOH 14 114 29  HOH HOH A . 
F 5 HOH 15 115 30  HOH HOH A . 
F 5 HOH 16 116 31  HOH HOH A . 
F 5 HOH 17 117 32  HOH HOH A . 
F 5 HOH 18 118 36  HOH HOH A . 
F 5 HOH 19 119 38  HOH HOH A . 
F 5 HOH 20 120 39  HOH HOH A . 
F 5 HOH 21 121 40  HOH HOH A . 
F 5 HOH 22 122 42  HOH HOH A . 
F 5 HOH 23 123 44  HOH HOH A . 
F 5 HOH 24 124 45  HOH HOH A . 
F 5 HOH 25 125 47  HOH HOH A . 
F 5 HOH 26 126 50  HOH HOH A . 
F 5 HOH 27 127 51  HOH HOH A . 
F 5 HOH 28 128 53  HOH HOH A . 
F 5 HOH 29 129 54  HOH HOH A . 
F 5 HOH 30 130 57  HOH HOH A . 
F 5 HOH 31 131 59  HOH HOH A . 
F 5 HOH 32 132 61  HOH HOH A . 
F 5 HOH 33 133 64  HOH HOH A . 
F 5 HOH 34 134 66  HOH HOH A . 
F 5 HOH 35 135 71  HOH HOH A . 
F 5 HOH 36 136 73  HOH HOH A . 
F 5 HOH 37 137 77  HOH HOH A . 
F 5 HOH 38 138 78  HOH HOH A . 
F 5 HOH 39 139 79  HOH HOH A . 
F 5 HOH 40 140 82  HOH HOH A . 
F 5 HOH 41 141 84  HOH HOH A . 
F 5 HOH 42 142 85  HOH HOH A . 
G 5 HOH 1  201 1   HOH HOH B . 
G 5 HOH 2  202 2   HOH HOH B . 
G 5 HOH 3  203 5   HOH HOH B . 
G 5 HOH 4  204 7   HOH HOH B . 
G 5 HOH 5  205 9   HOH HOH B . 
G 5 HOH 6  206 10  HOH HOH B . 
G 5 HOH 7  207 12  HOH HOH B . 
G 5 HOH 8  208 13  HOH HOH B . 
G 5 HOH 9  209 14  HOH HOH B . 
G 5 HOH 10 210 16  HOH HOH B . 
G 5 HOH 11 211 20  HOH HOH B . 
G 5 HOH 12 212 23  HOH HOH B . 
G 5 HOH 13 213 24  HOH HOH B . 
G 5 HOH 14 214 26  HOH HOH B . 
G 5 HOH 15 215 27  HOH HOH B . 
G 5 HOH 16 216 33  HOH HOH B . 
G 5 HOH 17 217 34  HOH HOH B . 
G 5 HOH 18 218 35  HOH HOH B . 
G 5 HOH 19 219 37  HOH HOH B . 
G 5 HOH 20 220 41  HOH HOH B . 
G 5 HOH 21 221 43  HOH HOH B . 
G 5 HOH 22 222 46  HOH HOH B . 
G 5 HOH 23 223 48  HOH HOH B . 
G 5 HOH 24 224 49  HOH HOH B . 
G 5 HOH 25 225 52  HOH HOH B . 
G 5 HOH 26 226 55  HOH HOH B . 
G 5 HOH 27 227 56  HOH HOH B . 
G 5 HOH 28 228 58  HOH HOH B . 
G 5 HOH 29 229 60  HOH HOH B . 
G 5 HOH 30 230 62  HOH HOH B . 
G 5 HOH 31 231 63  HOH HOH B . 
G 5 HOH 32 232 65  HOH HOH B . 
G 5 HOH 33 233 67  HOH HOH B . 
G 5 HOH 34 234 68  HOH HOH B . 
G 5 HOH 35 235 69  HOH HOH B . 
G 5 HOH 36 236 70  HOH HOH B . 
G 5 HOH 37 237 72  HOH HOH B . 
G 5 HOH 38 238 74  HOH HOH B . 
G 5 HOH 39 239 75  HOH HOH B . 
G 5 HOH 40 240 76  HOH HOH B . 
G 5 HOH 41 241 80  HOH HOH B . 
G 5 HOH 42 242 81  HOH HOH B . 
G 5 HOH 43 243 83  HOH HOH B . 
G 5 HOH 44 244 86  HOH HOH B . 
G 5 HOH 45 245 87  HOH HOH B . 
G 5 HOH 46 246 88  HOH HOH B . 
G 5 HOH 47 247 89  HOH HOH B . 
G 5 HOH 48 248 248 HOH HOH B . 
G 5 HOH 49 249 91  HOH HOH B . 
G 5 HOH 50 250 92  HOH HOH B . 
G 5 HOH 51 251 93  HOH HOH B . 
G 5 HOH 52 252 94  HOH HOH B . 
G 5 HOH 53 253 95  HOH HOH B . 
# 
_pdbx_struct_assembly.id                   1 
_pdbx_struct_assembly.details              author_defined_assembly 
_pdbx_struct_assembly.method_details       ? 
_pdbx_struct_assembly.oligomeric_details   dimeric 
_pdbx_struct_assembly.oligomeric_count     2 
# 
_pdbx_struct_assembly_gen.assembly_id       1 
_pdbx_struct_assembly_gen.oper_expression   1 
_pdbx_struct_assembly_gen.asym_id_list      A,B,C,D,E,F,G 
# 
_pdbx_struct_oper_list.id                   1 
_pdbx_struct_oper_list.type                 'identity operation' 
_pdbx_struct_oper_list.name                 1_555 
_pdbx_struct_oper_list.symmetry_operation   x,y,z 
_pdbx_struct_oper_list.matrix[1][1]         1.0000000000 
_pdbx_struct_oper_list.matrix[1][2]         0.0000000000 
_pdbx_struct_oper_list.matrix[1][3]         0.0000000000 
_pdbx_struct_oper_list.vector[1]            0.0000000000 
_pdbx_struct_oper_list.matrix[2][1]         0.0000000000 
_pdbx_struct_oper_list.matrix[2][2]         1.0000000000 
_pdbx_struct_oper_list.matrix[2][3]         0.0000000000 
_pdbx_struct_oper_list.vector[2]            0.0000000000 
_pdbx_struct_oper_list.matrix[3][1]         0.0000000000 
_pdbx_struct_oper_list.matrix[3][2]         0.0000000000 
_pdbx_struct_oper_list.matrix[3][3]         1.0000000000 
_pdbx_struct_oper_list.vector[3]            0.0000000000 
# 
loop_
_pdbx_struct_special_symmetry.id 
_pdbx_struct_special_symmetry.PDB_model_num 
_pdbx_struct_special_symmetry.auth_asym_id 
_pdbx_struct_special_symmetry.auth_comp_id 
_pdbx_struct_special_symmetry.auth_seq_id 
_pdbx_struct_special_symmetry.PDB_ins_code 
_pdbx_struct_special_symmetry.label_asym_id 
_pdbx_struct_special_symmetry.label_comp_id 
_pdbx_struct_special_symmetry.label_seq_id 
1 1 B K   103 ? E K   . 
2 1 B HOH 248 ? G HOH . 
# 
loop_
_pdbx_struct_conn_angle.id 
_pdbx_struct_conn_angle.ptnr1_label_atom_id 
_pdbx_struct_conn_angle.ptnr1_label_alt_id 
_pdbx_struct_conn_angle.ptnr1_label_asym_id 
_pdbx_struct_conn_angle.ptnr1_label_comp_id 
_pdbx_struct_conn_angle.ptnr1_label_seq_id 
_pdbx_struct_conn_angle.ptnr1_auth_atom_id 
_pdbx_struct_conn_angle.ptnr1_auth_asym_id 
_pdbx_struct_conn_angle.ptnr1_auth_comp_id 
_pdbx_struct_conn_angle.ptnr1_auth_seq_id 
_pdbx_struct_conn_angle.ptnr1_PDB_ins_code 
_pdbx_struct_conn_angle.ptnr1_symmetry 
_pdbx_struct_conn_angle.ptnr2_label_atom_id 
_pdbx_struct_conn_angle.ptnr2_label_alt_id 
_pdbx_struct_conn_angle.ptnr2_label_asym_id 
_pdbx_struct_conn_angle.ptnr2_label_comp_id 
_pdbx_struct_conn_angle.ptnr2_label_seq_id 
_pdbx_struct_conn_angle.ptnr2_auth_atom_id 
_pdbx_struct_conn_angle.ptnr2_auth_asym_id 
_pdbx_struct_conn_angle.ptnr2_auth_comp_id 
_pdbx_struct_conn_angle.ptnr2_auth_seq_id 
_pdbx_struct_conn_angle.ptnr2_PDB_ins_code 
_pdbx_struct_conn_angle.ptnr2_symmetry 
_pdbx_struct_conn_angle.ptnr3_label_atom_id 
_pdbx_struct_conn_angle.ptnr3_label_alt_id 
_pdbx_struct_conn_angle.ptnr3_label_asym_id 
_pdbx_struct_conn_angle.ptnr3_label_comp_id 
_pdbx_struct_conn_angle.ptnr3_label_seq_id 
_pdbx_struct_conn_angle.ptnr3_auth_atom_id 
_pdbx_struct_conn_angle.ptnr3_auth_asym_id 
_pdbx_struct_conn_angle.ptnr3_auth_comp_id 
_pdbx_struct_conn_angle.ptnr3_auth_seq_id 
_pdbx_struct_conn_angle.ptnr3_PDB_ins_code 
_pdbx_struct_conn_angle.ptnr3_symmetry 
_pdbx_struct_conn_angle.value 
_pdbx_struct_conn_angle.value_esd 
1  OP1 ? B DC  4 ? B DC  4   ? 1_555 K ? E K . ? B K 103 ? 1_555 O ? G HOH . ? B HOH 216 ? 1_555 83.5  ? 
2  OP1 ? B DC  4 ? B DC  4   ? 1_555 K ? E K . ? B K 103 ? 1_555 O ? G HOH . ? B HOH 241 ? 1_555 70.8  ? 
3  O   ? G HOH . ? B HOH 216 ? 1_555 K ? E K . ? B K 103 ? 1_555 O ? G HOH . ? B HOH 241 ? 1_555 63.5  ? 
4  OP1 ? B DC  4 ? B DC  4   ? 1_555 K ? E K . ? B K 103 ? 1_555 O ? G HOH . ? B HOH 245 ? 1_555 80.0  ? 
5  O   ? G HOH . ? B HOH 216 ? 1_555 K ? E K . ? B K 103 ? 1_555 O ? G HOH . ? B HOH 245 ? 1_555 72.7  ? 
6  O   ? G HOH . ? B HOH 241 ? 1_555 K ? E K . ? B K 103 ? 1_555 O ? G HOH . ? B HOH 245 ? 1_555 129.1 ? 
7  OP1 ? B DC  4 ? B DC  4   ? 1_555 K ? E K . ? B K 103 ? 1_555 O ? G HOH . ? B HOH 248 ? 1_555 142.7 ? 
8  O   ? G HOH . ? B HOH 216 ? 1_555 K ? E K . ? B K 103 ? 1_555 O ? G HOH . ? B HOH 248 ? 1_555 70.5  ? 
9  O   ? G HOH . ? B HOH 241 ? 1_555 K ? E K . ? B K 103 ? 1_555 O ? G HOH . ? B HOH 248 ? 1_555 116.8 ? 
10 O   ? G HOH . ? B HOH 245 ? 1_555 K ? E K . ? B K 103 ? 1_555 O ? G HOH . ? B HOH 248 ? 1_555 67.3  ? 
# 
loop_
_pdbx_audit_revision_history.ordinal 
_pdbx_audit_revision_history.data_content_type 
_pdbx_audit_revision_history.major_revision 
_pdbx_audit_revision_history.minor_revision 
_pdbx_audit_revision_history.revision_date 
1 'Structure model' 1 0 2013-04-24 
2 'Structure model' 1 1 2013-09-18 
3 'Structure model' 1 2 2023-09-20 
# 
_pdbx_audit_revision_details.ordinal             1 
_pdbx_audit_revision_details.revision_ordinal    1 
_pdbx_audit_revision_details.data_content_type   'Structure model' 
_pdbx_audit_revision_details.provider            repository 
_pdbx_audit_revision_details.type                'Initial release' 
_pdbx_audit_revision_details.description         ? 
_pdbx_audit_revision_details.details             ? 
# 
loop_
_pdbx_audit_revision_group.ordinal 
_pdbx_audit_revision_group.revision_ordinal 
_pdbx_audit_revision_group.data_content_type 
_pdbx_audit_revision_group.group 
1 2 'Structure model' 'Database references'    
2 3 'Structure model' 'Data collection'        
3 3 'Structure model' 'Database references'    
4 3 'Structure model' 'Derived calculations'   
5 3 'Structure model' 'Refinement description' 
# 
loop_
_pdbx_audit_revision_category.ordinal 
_pdbx_audit_revision_category.revision_ordinal 
_pdbx_audit_revision_category.data_content_type 
_pdbx_audit_revision_category.category 
1 3 'Structure model' chem_comp_atom                
2 3 'Structure model' chem_comp_bond                
3 3 'Structure model' database_2                    
4 3 'Structure model' pdbx_initial_refinement_model 
5 3 'Structure model' pdbx_struct_conn_angle        
6 3 'Structure model' struct_conn                   
7 3 'Structure model' struct_site                   
# 
loop_
_pdbx_audit_revision_item.ordinal 
_pdbx_audit_revision_item.revision_ordinal 
_pdbx_audit_revision_item.data_content_type 
_pdbx_audit_revision_item.item 
1  3 'Structure model' '_database_2.pdbx_DOI'                        
2  3 'Structure model' '_database_2.pdbx_database_accession'         
3  3 'Structure model' '_pdbx_struct_conn_angle.ptnr1_auth_comp_id'  
4  3 'Structure model' '_pdbx_struct_conn_angle.ptnr1_auth_seq_id'   
5  3 'Structure model' '_pdbx_struct_conn_angle.ptnr1_label_asym_id' 
6  3 'Structure model' '_pdbx_struct_conn_angle.ptnr1_label_atom_id' 
7  3 'Structure model' '_pdbx_struct_conn_angle.ptnr1_label_comp_id' 
8  3 'Structure model' '_pdbx_struct_conn_angle.ptnr1_label_seq_id'  
9  3 'Structure model' '_pdbx_struct_conn_angle.ptnr3_auth_comp_id'  
10 3 'Structure model' '_pdbx_struct_conn_angle.ptnr3_auth_seq_id'   
11 3 'Structure model' '_pdbx_struct_conn_angle.ptnr3_label_asym_id' 
12 3 'Structure model' '_pdbx_struct_conn_angle.ptnr3_label_atom_id' 
13 3 'Structure model' '_pdbx_struct_conn_angle.ptnr3_label_comp_id' 
14 3 'Structure model' '_pdbx_struct_conn_angle.ptnr3_label_seq_id'  
15 3 'Structure model' '_pdbx_struct_conn_angle.value'               
16 3 'Structure model' '_struct_conn.pdbx_dist_value'                
17 3 'Structure model' '_struct_conn.ptnr1_auth_comp_id'             
18 3 'Structure model' '_struct_conn.ptnr1_auth_seq_id'              
19 3 'Structure model' '_struct_conn.ptnr1_label_asym_id'            
20 3 'Structure model' '_struct_conn.ptnr1_label_atom_id'            
21 3 'Structure model' '_struct_conn.ptnr1_label_comp_id'            
22 3 'Structure model' '_struct_conn.ptnr1_label_seq_id'             
23 3 'Structure model' '_struct_conn.ptnr2_auth_comp_id'             
24 3 'Structure model' '_struct_conn.ptnr2_auth_seq_id'              
25 3 'Structure model' '_struct_conn.ptnr2_label_asym_id'            
26 3 'Structure model' '_struct_conn.ptnr2_label_atom_id'            
27 3 'Structure model' '_struct_conn.ptnr2_label_comp_id'            
28 3 'Structure model' '_struct_site.pdbx_auth_asym_id'              
29 3 'Structure model' '_struct_site.pdbx_auth_comp_id'              
30 3 'Structure model' '_struct_site.pdbx_auth_seq_id'               
# 
loop_
_software.name 
_software.classification 
_software.version 
_software.citation_id 
_software.pdbx_ordinal 
GDA     'data collection' .                             ? 1 
PHASER  phasing           .                             ? 2 
PHENIX  refinement        '(phenix.refine: 1.8.1_1168)' ? 3 
MOSFLM  'data reduction'  .                             ? 4 
Aimless 'data scaling'    .                             ? 5 
# 
loop_
_pdbx_validate_close_contact.id 
_pdbx_validate_close_contact.PDB_model_num 
_pdbx_validate_close_contact.auth_atom_id_1 
_pdbx_validate_close_contact.auth_asym_id_1 
_pdbx_validate_close_contact.auth_comp_id_1 
_pdbx_validate_close_contact.auth_seq_id_1 
_pdbx_validate_close_contact.PDB_ins_code_1 
_pdbx_validate_close_contact.label_alt_id_1 
_pdbx_validate_close_contact.auth_atom_id_2 
_pdbx_validate_close_contact.auth_asym_id_2 
_pdbx_validate_close_contact.auth_comp_id_2 
_pdbx_validate_close_contact.auth_seq_id_2 
_pdbx_validate_close_contact.PDB_ins_code_2 
_pdbx_validate_close_contact.label_alt_id_2 
_pdbx_validate_close_contact.dist 
1 1 O B HOH 240 ? ? O B HOH 243 ? ? 1.61 
2 1 O A HOH 110 ? ? O A HOH 141 ? ? 1.87 
# 
_pdbx_validate_symm_contact.id                1 
_pdbx_validate_symm_contact.PDB_model_num     1 
_pdbx_validate_symm_contact.auth_atom_id_1    O 
_pdbx_validate_symm_contact.auth_asym_id_1    A 
_pdbx_validate_symm_contact.auth_comp_id_1    HOH 
_pdbx_validate_symm_contact.auth_seq_id_1     137 
_pdbx_validate_symm_contact.PDB_ins_code_1    ? 
_pdbx_validate_symm_contact.label_alt_id_1    ? 
_pdbx_validate_symm_contact.site_symmetry_1   1_555 
_pdbx_validate_symm_contact.auth_atom_id_2    O 
_pdbx_validate_symm_contact.auth_asym_id_2    B 
_pdbx_validate_symm_contact.auth_comp_id_2    HOH 
_pdbx_validate_symm_contact.auth_seq_id_2     243 
_pdbx_validate_symm_contact.PDB_ins_code_2    ? 
_pdbx_validate_symm_contact.label_alt_id_2    ? 
_pdbx_validate_symm_contact.site_symmetry_2   3_454 
_pdbx_validate_symm_contact.dist              2.08 
# 
loop_
_pdbx_validate_rmsd_angle.id 
_pdbx_validate_rmsd_angle.PDB_model_num 
_pdbx_validate_rmsd_angle.auth_atom_id_1 
_pdbx_validate_rmsd_angle.auth_asym_id_1 
_pdbx_validate_rmsd_angle.auth_comp_id_1 
_pdbx_validate_rmsd_angle.auth_seq_id_1 
_pdbx_validate_rmsd_angle.PDB_ins_code_1 
_pdbx_validate_rmsd_angle.label_alt_id_1 
_pdbx_validate_rmsd_angle.auth_atom_id_2 
_pdbx_validate_rmsd_angle.auth_asym_id_2 
_pdbx_validate_rmsd_angle.auth_comp_id_2 
_pdbx_validate_rmsd_angle.auth_seq_id_2 
_pdbx_validate_rmsd_angle.PDB_ins_code_2 
_pdbx_validate_rmsd_angle.label_alt_id_2 
_pdbx_validate_rmsd_angle.auth_atom_id_3 
_pdbx_validate_rmsd_angle.auth_asym_id_3 
_pdbx_validate_rmsd_angle.auth_comp_id_3 
_pdbx_validate_rmsd_angle.auth_seq_id_3 
_pdbx_validate_rmsd_angle.PDB_ins_code_3 
_pdbx_validate_rmsd_angle.label_alt_id_3 
_pdbx_validate_rmsd_angle.angle_value 
_pdbx_validate_rmsd_angle.angle_target_value 
_pdbx_validate_rmsd_angle.angle_deviation 
_pdbx_validate_rmsd_angle.angle_standard_deviation 
_pdbx_validate_rmsd_angle.linker_flag 
1 1 "O5'" A DT 2 ? ? P     A DT 2 ? ? OP2   A DT 2 ? ? 98.33  105.70 -7.37 0.90 N 
2 1 "O5'" A DT 6 ? ? P     A DT 6 ? ? OP1   A DT 6 ? ? 121.72 110.70 11.02 1.20 N 
3 1 "O5'" A DT 6 ? ? P     A DT 6 ? ? OP2   A DT 6 ? ? 97.42  105.70 -8.28 0.90 N 
4 1 "C1'" A DT 6 ? ? "O4'" A DT 6 ? ? "C4'" A DT 6 ? ? 102.15 110.10 -7.95 1.00 N 
5 1 "O4'" A DT 6 ? ? "C1'" A DT 6 ? ? N1    A DT 6 ? ? 111.57 108.30 3.27  0.30 N 
6 1 "O4'" B DC 4 ? ? "C1'" B DC 4 ? ? N1    B DC 4 ? ? 112.39 108.30 4.09  0.30 N 
# 
loop_
_chem_comp_atom.comp_id 
_chem_comp_atom.atom_id 
_chem_comp_atom.type_symbol 
_chem_comp_atom.pdbx_aromatic_flag 
_chem_comp_atom.pdbx_stereo_config 
_chem_comp_atom.pdbx_ordinal 
0TN RU     RU N N 1   
0TN C1     C  Y N 2   
0TN N1     N  Y N 3   
0TN C2     C  Y N 4   
0TN N2     N  Y N 5   
0TN C3     C  Y N 6   
0TN N3     N  Y N 7   
0TN C4     C  Y N 8   
0TN N4     N  Y N 9   
0TN C5     C  Y N 10  
0TN N5     N  Y N 11  
0TN C6     C  Y N 12  
0TN C7     C  Y N 13  
0TN C8     C  Y N 14  
0TN N8     N  Y N 15  
0TN C9     C  Y N 16  
0TN N9     N  Y N 17  
0TN C10    C  Y N 18  
0TN C11    C  Y N 19  
0TN C12    C  Y N 20  
0TN N12    N  Y N 21  
0TN C13    C  Y N 22  
0TN C14    C  Y N 23  
0TN C15    C  Y N 24  
0TN C16    C  Y N 25  
0TN C17    C  Y N 26  
0TN C18    C  Y N 27  
0TN C19    C  Y N 28  
0TN C20    C  Y N 29  
0TN C21    C  Y N 30  
0TN C22    C  Y N 31  
0TN C23    C  Y N 32  
0TN C24    C  Y N 33  
0TN C25    C  Y N 34  
0TN C26    C  Y N 35  
0TN C27    C  Y N 36  
0TN C28    C  Y N 37  
0TN C29    C  Y N 38  
0TN C30    C  Y N 39  
0TN C31    C  Y N 40  
0TN C32    C  Y N 41  
0TN C33    C  Y N 42  
0TN C34    C  Y N 43  
0TN C35    C  Y N 44  
0TN C36    C  Y N 45  
0TN C37    C  Y N 46  
0TN C38    C  Y N 47  
0TN C41    C  Y N 48  
0TN C42    C  Y N 49  
0TN C43    C  Y N 50  
0TN C44    C  Y N 51  
0TN H1     H  N N 52  
0TN H2     H  N N 53  
0TN H3     H  N N 54  
0TN H4     H  N N 55  
0TN H5     H  N N 56  
0TN H6     H  N N 57  
0TN H7     H  N N 58  
0TN H8     H  N N 59  
0TN H9     H  N N 60  
0TN H10    H  N N 61  
0TN H11    H  N N 62  
0TN H12    H  N N 63  
0TN H13    H  N N 64  
0TN H14    H  N N 65  
0TN H15    H  N N 66  
0TN H16    H  N N 67  
0TN H17    H  N N 68  
0TN H18    H  N N 69  
0TN H19    H  N N 70  
0TN H20    H  N N 71  
0TN H21    H  N N 72  
0TN H22    H  N N 73  
0TN H23    H  N N 74  
0TN H24    H  N N 75  
0TN H25    H  N N 76  
0TN H26    H  N N 77  
DA  OP3    O  N N 78  
DA  P      P  N N 79  
DA  OP1    O  N N 80  
DA  OP2    O  N N 81  
DA  "O5'"  O  N N 82  
DA  "C5'"  C  N N 83  
DA  "C4'"  C  N R 84  
DA  "O4'"  O  N N 85  
DA  "C3'"  C  N S 86  
DA  "O3'"  O  N N 87  
DA  "C2'"  C  N N 88  
DA  "C1'"  C  N R 89  
DA  N9     N  Y N 90  
DA  C8     C  Y N 91  
DA  N7     N  Y N 92  
DA  C5     C  Y N 93  
DA  C6     C  Y N 94  
DA  N6     N  N N 95  
DA  N1     N  Y N 96  
DA  C2     C  Y N 97  
DA  N3     N  Y N 98  
DA  C4     C  Y N 99  
DA  HOP3   H  N N 100 
DA  HOP2   H  N N 101 
DA  "H5'"  H  N N 102 
DA  "H5''" H  N N 103 
DA  "H4'"  H  N N 104 
DA  "H3'"  H  N N 105 
DA  "HO3'" H  N N 106 
DA  "H2'"  H  N N 107 
DA  "H2''" H  N N 108 
DA  "H1'"  H  N N 109 
DA  H8     H  N N 110 
DA  H61    H  N N 111 
DA  H62    H  N N 112 
DA  H2     H  N N 113 
DC  OP3    O  N N 114 
DC  P      P  N N 115 
DC  OP1    O  N N 116 
DC  OP2    O  N N 117 
DC  "O5'"  O  N N 118 
DC  "C5'"  C  N N 119 
DC  "C4'"  C  N R 120 
DC  "O4'"  O  N N 121 
DC  "C3'"  C  N S 122 
DC  "O3'"  O  N N 123 
DC  "C2'"  C  N N 124 
DC  "C1'"  C  N R 125 
DC  N1     N  N N 126 
DC  C2     C  N N 127 
DC  O2     O  N N 128 
DC  N3     N  N N 129 
DC  C4     C  N N 130 
DC  N4     N  N N 131 
DC  C5     C  N N 132 
DC  C6     C  N N 133 
DC  HOP3   H  N N 134 
DC  HOP2   H  N N 135 
DC  "H5'"  H  N N 136 
DC  "H5''" H  N N 137 
DC  "H4'"  H  N N 138 
DC  "H3'"  H  N N 139 
DC  "HO3'" H  N N 140 
DC  "H2'"  H  N N 141 
DC  "H2''" H  N N 142 
DC  "H1'"  H  N N 143 
DC  H41    H  N N 144 
DC  H42    H  N N 145 
DC  H5     H  N N 146 
DC  H6     H  N N 147 
DG  OP3    O  N N 148 
DG  P      P  N N 149 
DG  OP1    O  N N 150 
DG  OP2    O  N N 151 
DG  "O5'"  O  N N 152 
DG  "C5'"  C  N N 153 
DG  "C4'"  C  N R 154 
DG  "O4'"  O  N N 155 
DG  "C3'"  C  N S 156 
DG  "O3'"  O  N N 157 
DG  "C2'"  C  N N 158 
DG  "C1'"  C  N R 159 
DG  N9     N  Y N 160 
DG  C8     C  Y N 161 
DG  N7     N  Y N 162 
DG  C5     C  Y N 163 
DG  C6     C  N N 164 
DG  O6     O  N N 165 
DG  N1     N  N N 166 
DG  C2     C  N N 167 
DG  N2     N  N N 168 
DG  N3     N  N N 169 
DG  C4     C  Y N 170 
DG  HOP3   H  N N 171 
DG  HOP2   H  N N 172 
DG  "H5'"  H  N N 173 
DG  "H5''" H  N N 174 
DG  "H4'"  H  N N 175 
DG  "H3'"  H  N N 176 
DG  "HO3'" H  N N 177 
DG  "H2'"  H  N N 178 
DG  "H2''" H  N N 179 
DG  "H1'"  H  N N 180 
DG  H8     H  N N 181 
DG  H1     H  N N 182 
DG  H21    H  N N 183 
DG  H22    H  N N 184 
DT  OP3    O  N N 185 
DT  P      P  N N 186 
DT  OP1    O  N N 187 
DT  OP2    O  N N 188 
DT  "O5'"  O  N N 189 
DT  "C5'"  C  N N 190 
DT  "C4'"  C  N R 191 
DT  "O4'"  O  N N 192 
DT  "C3'"  C  N S 193 
DT  "O3'"  O  N N 194 
DT  "C2'"  C  N N 195 
DT  "C1'"  C  N R 196 
DT  N1     N  N N 197 
DT  C2     C  N N 198 
DT  O2     O  N N 199 
DT  N3     N  N N 200 
DT  C4     C  N N 201 
DT  O4     O  N N 202 
DT  C5     C  N N 203 
DT  C7     C  N N 204 
DT  C6     C  N N 205 
DT  HOP3   H  N N 206 
DT  HOP2   H  N N 207 
DT  "H5'"  H  N N 208 
DT  "H5''" H  N N 209 
DT  "H4'"  H  N N 210 
DT  "H3'"  H  N N 211 
DT  "HO3'" H  N N 212 
DT  "H2'"  H  N N 213 
DT  "H2''" H  N N 214 
DT  "H1'"  H  N N 215 
DT  H3     H  N N 216 
DT  H71    H  N N 217 
DT  H72    H  N N 218 
DT  H73    H  N N 219 
DT  H6     H  N N 220 
HOH O      O  N N 221 
HOH H1     H  N N 222 
HOH H2     H  N N 223 
K   K      K  N N 224 
RKP RU     RU N N 225 
RKP C1     C  Y N 226 
RKP N1     N  Y N 227 
RKP C2     C  Y N 228 
RKP N2     N  Y N 229 
RKP C3     C  Y N 230 
RKP N3     N  Y N 231 
RKP C4     C  Y N 232 
RKP N4     N  Y N 233 
RKP C5     C  Y N 234 
RKP N5     N  Y N 235 
RKP C6     C  Y N 236 
RKP C7     C  Y N 237 
RKP C8     C  Y N 238 
RKP N8     N  Y N 239 
RKP C9     C  Y N 240 
RKP N9     N  Y N 241 
RKP C10    C  Y N 242 
RKP C11    C  Y N 243 
RKP C12    C  Y N 244 
RKP N12    N  Y N 245 
RKP C13    C  Y N 246 
RKP C14    C  Y N 247 
RKP C15    C  Y N 248 
RKP C16    C  Y N 249 
RKP C17    C  Y N 250 
RKP C18    C  Y N 251 
RKP C19    C  Y N 252 
RKP C20    C  Y N 253 
RKP C21    C  Y N 254 
RKP C22    C  Y N 255 
RKP C23    C  Y N 256 
RKP C24    C  Y N 257 
RKP C25    C  Y N 258 
RKP C26    C  Y N 259 
RKP C27    C  Y N 260 
RKP C28    C  Y N 261 
RKP C29    C  Y N 262 
RKP C30    C  Y N 263 
RKP C31    C  Y N 264 
RKP C32    C  Y N 265 
RKP C33    C  Y N 266 
RKP C34    C  Y N 267 
RKP C35    C  Y N 268 
RKP C36    C  Y N 269 
RKP C37    C  Y N 270 
RKP C38    C  Y N 271 
RKP C41    C  Y N 272 
RKP C42    C  Y N 273 
RKP C43    C  Y N 274 
RKP C44    C  Y N 275 
RKP H2     H  N N 276 
RKP H3     H  N N 277 
RKP H4     H  N N 278 
RKP H9     H  N N 279 
RKP H11    H  N N 280 
RKP H12    H  N N 281 
RKP H14    H  N N 282 
RKP H16    H  N N 283 
RKP H17    H  N N 284 
RKP H18    H  N N 285 
RKP H20    H  N N 286 
RKP H21    H  N N 287 
RKP H23    H  N N 288 
RKP H24    H  N N 289 
RKP H27    H  N N 290 
RKP H28    H  N N 291 
RKP H30    H  N N 292 
RKP H31    H  N N 293 
RKP H33    H  N N 294 
RKP H34    H  N N 295 
RKP H37    H  N N 296 
RKP H38    H  N N 297 
RKP H41    H  N N 298 
RKP H42    H  N N 299 
RKP H43    H  N N 300 
RKP H44    H  N N 301 
# 
loop_
_chem_comp_bond.comp_id 
_chem_comp_bond.atom_id_1 
_chem_comp_bond.atom_id_2 
_chem_comp_bond.value_order 
_chem_comp_bond.pdbx_aromatic_flag 
_chem_comp_bond.pdbx_stereo_config 
_chem_comp_bond.pdbx_ordinal 
0TN C18   C14    doub Y N 1   
0TN C18   C17    sing Y N 2   
0TN C14   C13    sing Y N 3   
0TN C17   C16    doub Y N 4   
0TN C13   N4     doub Y N 5   
0TN C13   C15    sing Y N 6   
0TN C44   C37    doub Y N 7   
0TN C44   C35    sing Y N 8   
0TN C34   C35    doub Y N 9   
0TN C34   C33    sing Y N 10  
0TN N4    C7     sing Y N 11  
0TN C16   C15    sing Y N 12  
0TN C37   C38    sing Y N 13  
0TN C9    C11    doub Y N 14  
0TN C9    C8     sing Y N 15  
0TN C35   C36    sing Y N 16  
0TN C33   C32    doub Y N 17  
0TN C15   N3     doub Y N 18  
0TN C11   C12    sing Y N 19  
0TN C7    C8     doub Y N 20  
0TN C7    C6     sing Y N 21  
0TN C8    C10    sing Y N 22  
0TN N3    C6     sing Y N 23  
0TN C38   N12    doub Y N 24  
0TN C36   N12    sing Y N 25  
0TN C36   C29    doub Y N 26  
0TN C32   C29    sing Y N 27  
0TN C32   C43    sing Y N 28  
0TN C12   N1     doub Y N 29  
0TN C6    C5     doub Y N 30  
0TN N12   RU     sing N N 31  
0TN C10   N1     sing Y N 32  
0TN C10   C1     doub Y N 33  
0TN C29   N9     sing Y N 34  
0TN C43   C31    doub Y N 35  
0TN N1    RU     sing N N 36  
0TN C5    C1     sing Y N 37  
0TN C5    C4     sing Y N 38  
0TN C1    N2     sing Y N 39  
0TN N9    RU     sing N N 40  
0TN N9    C30    doub Y N 41  
0TN C4    C3     doub Y N 42  
0TN C31   C30    sing Y N 43  
0TN RU    N2     sing N N 44  
0TN RU    N5     sing N N 45  
0TN RU    N8     sing N N 46  
0TN N2    C2     doub Y N 47  
0TN C3    C2     sing Y N 48  
0TN C20   N5     doub Y N 49  
0TN C20   C21    sing Y N 50  
0TN N5    C19    sing Y N 51  
0TN N8    C28    doub Y N 52  
0TN N8    C26    sing Y N 53  
0TN C28   C27    sing Y N 54  
0TN C21   C41    doub Y N 55  
0TN C19   C26    doub Y N 56  
0TN C19   C22    sing Y N 57  
0TN C26   C25    sing Y N 58  
0TN C27   C42    doub Y N 59  
0TN C41   C22    sing Y N 60  
0TN C22   C23    doub Y N 61  
0TN C25   C42    sing Y N 62  
0TN C25   C24    doub Y N 63  
0TN C23   C24    sing Y N 64  
0TN C2    H1     sing N N 65  
0TN C3    H2     sing N N 66  
0TN C4    H3     sing N N 67  
0TN C9    H4     sing N N 68  
0TN C11   H5     sing N N 69  
0TN C12   H6     sing N N 70  
0TN C14   H7     sing N N 71  
0TN C16   H8     sing N N 72  
0TN C17   H9     sing N N 73  
0TN C18   H10    sing N N 74  
0TN C20   H11    sing N N 75  
0TN C21   H12    sing N N 76  
0TN C23   H13    sing N N 77  
0TN C24   H14    sing N N 78  
0TN C27   H15    sing N N 79  
0TN C28   H16    sing N N 80  
0TN C30   H17    sing N N 81  
0TN C31   H18    sing N N 82  
0TN C33   H19    sing N N 83  
0TN C34   H20    sing N N 84  
0TN C37   H21    sing N N 85  
0TN C38   H22    sing N N 86  
0TN C41   H23    sing N N 87  
0TN C42   H24    sing N N 88  
0TN C43   H25    sing N N 89  
0TN C44   H26    sing N N 90  
DA  OP3   P      sing N N 91  
DA  OP3   HOP3   sing N N 92  
DA  P     OP1    doub N N 93  
DA  P     OP2    sing N N 94  
DA  P     "O5'"  sing N N 95  
DA  OP2   HOP2   sing N N 96  
DA  "O5'" "C5'"  sing N N 97  
DA  "C5'" "C4'"  sing N N 98  
DA  "C5'" "H5'"  sing N N 99  
DA  "C5'" "H5''" sing N N 100 
DA  "C4'" "O4'"  sing N N 101 
DA  "C4'" "C3'"  sing N N 102 
DA  "C4'" "H4'"  sing N N 103 
DA  "O4'" "C1'"  sing N N 104 
DA  "C3'" "O3'"  sing N N 105 
DA  "C3'" "C2'"  sing N N 106 
DA  "C3'" "H3'"  sing N N 107 
DA  "O3'" "HO3'" sing N N 108 
DA  "C2'" "C1'"  sing N N 109 
DA  "C2'" "H2'"  sing N N 110 
DA  "C2'" "H2''" sing N N 111 
DA  "C1'" N9     sing N N 112 
DA  "C1'" "H1'"  sing N N 113 
DA  N9    C8     sing Y N 114 
DA  N9    C4     sing Y N 115 
DA  C8    N7     doub Y N 116 
DA  C8    H8     sing N N 117 
DA  N7    C5     sing Y N 118 
DA  C5    C6     sing Y N 119 
DA  C5    C4     doub Y N 120 
DA  C6    N6     sing N N 121 
DA  C6    N1     doub Y N 122 
DA  N6    H61    sing N N 123 
DA  N6    H62    sing N N 124 
DA  N1    C2     sing Y N 125 
DA  C2    N3     doub Y N 126 
DA  C2    H2     sing N N 127 
DA  N3    C4     sing Y N 128 
DC  OP3   P      sing N N 129 
DC  OP3   HOP3   sing N N 130 
DC  P     OP1    doub N N 131 
DC  P     OP2    sing N N 132 
DC  P     "O5'"  sing N N 133 
DC  OP2   HOP2   sing N N 134 
DC  "O5'" "C5'"  sing N N 135 
DC  "C5'" "C4'"  sing N N 136 
DC  "C5'" "H5'"  sing N N 137 
DC  "C5'" "H5''" sing N N 138 
DC  "C4'" "O4'"  sing N N 139 
DC  "C4'" "C3'"  sing N N 140 
DC  "C4'" "H4'"  sing N N 141 
DC  "O4'" "C1'"  sing N N 142 
DC  "C3'" "O3'"  sing N N 143 
DC  "C3'" "C2'"  sing N N 144 
DC  "C3'" "H3'"  sing N N 145 
DC  "O3'" "HO3'" sing N N 146 
DC  "C2'" "C1'"  sing N N 147 
DC  "C2'" "H2'"  sing N N 148 
DC  "C2'" "H2''" sing N N 149 
DC  "C1'" N1     sing N N 150 
DC  "C1'" "H1'"  sing N N 151 
DC  N1    C2     sing N N 152 
DC  N1    C6     sing N N 153 
DC  C2    O2     doub N N 154 
DC  C2    N3     sing N N 155 
DC  N3    C4     doub N N 156 
DC  C4    N4     sing N N 157 
DC  C4    C5     sing N N 158 
DC  N4    H41    sing N N 159 
DC  N4    H42    sing N N 160 
DC  C5    C6     doub N N 161 
DC  C5    H5     sing N N 162 
DC  C6    H6     sing N N 163 
DG  OP3   P      sing N N 164 
DG  OP3   HOP3   sing N N 165 
DG  P     OP1    doub N N 166 
DG  P     OP2    sing N N 167 
DG  P     "O5'"  sing N N 168 
DG  OP2   HOP2   sing N N 169 
DG  "O5'" "C5'"  sing N N 170 
DG  "C5'" "C4'"  sing N N 171 
DG  "C5'" "H5'"  sing N N 172 
DG  "C5'" "H5''" sing N N 173 
DG  "C4'" "O4'"  sing N N 174 
DG  "C4'" "C3'"  sing N N 175 
DG  "C4'" "H4'"  sing N N 176 
DG  "O4'" "C1'"  sing N N 177 
DG  "C3'" "O3'"  sing N N 178 
DG  "C3'" "C2'"  sing N N 179 
DG  "C3'" "H3'"  sing N N 180 
DG  "O3'" "HO3'" sing N N 181 
DG  "C2'" "C1'"  sing N N 182 
DG  "C2'" "H2'"  sing N N 183 
DG  "C2'" "H2''" sing N N 184 
DG  "C1'" N9     sing N N 185 
DG  "C1'" "H1'"  sing N N 186 
DG  N9    C8     sing Y N 187 
DG  N9    C4     sing Y N 188 
DG  C8    N7     doub Y N 189 
DG  C8    H8     sing N N 190 
DG  N7    C5     sing Y N 191 
DG  C5    C6     sing N N 192 
DG  C5    C4     doub Y N 193 
DG  C6    O6     doub N N 194 
DG  C6    N1     sing N N 195 
DG  N1    C2     sing N N 196 
DG  N1    H1     sing N N 197 
DG  C2    N2     sing N N 198 
DG  C2    N3     doub N N 199 
DG  N2    H21    sing N N 200 
DG  N2    H22    sing N N 201 
DG  N3    C4     sing N N 202 
DT  OP3   P      sing N N 203 
DT  OP3   HOP3   sing N N 204 
DT  P     OP1    doub N N 205 
DT  P     OP2    sing N N 206 
DT  P     "O5'"  sing N N 207 
DT  OP2   HOP2   sing N N 208 
DT  "O5'" "C5'"  sing N N 209 
DT  "C5'" "C4'"  sing N N 210 
DT  "C5'" "H5'"  sing N N 211 
DT  "C5'" "H5''" sing N N 212 
DT  "C4'" "O4'"  sing N N 213 
DT  "C4'" "C3'"  sing N N 214 
DT  "C4'" "H4'"  sing N N 215 
DT  "O4'" "C1'"  sing N N 216 
DT  "C3'" "O3'"  sing N N 217 
DT  "C3'" "C2'"  sing N N 218 
DT  "C3'" "H3'"  sing N N 219 
DT  "O3'" "HO3'" sing N N 220 
DT  "C2'" "C1'"  sing N N 221 
DT  "C2'" "H2'"  sing N N 222 
DT  "C2'" "H2''" sing N N 223 
DT  "C1'" N1     sing N N 224 
DT  "C1'" "H1'"  sing N N 225 
DT  N1    C2     sing N N 226 
DT  N1    C6     sing N N 227 
DT  C2    O2     doub N N 228 
DT  C2    N3     sing N N 229 
DT  N3    C4     sing N N 230 
DT  N3    H3     sing N N 231 
DT  C4    O4     doub N N 232 
DT  C4    C5     sing N N 233 
DT  C5    C7     sing N N 234 
DT  C5    C6     doub N N 235 
DT  C7    H71    sing N N 236 
DT  C7    H72    sing N N 237 
DT  C7    H73    sing N N 238 
DT  C6    H6     sing N N 239 
HOH O     H1     sing N N 240 
HOH O     H2     sing N N 241 
RKP C1    N2     sing Y N 242 
RKP C1    C5     doub Y N 243 
RKP C1    C10    sing Y N 244 
RKP N1    C10    sing Y N 245 
RKP N1    C12    doub Y N 246 
RKP C2    N2     doub Y N 247 
RKP C2    C3     sing Y N 248 
RKP C3    C4     doub Y N 249 
RKP N3    C6     sing Y N 250 
RKP N3    C15    doub Y N 251 
RKP C4    C5     sing Y N 252 
RKP N4    C7     sing Y N 253 
RKP N4    C13    doub Y N 254 
RKP C5    C6     sing Y N 255 
RKP N5    C19    sing Y N 256 
RKP N5    C20    doub Y N 257 
RKP C6    C7     doub Y N 258 
RKP C7    C8     sing Y N 259 
RKP C8    C9     sing Y N 260 
RKP C8    C10    doub Y N 261 
RKP N8    C26    sing Y N 262 
RKP N8    C28    doub Y N 263 
RKP C9    C11    doub Y N 264 
RKP N9    C29    sing Y N 265 
RKP N9    C30    doub Y N 266 
RKP C11   C12    sing Y N 267 
RKP N12   C36    sing Y N 268 
RKP N12   C38    doub Y N 269 
RKP C13   C14    sing Y N 270 
RKP C13   C15    sing Y N 271 
RKP C14   C18    doub Y N 272 
RKP C15   C16    sing Y N 273 
RKP C16   C17    doub Y N 274 
RKP C17   C18    sing Y N 275 
RKP C19   C22    doub Y N 276 
RKP C19   C26    sing Y N 277 
RKP C20   C21    sing Y N 278 
RKP C21   C41    doub Y N 279 
RKP C22   C23    sing Y N 280 
RKP C22   C41    sing Y N 281 
RKP C23   C24    doub Y N 282 
RKP C24   C25    sing Y N 283 
RKP C25   C26    doub Y N 284 
RKP C25   C42    sing Y N 285 
RKP C27   C28    sing Y N 286 
RKP C27   C42    doub Y N 287 
RKP C29   C32    doub Y N 288 
RKP C29   C36    sing Y N 289 
RKP C30   C31    sing Y N 290 
RKP C31   C43    doub Y N 291 
RKP C32   C33    sing Y N 292 
RKP C32   C43    sing Y N 293 
RKP C33   C34    doub Y N 294 
RKP C34   C35    sing Y N 295 
RKP C35   C36    doub Y N 296 
RKP C35   C44    sing Y N 297 
RKP C37   C38    sing Y N 298 
RKP C37   C44    doub Y N 299 
RKP C2    H2     sing N N 300 
RKP C3    H3     sing N N 301 
RKP C4    H4     sing N N 302 
RKP C9    H9     sing N N 303 
RKP C11   H11    sing N N 304 
RKP C12   H12    sing N N 305 
RKP C14   H14    sing N N 306 
RKP C16   H16    sing N N 307 
RKP C17   H17    sing N N 308 
RKP C18   H18    sing N N 309 
RKP C20   H20    sing N N 310 
RKP C21   H21    sing N N 311 
RKP C23   H23    sing N N 312 
RKP C24   H24    sing N N 313 
RKP C27   H27    sing N N 314 
RKP C28   H28    sing N N 315 
RKP C30   H30    sing N N 316 
RKP C31   H31    sing N N 317 
RKP C33   H33    sing N N 318 
RKP C34   H34    sing N N 319 
RKP C37   H37    sing N N 320 
RKP C38   H38    sing N N 321 
RKP C41   H41    sing N N 322 
RKP C42   H42    sing N N 323 
RKP C43   H43    sing N N 324 
RKP C44   H44    sing N N 325 
RKP RU    N1     sing N N 326 
RKP RU    N2     sing N N 327 
RKP RU    N5     sing N N 328 
RKP RU    N8     sing N N 329 
RKP RU    N9     sing N N 330 
RKP RU    N12    sing N N 331 
# 
_ndb_struct_conf_na.entry_id   4JD8 
_ndb_struct_conf_na.feature    'b-form double helix' 
# 
loop_
_ndb_struct_na_base_pair.model_number 
_ndb_struct_na_base_pair.i_label_asym_id 
_ndb_struct_na_base_pair.i_label_comp_id 
_ndb_struct_na_base_pair.i_label_seq_id 
_ndb_struct_na_base_pair.i_symmetry 
_ndb_struct_na_base_pair.j_label_asym_id 
_ndb_struct_na_base_pair.j_label_comp_id 
_ndb_struct_na_base_pair.j_label_seq_id 
_ndb_struct_na_base_pair.j_symmetry 
_ndb_struct_na_base_pair.shear 
_ndb_struct_na_base_pair.stretch 
_ndb_struct_na_base_pair.stagger 
_ndb_struct_na_base_pair.buckle 
_ndb_struct_na_base_pair.propeller 
_ndb_struct_na_base_pair.opening 
_ndb_struct_na_base_pair.pair_number 
_ndb_struct_na_base_pair.pair_name 
_ndb_struct_na_base_pair.i_auth_asym_id 
_ndb_struct_na_base_pair.i_auth_seq_id 
_ndb_struct_na_base_pair.i_PDB_ins_code 
_ndb_struct_na_base_pair.j_auth_asym_id 
_ndb_struct_na_base_pair.j_auth_seq_id 
_ndb_struct_na_base_pair.j_PDB_ins_code 
_ndb_struct_na_base_pair.hbond_type_28 
_ndb_struct_na_base_pair.hbond_type_12 
1 A DA 1 1_555 B DT 6 1_555 0.109  -0.160 -0.010 -10.207 7.445  1.755  1 A_DA1:DT6_B A 1 ? B 6 ? 20 1 
1 A DT 2 1_555 B DA 5 1_555 -0.127 -0.120 -0.009 11.815  9.408  2.394  2 A_DT2:DA5_B A 2 ? B 5 ? 20 1 
1 A DG 3 1_555 B DC 4 1_555 -0.163 -0.108 -0.204 -1.886  10.615 0.747  3 A_DG3:DC4_B A 3 ? B 4 ? 19 1 
1 A DC 4 1_555 B DG 3 1_555 0.361  -0.149 -0.330 16.740  1.365  -0.624 4 A_DC4:DG3_B A 4 ? B 3 ? 19 1 
1 A DA 5 1_555 B DT 2 1_555 0.028  -0.108 0.038  -6.629  14.314 7.784  5 A_DA5:DT2_B A 5 ? B 2 ? 20 1 
1 A DT 6 1_555 B DA 1 1_555 0.033  -0.146 -0.085 9.947   7.483  2.259  6 A_DT6:DA1_B A 6 ? B 1 ? 20 1 
# 
loop_
_ndb_struct_na_base_pair_step.model_number 
_ndb_struct_na_base_pair_step.i_label_asym_id_1 
_ndb_struct_na_base_pair_step.i_label_comp_id_1 
_ndb_struct_na_base_pair_step.i_label_seq_id_1 
_ndb_struct_na_base_pair_step.i_symmetry_1 
_ndb_struct_na_base_pair_step.j_label_asym_id_1 
_ndb_struct_na_base_pair_step.j_label_comp_id_1 
_ndb_struct_na_base_pair_step.j_label_seq_id_1 
_ndb_struct_na_base_pair_step.j_symmetry_1 
_ndb_struct_na_base_pair_step.i_label_asym_id_2 
_ndb_struct_na_base_pair_step.i_label_comp_id_2 
_ndb_struct_na_base_pair_step.i_label_seq_id_2 
_ndb_struct_na_base_pair_step.i_symmetry_2 
_ndb_struct_na_base_pair_step.j_label_asym_id_2 
_ndb_struct_na_base_pair_step.j_label_comp_id_2 
_ndb_struct_na_base_pair_step.j_label_seq_id_2 
_ndb_struct_na_base_pair_step.j_symmetry_2 
_ndb_struct_na_base_pair_step.shift 
_ndb_struct_na_base_pair_step.slide 
_ndb_struct_na_base_pair_step.rise 
_ndb_struct_na_base_pair_step.tilt 
_ndb_struct_na_base_pair_step.roll 
_ndb_struct_na_base_pair_step.twist 
_ndb_struct_na_base_pair_step.x_displacement 
_ndb_struct_na_base_pair_step.y_displacement 
_ndb_struct_na_base_pair_step.helical_rise 
_ndb_struct_na_base_pair_step.inclination 
_ndb_struct_na_base_pair_step.tip 
_ndb_struct_na_base_pair_step.helical_twist 
_ndb_struct_na_base_pair_step.step_number 
_ndb_struct_na_base_pair_step.step_name 
_ndb_struct_na_base_pair_step.i_auth_asym_id_1 
_ndb_struct_na_base_pair_step.i_auth_seq_id_1 
_ndb_struct_na_base_pair_step.i_PDB_ins_code_1 
_ndb_struct_na_base_pair_step.j_auth_asym_id_1 
_ndb_struct_na_base_pair_step.j_auth_seq_id_1 
_ndb_struct_na_base_pair_step.j_PDB_ins_code_1 
_ndb_struct_na_base_pair_step.i_auth_asym_id_2 
_ndb_struct_na_base_pair_step.i_auth_seq_id_2 
_ndb_struct_na_base_pair_step.i_PDB_ins_code_2 
_ndb_struct_na_base_pair_step.j_auth_asym_id_2 
_ndb_struct_na_base_pair_step.j_auth_seq_id_2 
_ndb_struct_na_base_pair_step.j_PDB_ins_code_2 
1 A DA 1 1_555 B DT 6 1_555 A DT 2 1_555 B DA 5 1_555 0.841  -0.096 2.939 -0.746  5.093 26.161 -1.398 -1.998 2.844 11.116 1.627   
26.654 1 AA_DA1DT2:DA5DT6_BB A 1 ? B 6 ? A 2 ? B 5 ? 
1 A DT 2 1_555 B DA 5 1_555 A DG 3 1_555 B DC 4 1_555 0.089  1.866  6.876 9.373   1.741 30.259 2.735  3.507  6.698 3.235  -17.419 
31.692 2 AA_DT2DG3:DC4DA5_BB A 2 ? B 5 ? A 3 ? B 4 ? 
1 A DG 3 1_555 B DC 4 1_555 A DC 4 1_555 B DG 3 1_555 -0.345 -0.086 2.880 1.299   5.955 20.209 -2.414 1.416  2.714 16.493 -3.597  
21.099 3 AA_DG3DC4:DG3DC4_BB A 3 ? B 4 ? A 4 ? B 3 ? 
1 A DC 4 1_555 B DG 3 1_555 A DA 5 1_555 B DT 2 1_555 -1.698 1.875  6.734 -13.114 6.033 22.684 0.501  -4.034 6.942 13.699 29.780  
26.836 4 AA_DC4DA5:DT2DG3_BB A 4 ? B 3 ? A 5 ? B 2 ? 
1 A DA 5 1_555 B DT 2 1_555 A DT 6 1_555 B DA 1 1_555 -0.473 -0.217 3.017 1.408   4.475 16.797 -3.212 2.347  2.815 14.945 -4.703  
17.436 5 AA_DA5DT6:DA1DT2_BB A 5 ? B 2 ? A 6 ? B 1 ? 
# 
loop_
_pdbx_entity_nonpoly.entity_id 
_pdbx_entity_nonpoly.name 
_pdbx_entity_nonpoly.comp_id 
2 'Delta-Ru(phen)2(dppz) complex'  0TN 
3 'Lambda-Ru(phen)2(dppz) complex' RKP 
4 'POTASSIUM ION'                  K   
5 water                            HOH 
# 
_pdbx_initial_refinement_model.id               1 
_pdbx_initial_refinement_model.entity_id_list   ? 
_pdbx_initial_refinement_model.type             'experimental model' 
_pdbx_initial_refinement_model.source_name      PDB 
_pdbx_initial_refinement_model.accession_code   4E87 
_pdbx_initial_refinement_model.details          ? 
# 
